data_8DF2
#
_entry.id   8DF2
#
_cell.length_a   88.581
_cell.length_b   146.094
_cell.length_c   147.289
_cell.angle_alpha   90.000
_cell.angle_beta   90.000
_cell.angle_gamma   90.000
#
_symmetry.space_group_name_H-M   'P 21 21 21'
#
loop_
_entity.id
_entity.type
_entity.pdbx_description
1 polymer 'NPCBM/NEW2 domain-containing protein'
2 non-polymer 'ZINC ION'
3 non-polymer 'CALCIUM ION'
4 non-polymer 'SODIUM ION'
5 water water
#
_entity_poly.entity_id   1
_entity_poly.type   'polypeptide(L)'
_entity_poly.pdbx_seq_one_letter_code
;MDEESASRASVPASSDREGAEFTRLPVSWTVNPRDAANARAAWKTLSAYHRGKPKSSRKLHVVYVTFKDRPALEGYRERY
DHILKNIQAYYADQMQANGFPPLTFQLDLDERGKLVIHDAYVDKPMSEMSVQSSGPVSREAARKVLASKGIDIEKEHVLV
VCQLPDGVGPYYGGGFSHQGTGWTCDQEGLDPASFLDTEMMQGGRFKVTRGKNATIYIGGTAHELGHSFGLPHTGDGWNY
PDAGASLMGHGNSTYGDELRHEGKGAYLAPTDALKLASVPLFNGVETELPADASFGRMLGKYVPGSFERLEAIPVKDGLR
LKGRVHLTRPAYGIVAHLDPPGGSDYDSNAVGASLDEKGEFDLTICRPGYKGGFIEMRVAVLNCDSTRSMITLPVWMDAR
GTKAPSLAQIVYFGDVQNLWIRGRTEEARKALAEVERRHGSRSEVKEWLPVWKRALGRQEPALEVVPAQIPAATASISLN
DCKPSV
;
_entity_poly.pdbx_strand_id   A,B,C,D
#
# COMPACT_ATOMS: atom_id res chain seq x y z
N ALA A 20 -21.47 -31.43 -31.57
CA ALA A 20 -22.92 -31.52 -31.38
C ALA A 20 -23.27 -32.39 -30.17
N GLU A 21 -22.40 -33.36 -29.86
CA GLU A 21 -22.63 -34.24 -28.72
C GLU A 21 -22.61 -33.47 -27.40
N PHE A 22 -21.81 -32.41 -27.32
CA PHE A 22 -21.75 -31.57 -26.13
C PHE A 22 -22.35 -30.19 -26.37
N THR A 23 -23.21 -30.05 -27.38
CA THR A 23 -23.93 -28.81 -27.69
C THR A 23 -22.96 -27.64 -27.91
N ARG A 24 -22.08 -27.81 -28.91
CA ARG A 24 -21.11 -26.78 -29.23
C ARG A 24 -21.81 -25.46 -29.54
N LEU A 25 -21.35 -24.37 -28.93
CA LEU A 25 -21.95 -23.07 -29.13
C LEU A 25 -21.54 -22.49 -30.49
N PRO A 26 -22.39 -21.69 -31.10
CA PRO A 26 -21.99 -20.98 -32.32
C PRO A 26 -21.13 -19.77 -31.98
N VAL A 27 -20.61 -19.14 -33.03
CA VAL A 27 -19.92 -17.86 -32.91
C VAL A 27 -20.90 -16.79 -33.41
N SER A 28 -21.35 -15.93 -32.51
CA SER A 28 -22.43 -14.98 -32.80
C SER A 28 -21.94 -13.54 -32.91
N TRP A 29 -20.72 -13.34 -33.38
CA TRP A 29 -20.19 -11.99 -33.54
C TRP A 29 -19.05 -12.03 -34.55
N THR A 30 -18.69 -10.85 -35.04
CA THR A 30 -17.62 -10.68 -36.01
C THR A 30 -16.61 -9.68 -35.49
N VAL A 31 -15.33 -10.06 -35.53
CA VAL A 31 -14.29 -9.18 -35.00
C VAL A 31 -14.09 -8.00 -35.94
N ASN A 32 -13.78 -6.85 -35.36
CA ASN A 32 -13.44 -5.69 -36.19
C ASN A 32 -12.08 -5.94 -36.84
N PRO A 33 -11.89 -5.45 -38.07
CA PRO A 33 -10.64 -5.75 -38.80
C PRO A 33 -9.38 -5.30 -38.06
N ARG A 34 -9.43 -4.16 -37.37
CA ARG A 34 -8.25 -3.70 -36.66
C ARG A 34 -7.86 -4.67 -35.55
N ASP A 35 -8.85 -5.27 -34.88
CA ASP A 35 -8.54 -6.21 -33.81
C ASP A 35 -7.97 -7.51 -34.37
N ALA A 36 -8.48 -7.98 -35.51
CA ALA A 36 -7.90 -9.17 -36.11
C ALA A 36 -6.47 -8.92 -36.56
N ALA A 37 -6.19 -7.73 -37.10
CA ALA A 37 -4.83 -7.42 -37.48
C ALA A 37 -3.90 -7.37 -36.27
N ASN A 38 -4.38 -6.83 -35.14
CA ASN A 38 -3.59 -6.83 -33.92
C ASN A 38 -3.29 -8.25 -33.46
N ALA A 39 -4.28 -9.13 -33.54
CA ALA A 39 -4.06 -10.51 -33.12
C ALA A 39 -3.02 -11.20 -34.01
N ARG A 40 -3.08 -10.97 -35.33
CA ARG A 40 -2.10 -11.59 -36.22
C ARG A 40 -0.70 -11.04 -35.96
N ALA A 41 -0.59 -9.72 -35.77
CA ALA A 41 0.72 -9.15 -35.44
C ALA A 41 1.22 -9.66 -34.08
N ALA A 42 0.33 -9.73 -33.09
CA ALA A 42 0.72 -10.26 -31.79
C ALA A 42 1.12 -11.73 -31.89
N TRP A 43 0.41 -12.51 -32.71
CA TRP A 43 0.76 -13.93 -32.82
C TRP A 43 2.09 -14.11 -33.53
N LYS A 44 2.43 -13.24 -34.47
CA LYS A 44 3.76 -13.30 -35.09
C LYS A 44 4.85 -13.03 -34.07
N THR A 45 4.66 -12.02 -33.23
CA THR A 45 5.65 -11.73 -32.19
C THR A 45 5.77 -12.89 -31.21
N LEU A 46 4.65 -13.46 -30.79
CA LEU A 46 4.72 -14.58 -29.85
C LEU A 46 5.35 -15.82 -30.49
N SER A 47 5.06 -16.05 -31.78
CA SER A 47 5.64 -17.21 -32.45
C SER A 47 7.16 -17.10 -32.55
N ALA A 48 7.67 -15.88 -32.80
CA ALA A 48 9.12 -15.70 -32.81
C ALA A 48 9.71 -15.98 -31.44
N TYR A 49 9.05 -15.49 -30.38
CA TYR A 49 9.50 -15.76 -29.03
C TYR A 49 9.44 -17.25 -28.69
N HIS A 50 8.46 -17.97 -29.25
CA HIS A 50 8.29 -19.39 -28.95
C HIS A 50 9.29 -20.29 -29.68
N ARG A 51 10.01 -19.76 -30.67
CA ARG A 51 10.96 -20.58 -31.42
C ARG A 51 12.01 -21.15 -30.49
N GLY A 52 12.15 -22.48 -30.51
CA GLY A 52 13.14 -23.17 -29.72
C GLY A 52 12.76 -23.45 -28.28
N LYS A 53 11.58 -22.98 -27.83
CA LYS A 53 11.26 -23.24 -26.44
C LYS A 53 10.52 -24.58 -26.31
N PRO A 54 10.63 -25.24 -25.17
CA PRO A 54 9.97 -26.55 -25.01
C PRO A 54 8.45 -26.41 -25.13
N LYS A 55 7.84 -27.44 -25.70
CA LYS A 55 6.39 -27.49 -25.82
C LYS A 55 5.77 -27.87 -24.48
N SER A 56 4.54 -27.41 -24.27
CA SER A 56 3.81 -27.66 -23.03
C SER A 56 2.85 -28.83 -23.21
N SER A 57 2.74 -29.64 -22.17
CA SER A 57 1.75 -30.72 -22.10
C SER A 57 0.70 -30.43 -21.03
N ARG A 58 0.54 -29.16 -20.66
CA ARG A 58 -0.38 -28.78 -19.60
C ARG A 58 -1.81 -29.11 -19.98
N LYS A 59 -2.61 -29.40 -18.96
CA LYS A 59 -4.03 -29.66 -19.12
C LYS A 59 -4.78 -28.92 -18.01
N LEU A 60 -6.05 -28.67 -18.26
CA LEU A 60 -6.96 -28.17 -17.22
C LEU A 60 -7.54 -29.39 -16.51
N HIS A 61 -7.09 -29.64 -15.30
CA HIS A 61 -7.52 -30.83 -14.57
C HIS A 61 -8.83 -30.54 -13.84
N VAL A 62 -9.64 -31.58 -13.67
CA VAL A 62 -10.95 -31.45 -13.06
C VAL A 62 -11.01 -32.38 -11.85
N VAL A 63 -11.46 -31.83 -10.71
CA VAL A 63 -11.64 -32.58 -9.48
C VAL A 63 -13.10 -32.43 -9.04
N TYR A 64 -13.71 -33.53 -8.61
CA TYR A 64 -15.07 -33.55 -8.10
C TYR A 64 -15.01 -33.88 -6.62
N VAL A 65 -15.57 -33.00 -5.78
CA VAL A 65 -15.44 -33.08 -4.33
C VAL A 65 -16.78 -33.44 -3.72
N THR A 66 -16.82 -34.57 -3.02
CA THR A 66 -17.97 -34.99 -2.25
C THR A 66 -17.74 -34.70 -0.77
N PHE A 67 -18.82 -34.76 0.01
CA PHE A 67 -18.76 -34.50 1.44
C PHE A 67 -19.48 -35.63 2.15
N LYS A 68 -19.40 -35.61 3.48
CA LYS A 68 -19.85 -36.75 4.28
C LYS A 68 -21.31 -37.11 3.97
N ASP A 69 -22.20 -36.12 3.98
CA ASP A 69 -23.62 -36.32 3.64
C ASP A 69 -23.97 -35.84 2.25
N ARG A 70 -23.00 -35.81 1.34
CA ARG A 70 -23.18 -35.20 0.01
C ARG A 70 -22.56 -36.09 -1.06
N PRO A 71 -23.27 -37.14 -1.48
CA PRO A 71 -22.74 -38.01 -2.54
C PRO A 71 -22.84 -37.38 -3.92
N ALA A 72 -22.06 -37.95 -4.83
CA ALA A 72 -21.98 -37.43 -6.19
C ALA A 72 -23.34 -37.54 -6.89
N LEU A 73 -23.65 -36.54 -7.70
CA LEU A 73 -24.93 -36.51 -8.42
C LEU A 73 -24.85 -37.40 -9.66
N GLU A 74 -26.01 -37.89 -10.07
CA GLU A 74 -26.08 -38.86 -11.15
C GLU A 74 -25.47 -38.27 -12.43
N GLY A 75 -24.76 -39.12 -13.16
CA GLY A 75 -24.23 -38.71 -14.45
C GLY A 75 -23.19 -37.62 -14.43
N TYR A 76 -22.53 -37.37 -13.30
CA TYR A 76 -21.61 -36.25 -13.23
C TYR A 76 -20.41 -36.43 -14.16
N ARG A 77 -19.98 -37.66 -14.38
CA ARG A 77 -18.84 -37.88 -15.28
C ARG A 77 -19.20 -37.55 -16.73
N GLU A 78 -20.40 -37.94 -17.16
CA GLU A 78 -20.82 -37.61 -18.52
C GLU A 78 -21.18 -36.14 -18.64
N ARG A 79 -21.82 -35.57 -17.61
CA ARG A 79 -22.28 -34.20 -17.68
C ARG A 79 -21.12 -33.21 -17.71
N TYR A 80 -20.08 -33.44 -16.92
CA TYR A 80 -18.94 -32.54 -16.93
C TYR A 80 -17.97 -32.82 -18.08
N ASP A 81 -18.03 -34.01 -18.67
CA ASP A 81 -17.38 -34.21 -19.96
C ASP A 81 -18.00 -33.28 -21.01
N HIS A 82 -19.32 -33.09 -20.96
CA HIS A 82 -19.98 -32.17 -21.87
C HIS A 82 -19.66 -30.72 -21.52
N ILE A 83 -19.71 -30.38 -20.23
CA ILE A 83 -19.47 -29.00 -19.81
C ILE A 83 -18.06 -28.56 -20.18
N LEU A 84 -17.06 -29.37 -19.83
CA LEU A 84 -15.67 -28.97 -20.08
C LEU A 84 -15.37 -28.88 -21.57
N LYS A 85 -15.85 -29.85 -22.36
CA LYS A 85 -15.62 -29.79 -23.79
C LYS A 85 -16.38 -28.63 -24.41
N ASN A 86 -17.52 -28.25 -23.84
CA ASN A 86 -18.26 -27.10 -24.31
C ASN A 86 -17.48 -25.81 -24.07
N ILE A 87 -16.95 -25.65 -22.85
CA ILE A 87 -16.15 -24.45 -22.56
C ILE A 87 -14.85 -24.48 -23.36
N GLN A 88 -14.26 -25.67 -23.51
CA GLN A 88 -13.03 -25.79 -24.29
C GLN A 88 -13.23 -25.36 -25.73
N ALA A 89 -14.29 -25.85 -26.38
CA ALA A 89 -14.57 -25.49 -27.76
C ALA A 89 -14.90 -24.01 -27.88
N TYR A 90 -15.61 -23.46 -26.90
CA TYR A 90 -15.94 -22.03 -26.91
C TYR A 90 -14.68 -21.18 -26.97
N TYR A 91 -13.75 -21.42 -26.05
CA TYR A 91 -12.51 -20.66 -26.05
C TYR A 91 -11.74 -20.84 -27.36
N ALA A 92 -11.72 -22.07 -27.88
CA ALA A 92 -11.06 -22.30 -29.17
C ALA A 92 -11.74 -21.51 -30.29
N ASP A 93 -13.08 -21.58 -30.35
CA ASP A 93 -13.80 -20.87 -31.40
C ASP A 93 -13.68 -19.35 -31.23
N GLN A 94 -13.67 -18.88 -29.98
CA GLN A 94 -13.61 -17.43 -29.77
C GLN A 94 -12.22 -16.88 -30.07
N MET A 95 -11.16 -17.62 -29.69
CA MET A 95 -9.80 -17.19 -30.03
C MET A 95 -9.63 -17.10 -31.55
N GLN A 96 -10.19 -18.07 -32.29
CA GLN A 96 -10.10 -18.03 -33.75
C GLN A 96 -10.90 -16.86 -34.32
N ALA A 97 -12.08 -16.61 -33.77
CA ALA A 97 -12.87 -15.46 -34.22
C ALA A 97 -12.11 -14.15 -34.01
N ASN A 98 -11.22 -14.11 -33.03
CA ASN A 98 -10.45 -12.90 -32.78
C ASN A 98 -9.27 -12.74 -33.74
N GLY A 99 -8.89 -13.78 -34.46
CA GLY A 99 -7.76 -13.68 -35.37
C GLY A 99 -6.56 -14.52 -35.00
N PHE A 100 -6.60 -15.19 -33.86
CA PHE A 100 -5.57 -16.13 -33.42
C PHE A 100 -5.86 -17.50 -34.00
N PRO A 101 -4.94 -18.45 -33.85
CA PRO A 101 -5.32 -19.85 -34.05
C PRO A 101 -6.39 -20.25 -33.05
N PRO A 102 -7.07 -21.40 -33.25
CA PRO A 102 -8.08 -21.81 -32.27
C PRO A 102 -7.46 -22.29 -30.97
N LEU A 103 -6.80 -21.37 -30.25
CA LEU A 103 -6.12 -21.75 -29.02
C LEU A 103 -7.11 -22.00 -27.90
N THR A 104 -6.85 -23.04 -27.12
CA THR A 104 -7.67 -23.37 -25.96
C THR A 104 -6.88 -24.30 -25.06
N PHE A 105 -7.44 -24.59 -23.89
CA PHE A 105 -6.81 -25.53 -22.96
C PHE A 105 -7.10 -26.96 -23.38
N GLN A 106 -6.12 -27.84 -23.14
CA GLN A 106 -6.28 -29.26 -23.39
C GLN A 106 -6.88 -29.95 -22.17
N LEU A 107 -7.59 -31.05 -22.42
CA LEU A 107 -8.20 -31.85 -21.37
C LEU A 107 -7.50 -33.19 -21.26
N ASP A 108 -7.57 -33.76 -20.06
CA ASP A 108 -7.05 -35.10 -19.79
C ASP A 108 -8.15 -36.09 -20.12
N LEU A 109 -7.94 -36.89 -21.17
CA LEU A 109 -8.96 -37.79 -21.67
C LEU A 109 -8.52 -39.24 -21.50
N ASP A 110 -9.48 -40.12 -21.23
CA ASP A 110 -9.20 -41.54 -21.05
C ASP A 110 -9.16 -42.24 -22.41
N GLU A 111 -9.07 -43.57 -22.42
CA GLU A 111 -8.94 -44.33 -23.66
C GLU A 111 -10.17 -44.18 -24.55
N ARG A 112 -11.34 -43.93 -23.96
CA ARG A 112 -12.57 -43.72 -24.70
C ARG A 112 -12.75 -42.27 -25.13
N GLY A 113 -11.75 -41.42 -24.89
CA GLY A 113 -11.86 -40.02 -25.25
C GLY A 113 -12.73 -39.21 -24.33
N LYS A 114 -13.05 -39.73 -23.14
CA LYS A 114 -13.89 -39.04 -22.17
C LYS A 114 -13.04 -38.35 -21.12
N LEU A 115 -13.59 -37.28 -20.56
CA LEU A 115 -12.87 -36.47 -19.58
C LEU A 115 -12.53 -37.27 -18.31
N VAL A 116 -11.28 -37.17 -17.88
CA VAL A 116 -10.86 -37.76 -16.61
C VAL A 116 -11.25 -36.82 -15.48
N ILE A 117 -11.94 -37.36 -14.47
CA ILE A 117 -12.39 -36.59 -13.32
C ILE A 117 -11.88 -37.27 -12.07
N HIS A 118 -11.04 -36.57 -11.31
CA HIS A 118 -10.53 -37.06 -10.04
C HIS A 118 -11.59 -36.86 -8.96
N ASP A 119 -11.83 -37.91 -8.17
CA ASP A 119 -12.80 -37.84 -7.09
C ASP A 119 -12.08 -37.52 -5.79
N ALA A 120 -12.57 -36.50 -5.09
CA ALA A 120 -11.99 -36.11 -3.82
C ALA A 120 -13.09 -36.05 -2.78
N TYR A 121 -12.76 -36.40 -1.55
CA TYR A 121 -13.75 -36.49 -0.48
C TYR A 121 -13.31 -35.67 0.73
N VAL A 122 -14.25 -34.93 1.30
CA VAL A 122 -14.03 -34.15 2.51
C VAL A 122 -14.88 -34.77 3.61
N ASP A 123 -14.23 -35.25 4.67
CA ASP A 123 -14.90 -35.96 5.76
C ASP A 123 -15.56 -35.00 6.74
N LYS A 124 -16.46 -34.18 6.21
CA LYS A 124 -17.20 -33.20 6.97
C LYS A 124 -18.61 -33.13 6.41
N PRO A 125 -19.63 -33.05 7.26
CA PRO A 125 -20.99 -32.85 6.77
C PRO A 125 -21.16 -31.44 6.20
N MET A 126 -22.21 -31.28 5.40
CA MET A 126 -22.48 -29.98 4.79
C MET A 126 -22.72 -28.91 5.83
N SER A 127 -23.27 -29.28 7.00
CA SER A 127 -23.48 -28.33 8.08
C SER A 127 -22.16 -27.83 8.66
N GLU A 128 -21.06 -28.56 8.47
CA GLU A 128 -19.75 -28.14 8.96
C GLU A 128 -19.01 -27.24 7.97
N MET A 129 -19.68 -26.81 6.90
CA MET A 129 -19.08 -26.01 5.84
C MET A 129 -19.62 -24.59 5.86
N SER A 130 -18.96 -23.72 5.10
CA SER A 130 -19.40 -22.34 4.94
C SER A 130 -18.86 -21.84 3.62
N VAL A 131 -19.42 -20.72 3.16
CA VAL A 131 -18.94 -20.13 1.91
C VAL A 131 -17.49 -19.65 2.05
N GLN A 132 -17.03 -19.39 3.28
CA GLN A 132 -15.66 -18.92 3.49
C GLN A 132 -14.67 -20.07 3.49
N SER A 133 -15.06 -21.25 3.99
CA SER A 133 -14.15 -22.37 4.11
C SER A 133 -14.32 -23.40 3.00
N SER A 134 -15.42 -23.36 2.24
CA SER A 134 -15.65 -24.36 1.20
C SER A 134 -14.55 -24.32 0.13
N GLY A 135 -14.11 -23.13 -0.23
CA GLY A 135 -13.02 -22.94 -1.17
C GLY A 135 -11.72 -23.56 -0.71
N PRO A 136 -11.19 -23.11 0.44
CA PRO A 136 -9.91 -23.67 0.90
C PRO A 136 -9.98 -25.15 1.23
N VAL A 137 -11.09 -25.63 1.80
CA VAL A 137 -11.18 -27.04 2.18
C VAL A 137 -11.25 -27.92 0.94
N SER A 138 -12.09 -27.56 -0.03
CA SER A 138 -12.17 -28.37 -1.24
C SER A 138 -10.87 -28.29 -2.03
N ARG A 139 -10.17 -27.15 -1.98
CA ARG A 139 -8.88 -27.06 -2.67
C ARG A 139 -7.86 -27.98 -2.04
N GLU A 140 -7.84 -28.07 -0.70
CA GLU A 140 -6.91 -28.99 -0.04
C GLU A 140 -7.22 -30.44 -0.41
N ALA A 141 -8.51 -30.80 -0.44
CA ALA A 141 -8.89 -32.14 -0.86
C ALA A 141 -8.51 -32.41 -2.31
N ALA A 142 -8.61 -31.39 -3.17
CA ALA A 142 -8.19 -31.55 -4.55
C ALA A 142 -6.67 -31.73 -4.65
N ARG A 143 -5.91 -31.07 -3.78
CA ARG A 143 -4.45 -31.22 -3.81
C ARG A 143 -4.04 -32.66 -3.52
N LYS A 144 -4.69 -33.30 -2.54
CA LYS A 144 -4.29 -34.65 -2.15
C LYS A 144 -4.56 -35.66 -3.25
N VAL A 145 -5.75 -35.60 -3.86
CA VAL A 145 -6.08 -36.57 -4.89
C VAL A 145 -5.23 -36.33 -6.13
N LEU A 146 -4.98 -35.05 -6.46
CA LEU A 146 -4.14 -34.77 -7.61
C LEU A 146 -2.69 -35.20 -7.36
N ALA A 147 -2.19 -34.99 -6.15
CA ALA A 147 -0.83 -35.44 -5.83
C ALA A 147 -0.70 -36.95 -5.92
N SER A 148 -1.77 -37.70 -5.58
CA SER A 148 -1.71 -39.15 -5.69
C SER A 148 -1.47 -39.59 -7.14
N LYS A 149 -1.82 -38.74 -8.11
CA LYS A 149 -1.57 -39.02 -9.52
C LYS A 149 -0.41 -38.20 -10.07
N GLY A 150 0.41 -37.64 -9.19
CA GLY A 150 1.60 -36.92 -9.62
C GLY A 150 1.34 -35.55 -10.19
N ILE A 151 0.19 -34.95 -9.92
CA ILE A 151 -0.20 -33.65 -10.44
C ILE A 151 -0.17 -32.66 -9.27
N ASP A 152 0.67 -31.63 -9.38
CA ASP A 152 0.83 -30.62 -8.34
C ASP A 152 -0.13 -29.46 -8.59
N ILE A 153 -1.09 -29.28 -7.67
CA ILE A 153 -2.06 -28.21 -7.82
C ILE A 153 -1.41 -26.83 -7.77
N GLU A 154 -0.20 -26.73 -7.21
CA GLU A 154 0.45 -25.43 -7.09
C GLU A 154 1.07 -24.93 -8.39
N LYS A 155 1.10 -25.75 -9.44
CA LYS A 155 1.71 -25.35 -10.71
C LYS A 155 0.83 -25.71 -11.92
N GLU A 156 -0.47 -25.91 -11.71
CA GLU A 156 -1.38 -26.30 -12.77
C GLU A 156 -2.66 -25.48 -12.71
N HIS A 157 -3.45 -25.58 -13.77
CA HIS A 157 -4.80 -25.03 -13.78
C HIS A 157 -5.79 -26.15 -13.51
N VAL A 158 -6.69 -25.93 -12.56
CA VAL A 158 -7.61 -26.95 -12.07
C VAL A 158 -9.01 -26.36 -11.94
N LEU A 159 -10.02 -27.17 -12.22
CA LEU A 159 -11.40 -26.83 -11.91
C LEU A 159 -11.87 -27.76 -10.79
N VAL A 160 -12.27 -27.16 -9.68
CA VAL A 160 -12.72 -27.90 -8.50
C VAL A 160 -14.24 -27.82 -8.46
N VAL A 161 -14.91 -28.96 -8.66
CA VAL A 161 -16.37 -29.03 -8.63
C VAL A 161 -16.81 -29.59 -7.28
N CYS A 162 -17.65 -28.84 -6.58
CA CYS A 162 -18.11 -29.21 -5.25
C CYS A 162 -19.55 -29.70 -5.30
N GLN A 163 -19.83 -30.79 -4.59
CA GLN A 163 -21.20 -31.27 -4.42
C GLN A 163 -21.80 -30.55 -3.22
N LEU A 164 -22.05 -29.26 -3.42
CA LEU A 164 -22.56 -28.37 -2.39
C LEU A 164 -23.64 -27.50 -2.99
N PRO A 165 -24.64 -27.09 -2.20
CA PRO A 165 -25.71 -26.27 -2.73
C PRO A 165 -25.35 -24.78 -2.68
N ASP A 166 -26.20 -23.98 -3.32
CA ASP A 166 -26.00 -22.54 -3.33
C ASP A 166 -26.07 -21.98 -1.92
N GLY A 167 -25.17 -21.06 -1.61
CA GLY A 167 -25.09 -20.49 -0.28
C GLY A 167 -24.10 -21.16 0.63
N VAL A 168 -23.56 -22.31 0.23
CA VAL A 168 -22.56 -23.00 1.03
C VAL A 168 -21.35 -23.24 0.14
N GLY A 169 -21.61 -23.63 -1.10
CA GLY A 169 -20.56 -23.99 -2.02
C GLY A 169 -19.87 -22.79 -2.64
N PRO A 170 -18.68 -23.00 -3.20
CA PRO A 170 -17.92 -21.88 -3.76
C PRO A 170 -18.11 -21.68 -5.26
N TYR A 171 -18.25 -20.43 -5.68
CA TYR A 171 -18.22 -20.03 -7.09
C TYR A 171 -17.21 -18.89 -7.19
N TYR A 172 -15.99 -19.23 -7.59
CA TYR A 172 -14.90 -18.27 -7.59
C TYR A 172 -13.85 -18.74 -8.57
N GLY A 173 -13.11 -17.77 -9.10
CA GLY A 173 -11.99 -18.06 -9.98
C GLY A 173 -10.85 -17.10 -9.69
N GLY A 174 -9.62 -17.62 -9.65
CA GLY A 174 -8.43 -16.81 -9.43
C GLY A 174 -7.16 -17.52 -9.84
N GLY A 175 -6.28 -16.83 -10.55
CA GLY A 175 -5.04 -17.43 -10.96
C GLY A 175 -4.27 -16.50 -11.88
N PHE A 176 -3.28 -17.07 -12.54
CA PHE A 176 -2.47 -16.32 -13.47
C PHE A 176 -2.04 -17.28 -14.59
N SER A 177 -1.04 -16.86 -15.37
CA SER A 177 -0.73 -17.55 -16.62
C SER A 177 -0.22 -18.97 -16.40
N HIS A 178 0.46 -19.23 -15.28
CA HIS A 178 1.11 -20.52 -15.06
C HIS A 178 0.48 -21.34 -13.95
N GLN A 179 -0.61 -20.86 -13.34
CA GLN A 179 -1.34 -21.59 -12.30
C GLN A 179 -2.67 -20.90 -12.07
N GLY A 180 -3.70 -21.68 -11.80
CA GLY A 180 -5.00 -21.13 -11.47
C GLY A 180 -5.95 -22.20 -10.97
N THR A 181 -6.97 -21.75 -10.25
CA THR A 181 -8.01 -22.65 -9.75
C THR A 181 -9.36 -21.99 -9.93
N GLY A 182 -10.31 -22.74 -10.48
CA GLY A 182 -11.70 -22.31 -10.57
C GLY A 182 -12.55 -23.19 -9.67
N TRP A 183 -13.53 -22.58 -9.02
CA TRP A 183 -14.45 -23.30 -8.14
C TRP A 183 -15.87 -23.16 -8.67
N THR A 184 -16.61 -24.27 -8.62
CA THR A 184 -18.01 -24.27 -8.99
C THR A 184 -18.72 -25.37 -8.20
N CYS A 185 -20.04 -25.38 -8.31
CA CYS A 185 -20.86 -26.40 -7.66
C CYS A 185 -21.70 -27.11 -8.71
N ASP A 186 -21.83 -28.42 -8.54
CA ASP A 186 -22.66 -29.21 -9.42
C ASP A 186 -24.13 -29.14 -9.00
N GLN A 187 -25.01 -29.26 -9.99
CA GLN A 187 -26.45 -29.31 -9.78
C GLN A 187 -27.04 -30.45 -10.58
N GLU A 188 -28.16 -31.01 -10.11
CA GLU A 188 -28.78 -32.14 -10.78
C GLU A 188 -29.10 -31.81 -12.23
N GLY A 189 -28.67 -32.69 -13.13
CA GLY A 189 -28.98 -32.52 -14.54
C GLY A 189 -28.28 -31.38 -15.24
N LEU A 190 -27.28 -30.76 -14.61
CA LEU A 190 -26.56 -29.66 -15.23
C LEU A 190 -25.79 -30.16 -16.44
N ASP A 191 -26.11 -29.64 -17.63
CA ASP A 191 -25.52 -30.11 -18.87
C ASP A 191 -25.68 -29.00 -19.90
N PRO A 192 -24.71 -28.79 -20.79
CA PRO A 192 -24.87 -27.76 -21.82
C PRO A 192 -26.04 -28.02 -22.76
N ALA A 193 -26.53 -29.27 -22.84
CA ALA A 193 -27.71 -29.54 -23.65
C ALA A 193 -28.91 -28.73 -23.17
N SER A 194 -28.94 -28.34 -21.90
CA SER A 194 -30.04 -27.55 -21.38
C SER A 194 -30.10 -26.14 -21.97
N PHE A 195 -29.08 -25.73 -22.74
CA PHE A 195 -29.10 -24.40 -23.35
C PHE A 195 -30.32 -24.22 -24.24
N LEU A 196 -30.85 -25.31 -24.81
CA LEU A 196 -32.01 -25.26 -25.68
C LEU A 196 -33.34 -25.30 -24.93
N ASP A 197 -33.32 -25.77 -23.68
CA ASP A 197 -34.55 -26.01 -22.93
C ASP A 197 -35.24 -24.70 -22.55
N THR A 198 -36.47 -24.51 -23.02
CA THR A 198 -37.25 -23.32 -22.70
C THR A 198 -38.28 -23.57 -21.60
N GLU A 199 -38.27 -24.75 -20.99
CA GLU A 199 -39.20 -25.01 -19.90
C GLU A 199 -38.77 -24.25 -18.64
N MET A 200 -39.75 -23.94 -17.79
CA MET A 200 -39.47 -23.22 -16.56
C MET A 200 -38.92 -24.16 -15.50
N MET A 201 -38.26 -23.59 -14.51
CA MET A 201 -37.65 -24.38 -13.43
C MET A 201 -38.57 -24.48 -12.21
N VAL A 208 -37.12 -18.03 -13.95
CA VAL A 208 -35.93 -18.56 -14.60
C VAL A 208 -36.18 -19.92 -15.27
N THR A 209 -36.05 -19.95 -16.61
CA THR A 209 -36.16 -21.18 -17.38
C THR A 209 -35.00 -22.12 -17.05
N ARG A 210 -34.97 -23.27 -17.74
CA ARG A 210 -33.91 -24.23 -17.50
C ARG A 210 -32.72 -24.00 -18.42
N GLY A 211 -32.95 -23.32 -19.56
CA GLY A 211 -31.84 -22.87 -20.36
C GLY A 211 -31.09 -21.72 -19.72
N LYS A 212 -31.82 -20.77 -19.13
CA LYS A 212 -31.17 -19.65 -18.45
C LYS A 212 -30.38 -20.13 -17.24
N ASN A 213 -30.90 -21.13 -16.54
CA ASN A 213 -30.19 -21.67 -15.38
C ASN A 213 -28.87 -22.29 -15.81
N ALA A 214 -28.87 -23.08 -16.87
CA ALA A 214 -27.61 -23.67 -17.34
C ALA A 214 -26.68 -22.59 -17.86
N THR A 215 -27.23 -21.57 -18.53
CA THR A 215 -26.42 -20.45 -18.98
C THR A 215 -25.73 -19.77 -17.81
N ILE A 216 -26.44 -19.60 -16.69
CA ILE A 216 -25.87 -18.90 -15.53
C ILE A 216 -24.71 -19.69 -14.94
N TYR A 217 -24.88 -21.01 -14.78
CA TYR A 217 -23.89 -21.81 -14.08
C TYR A 217 -22.70 -22.21 -14.97
N ILE A 218 -22.98 -22.64 -16.20
CA ILE A 218 -21.89 -22.98 -17.12
C ILE A 218 -21.20 -21.71 -17.61
N GLY A 219 -21.95 -20.62 -17.78
CA GLY A 219 -21.31 -19.35 -18.10
C GLY A 219 -20.46 -18.83 -16.97
N GLY A 220 -20.92 -19.02 -15.72
CA GLY A 220 -20.11 -18.65 -14.58
C GLY A 220 -18.79 -19.41 -14.53
N THR A 221 -18.84 -20.71 -14.87
CA THR A 221 -17.61 -21.50 -14.91
C THR A 221 -16.67 -21.01 -16.01
N ALA A 222 -17.20 -20.73 -17.20
CA ALA A 222 -16.36 -20.18 -18.27
C ALA A 222 -15.76 -18.83 -17.86
N HIS A 223 -16.55 -17.99 -17.19
CA HIS A 223 -16.07 -16.69 -16.73
C HIS A 223 -15.02 -16.85 -15.63
N GLU A 224 -15.32 -17.66 -14.60
CA GLU A 224 -14.39 -17.86 -13.51
C GLU A 224 -13.13 -18.58 -13.97
N LEU A 225 -13.25 -19.44 -14.99
CA LEU A 225 -12.05 -20.02 -15.57
C LEU A 225 -11.18 -18.95 -16.19
N GLY A 226 -11.80 -17.92 -16.78
CA GLY A 226 -11.04 -16.80 -17.27
C GLY A 226 -10.23 -16.11 -16.18
N HIS A 227 -10.83 -15.96 -14.99
CA HIS A 227 -10.09 -15.40 -13.87
C HIS A 227 -8.88 -16.27 -13.53
N SER A 228 -9.06 -17.59 -13.55
CA SER A 228 -7.97 -18.51 -13.24
C SER A 228 -6.83 -18.41 -14.24
N PHE A 229 -7.12 -17.97 -15.47
CA PHE A 229 -6.07 -17.74 -16.46
C PHE A 229 -5.39 -16.39 -16.30
N GLY A 230 -5.83 -15.57 -15.35
CA GLY A 230 -5.24 -14.27 -15.11
C GLY A 230 -6.00 -13.08 -15.63
N LEU A 231 -7.27 -13.27 -16.08
CA LEU A 231 -8.04 -12.17 -16.67
C LEU A 231 -8.81 -11.40 -15.60
N PRO A 232 -8.75 -10.07 -15.61
CA PRO A 232 -9.65 -9.29 -14.76
C PRO A 232 -11.00 -9.14 -15.43
N HIS A 233 -11.78 -8.15 -15.03
CA HIS A 233 -13.06 -7.89 -15.66
C HIS A 233 -12.86 -6.94 -16.82
N THR A 234 -13.58 -7.20 -17.91
CA THR A 234 -13.65 -6.28 -19.04
C THR A 234 -15.11 -6.25 -19.48
N GLY A 235 -15.77 -5.12 -19.26
CA GLY A 235 -17.14 -4.97 -19.66
C GLY A 235 -17.26 -4.65 -21.13
N ASP A 236 -18.48 -4.26 -21.51
CA ASP A 236 -18.80 -4.03 -22.91
C ASP A 236 -18.36 -2.64 -23.35
N GLY A 237 -18.12 -2.50 -24.66
CA GLY A 237 -17.60 -1.26 -25.21
C GLY A 237 -18.30 -0.87 -26.49
N TRP A 238 -18.16 0.43 -26.82
CA TRP A 238 -18.83 1.00 -27.99
C TRP A 238 -18.42 0.30 -29.29
N ASN A 239 -17.20 -0.22 -29.37
CA ASN A 239 -16.71 -0.86 -30.58
C ASN A 239 -17.36 -2.22 -30.84
N TYR A 240 -18.15 -2.74 -29.91
CA TYR A 240 -18.81 -4.04 -30.08
C TYR A 240 -20.23 -3.97 -29.54
N PRO A 241 -21.13 -3.26 -30.23
CA PRO A 241 -22.51 -3.13 -29.73
C PRO A 241 -23.40 -4.29 -30.09
N ASP A 242 -23.03 -5.10 -31.09
CA ASP A 242 -23.87 -6.17 -31.60
C ASP A 242 -23.15 -7.51 -31.50
N ALA A 243 -22.36 -7.69 -30.44
CA ALA A 243 -21.57 -8.90 -30.30
C ALA A 243 -22.00 -9.75 -29.12
N GLY A 244 -23.07 -9.38 -28.43
CA GLY A 244 -23.37 -10.01 -27.16
C GLY A 244 -22.64 -9.29 -26.04
N ALA A 245 -22.58 -9.95 -24.89
CA ALA A 245 -21.91 -9.41 -23.71
C ALA A 245 -20.51 -9.99 -23.59
N SER A 246 -19.54 -9.13 -23.29
CA SER A 246 -18.17 -9.58 -23.05
C SER A 246 -18.15 -10.63 -21.95
N LEU A 247 -17.49 -11.77 -22.23
CA LEU A 247 -17.49 -12.90 -21.29
C LEU A 247 -16.98 -12.48 -19.92
N MET A 248 -15.87 -11.75 -19.89
CA MET A 248 -15.28 -11.31 -18.64
C MET A 248 -15.95 -10.05 -18.06
N GLY A 249 -17.08 -9.63 -18.61
CA GLY A 249 -17.87 -8.59 -17.99
C GLY A 249 -19.03 -9.21 -17.24
N HIS A 250 -20.22 -9.20 -17.85
CA HIS A 250 -21.35 -9.93 -17.32
C HIS A 250 -21.84 -11.00 -18.30
N GLY A 251 -20.97 -11.39 -19.23
CA GLY A 251 -21.25 -12.46 -20.16
C GLY A 251 -21.43 -13.81 -19.52
N ASN A 252 -21.07 -13.95 -18.24
CA ASN A 252 -21.41 -15.18 -17.54
C ASN A 252 -22.91 -15.42 -17.47
N SER A 253 -23.72 -14.35 -17.57
CA SER A 253 -25.18 -14.47 -17.53
C SER A 253 -25.81 -14.59 -18.91
N THR A 254 -25.03 -14.49 -19.99
CA THR A 254 -25.56 -14.66 -21.35
C THR A 254 -24.87 -15.79 -22.12
N TYR A 255 -23.93 -16.49 -21.50
CA TYR A 255 -23.19 -17.55 -22.18
C TYR A 255 -24.13 -18.62 -22.73
N GLY A 256 -24.12 -18.80 -24.05
CA GLY A 256 -24.95 -19.80 -24.69
C GLY A 256 -26.43 -19.46 -24.79
N ASP A 257 -26.82 -18.23 -24.43
CA ASP A 257 -28.23 -17.86 -24.49
C ASP A 257 -28.72 -17.62 -25.90
N GLU A 258 -27.82 -17.54 -26.89
CA GLU A 258 -28.25 -17.41 -28.27
C GLU A 258 -28.94 -18.67 -28.79
N LEU A 259 -28.76 -19.81 -28.13
CA LEU A 259 -29.38 -21.04 -28.57
C LEU A 259 -30.87 -21.11 -28.24
N ARG A 260 -31.41 -20.12 -27.53
CA ARG A 260 -32.84 -20.05 -27.28
C ARG A 260 -33.31 -18.61 -27.39
N HIS A 261 -34.63 -18.44 -27.45
CA HIS A 261 -35.27 -17.13 -27.38
C HIS A 261 -34.71 -16.23 -28.48
N GLU A 262 -34.06 -15.15 -28.08
CA GLU A 262 -33.48 -14.21 -29.03
C GLU A 262 -32.36 -13.41 -28.36
N GLY A 263 -31.31 -14.10 -27.90
CA GLY A 263 -30.22 -13.46 -27.22
C GLY A 263 -28.92 -13.49 -28.02
N LYS A 264 -27.97 -12.71 -27.55
CA LYS A 264 -26.77 -12.44 -28.31
C LYS A 264 -25.57 -13.21 -27.81
N GLY A 265 -25.70 -13.97 -26.72
CA GLY A 265 -24.62 -14.80 -26.26
C GLY A 265 -23.51 -14.01 -25.56
N ALA A 266 -22.38 -14.68 -25.41
CA ALA A 266 -21.19 -14.11 -24.79
C ALA A 266 -20.02 -14.26 -25.75
N TYR A 267 -19.28 -13.17 -25.93
CA TYR A 267 -18.12 -13.18 -26.80
C TYR A 267 -16.87 -12.88 -25.99
N LEU A 268 -15.74 -13.42 -26.44
CA LEU A 268 -14.47 -13.20 -25.80
C LEU A 268 -13.86 -11.91 -26.33
N ALA A 269 -13.69 -10.93 -25.45
CA ALA A 269 -13.22 -9.62 -25.86
C ALA A 269 -11.84 -9.71 -26.50
N PRO A 270 -11.57 -8.94 -27.55
CA PRO A 270 -10.23 -8.96 -28.18
C PRO A 270 -9.08 -8.74 -27.20
N THR A 271 -9.27 -7.89 -26.19
CA THR A 271 -8.20 -7.65 -25.22
C THR A 271 -7.93 -8.86 -24.36
N ASP A 272 -8.97 -9.64 -24.05
CA ASP A 272 -8.78 -10.87 -23.29
C ASP A 272 -8.08 -11.92 -24.13
N ALA A 273 -8.43 -11.99 -25.42
CA ALA A 273 -7.74 -12.91 -26.32
C ALA A 273 -6.26 -12.58 -26.45
N LEU A 274 -5.92 -11.28 -26.45
CA LEU A 274 -4.52 -10.86 -26.47
C LEU A 274 -3.78 -11.37 -25.24
N LYS A 275 -4.40 -11.29 -24.07
CA LYS A 275 -3.76 -11.75 -22.85
C LYS A 275 -3.60 -13.27 -22.84
N LEU A 276 -4.62 -14.00 -23.30
CA LEU A 276 -4.58 -15.46 -23.25
C LEU A 276 -3.55 -16.05 -24.23
N ALA A 277 -3.19 -15.31 -25.28
CA ALA A 277 -2.27 -15.86 -26.28
C ALA A 277 -0.89 -16.17 -25.69
N SER A 278 -0.51 -15.52 -24.59
CA SER A 278 0.77 -15.78 -23.96
C SER A 278 0.67 -16.76 -22.78
N VAL A 279 -0.48 -17.41 -22.61
CA VAL A 279 -0.67 -18.37 -21.54
C VAL A 279 -0.24 -19.74 -22.06
N PRO A 280 0.69 -20.43 -21.38
CA PRO A 280 1.14 -21.73 -21.89
C PRO A 280 0.02 -22.74 -22.07
N LEU A 281 -0.96 -22.73 -21.16
CA LEU A 281 -2.09 -23.65 -21.27
C LEU A 281 -2.84 -23.47 -22.59
N PHE A 282 -2.78 -22.26 -23.17
CA PHE A 282 -3.46 -21.94 -24.42
C PHE A 282 -2.54 -22.06 -25.64
N ASN A 283 -1.30 -21.59 -25.56
CA ASN A 283 -0.44 -21.59 -26.74
C ASN A 283 0.43 -22.83 -26.85
N GLY A 284 0.40 -23.72 -25.85
CA GLY A 284 1.14 -24.96 -25.95
C GLY A 284 2.64 -24.84 -25.87
N VAL A 285 3.18 -23.70 -25.41
CA VAL A 285 4.61 -23.49 -25.30
C VAL A 285 4.97 -23.24 -23.84
N GLU A 286 5.91 -24.03 -23.32
CA GLU A 286 6.27 -23.96 -21.89
C GLU A 286 7.33 -22.89 -21.68
N THR A 287 6.89 -21.63 -21.70
CA THR A 287 7.79 -20.53 -21.39
C THR A 287 7.97 -20.39 -19.88
N GLU A 288 9.08 -19.77 -19.50
CA GLU A 288 9.43 -19.60 -18.09
C GLU A 288 9.06 -18.20 -17.61
N LEU A 289 8.53 -18.13 -16.38
CA LEU A 289 8.18 -16.85 -15.79
C LEU A 289 9.43 -16.16 -15.23
N PRO A 290 9.52 -14.84 -15.35
CA PRO A 290 10.69 -14.14 -14.79
C PRO A 290 10.64 -14.09 -13.27
N ALA A 291 11.83 -13.93 -12.69
CA ALA A 291 11.97 -14.01 -11.24
C ALA A 291 11.18 -12.92 -10.52
N ASP A 292 11.04 -11.74 -11.13
CA ASP A 292 10.35 -10.64 -10.47
C ASP A 292 8.85 -10.59 -10.77
N ALA A 293 8.30 -11.61 -11.42
CA ALA A 293 6.86 -11.67 -11.64
C ALA A 293 6.13 -11.66 -10.30
N SER A 294 5.25 -10.68 -10.11
CA SER A 294 4.60 -10.42 -8.83
C SER A 294 3.11 -10.17 -9.01
N PHE A 295 2.34 -10.56 -7.99
CA PHE A 295 0.92 -10.28 -7.98
C PHE A 295 0.68 -8.79 -7.87
N GLY A 296 -0.52 -8.38 -8.26
CA GLY A 296 -0.84 -6.97 -8.24
C GLY A 296 -2.25 -6.68 -7.79
N ARG A 297 -2.68 -5.44 -8.01
CA ARG A 297 -4.04 -5.04 -7.66
C ARG A 297 -5.06 -5.72 -8.55
N MET A 298 -4.72 -5.92 -9.83
CA MET A 298 -5.52 -6.71 -10.77
C MET A 298 -4.94 -8.12 -10.87
N LEU A 299 -5.77 -9.05 -11.34
CA LEU A 299 -5.34 -10.42 -11.51
C LEU A 299 -4.21 -10.50 -12.53
N GLY A 300 -3.39 -11.53 -12.39
CA GLY A 300 -2.21 -11.72 -13.22
C GLY A 300 -0.92 -11.43 -12.46
N LYS A 301 0.18 -11.71 -13.12
CA LYS A 301 1.50 -11.39 -12.57
C LYS A 301 2.13 -10.29 -13.40
N TYR A 302 2.84 -9.39 -12.72
CA TYR A 302 3.33 -8.16 -13.30
C TYR A 302 4.81 -7.97 -13.02
N VAL A 303 5.46 -7.25 -13.91
CA VAL A 303 6.86 -6.86 -13.79
C VAL A 303 6.96 -5.36 -14.09
N PRO A 304 8.03 -4.70 -13.66
CA PRO A 304 8.16 -3.27 -13.99
C PRO A 304 8.29 -3.03 -15.49
N GLY A 305 7.75 -1.90 -15.93
CA GLY A 305 7.92 -1.46 -17.29
C GLY A 305 8.16 0.04 -17.33
N SER A 306 8.48 0.54 -18.52
CA SER A 306 8.70 1.97 -18.67
C SER A 306 8.38 2.36 -20.11
N PHE A 307 8.14 3.66 -20.30
CA PHE A 307 7.81 4.23 -21.58
C PHE A 307 8.90 5.20 -22.00
N GLU A 308 9.28 5.14 -23.28
CA GLU A 308 10.14 6.18 -23.84
C GLU A 308 9.32 7.38 -24.29
N ARG A 309 8.06 7.14 -24.65
CA ARG A 309 7.13 8.18 -25.06
C ARG A 309 5.72 7.72 -24.69
N LEU A 310 4.93 8.65 -24.17
CA LEU A 310 3.56 8.34 -23.79
C LEU A 310 2.71 9.58 -24.00
N GLU A 311 1.64 9.45 -24.79
CA GLU A 311 0.79 10.57 -25.16
C GLU A 311 -0.66 10.16 -25.01
N ALA A 312 -1.41 10.94 -24.23
CA ALA A 312 -2.85 10.78 -24.03
C ALA A 312 -3.51 12.05 -24.54
N ILE A 313 -4.09 11.97 -25.73
CA ILE A 313 -4.65 13.12 -26.45
C ILE A 313 -6.17 13.01 -26.39
N PRO A 314 -6.87 14.03 -25.90
CA PRO A 314 -8.33 13.96 -25.83
C PRO A 314 -8.98 14.13 -27.19
N VAL A 315 -10.04 13.36 -27.41
CA VAL A 315 -10.97 13.55 -28.50
C VAL A 315 -12.38 13.56 -27.91
N LYS A 316 -13.36 13.85 -28.76
CA LYS A 316 -14.75 13.86 -28.32
C LYS A 316 -15.12 12.51 -27.72
N ASP A 317 -15.48 12.50 -26.44
CA ASP A 317 -15.93 11.31 -25.74
C ASP A 317 -14.91 10.18 -25.83
N GLY A 318 -13.63 10.53 -25.93
CA GLY A 318 -12.61 9.52 -26.08
C GLY A 318 -11.23 10.05 -25.80
N LEU A 319 -10.24 9.20 -26.10
CA LEU A 319 -8.85 9.50 -25.85
C LEU A 319 -8.02 8.70 -26.83
N ARG A 320 -7.02 9.33 -27.43
CA ARG A 320 -6.05 8.65 -28.27
C ARG A 320 -4.79 8.43 -27.46
N LEU A 321 -4.39 7.18 -27.32
CA LEU A 321 -3.23 6.79 -26.52
C LEU A 321 -2.19 6.23 -27.49
N LYS A 322 -1.07 6.93 -27.62
CA LYS A 322 0.02 6.48 -28.46
C LYS A 322 1.34 6.73 -27.72
N GLY A 323 2.35 5.96 -28.10
CA GLY A 323 3.66 6.14 -27.51
C GLY A 323 4.59 5.01 -27.89
N ARG A 324 5.66 4.88 -27.12
CA ARG A 324 6.69 3.89 -27.36
C ARG A 324 7.05 3.24 -26.04
N VAL A 325 6.73 1.96 -25.91
CA VAL A 325 7.18 1.19 -24.76
C VAL A 325 8.67 0.93 -24.91
N HIS A 326 9.43 1.12 -23.83
CA HIS A 326 10.82 0.67 -23.83
C HIS A 326 10.84 -0.84 -23.61
N LEU A 327 11.38 -1.58 -24.58
CA LEU A 327 11.35 -3.05 -24.54
C LEU A 327 12.53 -3.55 -23.72
N THR A 328 12.30 -3.76 -22.43
CA THR A 328 13.24 -4.51 -21.61
C THR A 328 13.16 -6.01 -21.91
N ARG A 329 12.03 -6.46 -22.43
CA ARG A 329 11.85 -7.86 -22.83
C ARG A 329 10.94 -7.85 -24.06
N PRO A 330 10.92 -8.94 -24.83
CA PRO A 330 9.99 -9.01 -25.96
C PRO A 330 8.55 -8.85 -25.49
N ALA A 331 7.82 -7.95 -26.13
CA ALA A 331 6.43 -7.69 -25.82
C ALA A 331 5.63 -7.61 -27.10
N TYR A 332 4.37 -8.03 -27.05
CA TYR A 332 3.59 -8.19 -28.26
C TYR A 332 2.37 -7.30 -28.36
N GLY A 333 1.86 -6.78 -27.25
CA GLY A 333 0.66 -5.98 -27.32
C GLY A 333 0.51 -5.07 -26.11
N ILE A 334 -0.57 -4.31 -26.15
CA ILE A 334 -0.90 -3.38 -25.07
C ILE A 334 -2.42 -3.22 -25.04
N VAL A 335 -2.95 -3.11 -23.83
CA VAL A 335 -4.38 -3.05 -23.58
C VAL A 335 -4.69 -1.85 -22.69
N ALA A 336 -5.61 -1.00 -23.13
CA ALA A 336 -6.05 0.14 -22.36
C ALA A 336 -7.45 -0.11 -21.83
N HIS A 337 -7.67 0.17 -20.55
CA HIS A 337 -8.98 0.05 -19.92
C HIS A 337 -9.45 1.43 -19.48
N LEU A 338 -10.71 1.75 -19.77
CA LEU A 338 -11.37 2.91 -19.19
C LEU A 338 -12.37 2.40 -18.15
N ASP A 339 -12.31 2.96 -16.94
CA ASP A 339 -13.06 2.44 -15.80
C ASP A 339 -13.65 3.59 -14.99
N PRO A 340 -14.95 3.85 -15.12
CA PRO A 340 -15.56 4.89 -14.29
C PRO A 340 -15.52 4.51 -12.82
N PRO A 341 -15.39 5.48 -11.91
CA PRO A 341 -15.34 5.13 -10.48
C PRO A 341 -16.63 4.46 -10.04
N GLY A 342 -16.49 3.55 -9.08
CA GLY A 342 -17.61 2.78 -8.59
C GLY A 342 -17.92 1.58 -9.48
N GLY A 343 -18.64 0.62 -8.89
CA GLY A 343 -19.07 -0.55 -9.61
C GLY A 343 -17.97 -1.53 -9.96
N SER A 344 -16.84 -1.46 -9.28
CA SER A 344 -15.70 -2.34 -9.56
C SER A 344 -15.26 -2.16 -11.01
N ASP A 345 -14.61 -3.17 -11.60
CA ASP A 345 -14.19 -3.07 -13.00
C ASP A 345 -15.18 -3.71 -13.97
N TYR A 346 -16.39 -4.01 -13.50
CA TYR A 346 -17.42 -4.60 -14.37
C TYR A 346 -17.82 -3.63 -15.48
N ASP A 347 -17.86 -2.34 -15.17
CA ASP A 347 -18.31 -1.33 -16.11
C ASP A 347 -17.15 -0.76 -16.93
N SER A 348 -15.99 -1.40 -16.91
CA SER A 348 -14.88 -0.93 -17.70
C SER A 348 -15.05 -1.35 -19.16
N ASN A 349 -14.39 -0.62 -20.06
CA ASN A 349 -14.27 -1.03 -21.44
C ASN A 349 -12.81 -0.94 -21.85
N ALA A 350 -12.41 -1.80 -22.80
CA ALA A 350 -11.00 -1.96 -23.14
C ALA A 350 -10.81 -1.98 -24.64
N VAL A 351 -9.63 -1.55 -25.06
CA VAL A 351 -9.22 -1.56 -26.46
C VAL A 351 -7.81 -2.12 -26.49
N GLY A 352 -7.54 -3.00 -27.45
CA GLY A 352 -6.25 -3.60 -27.62
C GLY A 352 -5.47 -3.00 -28.78
N ALA A 353 -4.17 -3.24 -28.78
CA ALA A 353 -3.30 -2.79 -29.86
C ALA A 353 -2.06 -3.66 -29.82
N SER A 354 -1.46 -3.85 -30.99
CA SER A 354 -0.21 -4.58 -31.07
C SER A 354 0.97 -3.61 -30.96
N LEU A 355 2.12 -4.15 -30.58
CA LEU A 355 3.38 -3.42 -30.49
C LEU A 355 4.28 -3.83 -31.65
N ASP A 356 4.90 -2.85 -32.31
CA ASP A 356 5.84 -3.17 -33.38
C ASP A 356 7.20 -3.51 -32.77
N GLU A 357 8.21 -3.69 -33.64
CA GLU A 357 9.50 -4.17 -33.17
C GLU A 357 10.21 -3.16 -32.26
N LYS A 358 9.82 -1.89 -32.30
CA LYS A 358 10.43 -0.87 -31.47
C LYS A 358 9.60 -0.54 -30.23
N GLY A 359 8.45 -1.16 -30.06
CA GLY A 359 7.57 -0.88 -28.94
C GLY A 359 6.56 0.22 -29.16
N GLU A 360 6.34 0.63 -30.40
CA GLU A 360 5.38 1.69 -30.69
C GLU A 360 3.97 1.14 -30.72
N PHE A 361 3.04 1.96 -30.28
CA PHE A 361 1.62 1.60 -30.26
C PHE A 361 0.81 2.85 -30.55
N ASP A 362 -0.41 2.61 -31.03
CA ASP A 362 -1.34 3.70 -31.35
C ASP A 362 -2.74 3.11 -31.29
N LEU A 363 -3.55 3.58 -30.33
CA LEU A 363 -4.92 3.13 -30.19
C LEU A 363 -5.79 4.30 -29.81
N THR A 364 -7.09 4.13 -29.99
CA THR A 364 -8.08 5.10 -29.55
C THR A 364 -9.15 4.36 -28.77
N ILE A 365 -9.54 4.90 -27.62
CA ILE A 365 -10.55 4.28 -26.76
C ILE A 365 -11.61 5.33 -26.44
N CYS A 366 -12.88 4.93 -26.59
CA CYS A 366 -13.97 5.89 -26.48
C CYS A 366 -14.95 5.45 -25.40
N ARG A 367 -15.69 6.43 -24.88
CA ARG A 367 -16.81 6.19 -23.99
C ARG A 367 -17.91 7.16 -24.39
N PRO A 368 -18.67 6.84 -25.44
CA PRO A 368 -19.64 7.79 -25.98
C PRO A 368 -20.72 8.15 -24.99
N GLY A 369 -21.04 9.44 -24.92
CA GLY A 369 -22.08 9.94 -24.04
C GLY A 369 -21.73 9.93 -22.58
N TYR A 370 -20.48 9.66 -22.22
CA TYR A 370 -20.07 9.61 -20.82
C TYR A 370 -20.21 11.00 -20.19
N LYS A 371 -20.88 11.05 -19.05
CA LYS A 371 -21.09 12.30 -18.33
C LYS A 371 -20.43 12.31 -16.96
N GLY A 372 -19.69 11.25 -16.60
CA GLY A 372 -19.08 11.14 -15.29
C GLY A 372 -17.86 12.01 -15.10
N GLY A 373 -17.29 12.55 -16.17
CA GLY A 373 -16.12 13.38 -16.05
C GLY A 373 -14.85 12.60 -15.78
N PHE A 374 -14.54 12.37 -14.50
CA PHE A 374 -13.32 11.65 -14.15
C PHE A 374 -13.48 10.18 -14.50
N ILE A 375 -12.43 9.63 -15.11
CA ILE A 375 -12.41 8.20 -15.45
C ILE A 375 -10.98 7.70 -15.31
N GLU A 376 -10.85 6.47 -14.83
CA GLU A 376 -9.55 5.84 -14.64
C GLU A 376 -9.13 5.14 -15.92
N MET A 377 -7.86 5.32 -16.28
CA MET A 377 -7.29 4.61 -17.42
C MET A 377 -6.18 3.69 -16.94
N ARG A 378 -6.33 2.40 -17.19
CA ARG A 378 -5.29 1.43 -16.94
C ARG A 378 -4.61 1.07 -18.26
N VAL A 379 -3.27 1.02 -18.26
CA VAL A 379 -2.50 0.69 -19.45
C VAL A 379 -1.61 -0.50 -19.11
N ALA A 380 -1.82 -1.61 -19.82
CA ALA A 380 -1.16 -2.86 -19.52
C ALA A 380 -0.41 -3.33 -20.76
N VAL A 381 0.92 -3.33 -20.67
CA VAL A 381 1.77 -3.89 -21.71
C VAL A 381 1.82 -5.39 -21.52
N LEU A 382 1.66 -6.15 -22.62
CA LEU A 382 1.67 -7.61 -22.57
C LEU A 382 3.04 -8.13 -23.01
N ASN A 383 3.77 -8.76 -22.09
CA ASN A 383 5.08 -9.32 -22.40
C ASN A 383 4.96 -10.76 -22.89
N CYS A 384 5.87 -11.15 -23.78
CA CYS A 384 5.84 -12.50 -24.30
C CYS A 384 6.06 -13.54 -23.22
N ASP A 385 6.70 -13.17 -22.10
CA ASP A 385 6.94 -14.13 -21.04
C ASP A 385 5.73 -14.31 -20.12
N SER A 386 4.54 -13.89 -20.57
CA SER A 386 3.22 -14.05 -19.97
C SER A 386 2.93 -13.01 -18.89
N THR A 387 3.92 -12.25 -18.43
CA THR A 387 3.66 -11.19 -17.47
C THR A 387 3.13 -9.95 -18.19
N ARG A 388 2.72 -8.98 -17.38
CA ARG A 388 2.28 -7.69 -17.89
C ARG A 388 2.99 -6.60 -17.12
N SER A 389 2.96 -5.39 -17.69
CA SER A 389 3.44 -4.18 -17.05
C SER A 389 2.31 -3.16 -17.14
N MET A 390 1.88 -2.64 -16.00
CA MET A 390 0.69 -1.80 -15.92
C MET A 390 1.00 -0.46 -15.29
N ILE A 391 0.35 0.59 -15.82
CA ILE A 391 0.28 1.89 -15.17
C ILE A 391 -1.17 2.31 -15.12
N THR A 392 -1.47 3.26 -14.24
CA THR A 392 -2.80 3.83 -14.11
C THR A 392 -2.70 5.34 -14.23
N LEU A 393 -3.59 5.94 -15.03
CA LEU A 393 -3.60 7.38 -15.19
C LEU A 393 -4.99 7.94 -14.84
N PRO A 394 -5.04 9.04 -14.08
CA PRO A 394 -6.34 9.68 -13.83
C PRO A 394 -6.69 10.66 -14.93
N VAL A 395 -7.83 10.43 -15.59
CA VAL A 395 -8.18 11.12 -16.82
C VAL A 395 -9.53 11.82 -16.65
N TRP A 396 -9.67 12.99 -17.26
CA TRP A 396 -10.95 13.67 -17.36
C TRP A 396 -11.46 13.61 -18.80
N MET A 397 -12.71 13.20 -18.97
CA MET A 397 -13.27 12.93 -20.28
C MET A 397 -14.66 13.55 -20.39
N ASP A 398 -14.90 14.27 -21.48
CA ASP A 398 -16.23 14.77 -21.82
C ASP A 398 -16.28 14.94 -23.34
N ALA A 399 -17.28 15.67 -23.82
CA ALA A 399 -17.45 15.89 -25.26
C ALA A 399 -16.95 17.27 -25.70
N GLY B 19 21.39 43.80 7.53
CA GLY B 19 21.32 42.42 7.98
C GLY B 19 22.56 41.95 8.73
N ALA B 20 23.56 42.82 8.85
CA ALA B 20 24.86 42.39 9.36
C ALA B 20 24.79 41.91 10.80
N GLU B 21 23.83 42.40 11.58
CA GLU B 21 23.73 42.01 12.98
C GLU B 21 23.51 40.51 13.14
N PHE B 22 22.79 39.88 12.21
CA PHE B 22 22.63 38.43 12.22
C PHE B 22 23.35 37.76 11.06
N THR B 23 24.35 38.42 10.50
CA THR B 23 25.19 37.89 9.42
C THR B 23 24.32 37.42 8.25
N ARG B 24 23.55 38.36 7.73
CA ARG B 24 22.66 38.08 6.60
C ARG B 24 23.46 37.52 5.43
N LEU B 25 23.00 36.42 4.90
CA LEU B 25 23.68 35.80 3.77
C LEU B 25 23.37 36.56 2.49
N PRO B 26 24.30 36.59 1.55
CA PRO B 26 24.02 37.18 0.24
C PRO B 26 23.27 36.17 -0.62
N VAL B 27 22.83 36.65 -1.78
CA VAL B 27 22.24 35.81 -2.81
C VAL B 27 23.32 35.56 -3.86
N SER B 28 23.76 34.31 -3.95
CA SER B 28 24.91 33.93 -4.77
C SER B 28 24.51 33.19 -6.03
N TRP B 29 23.37 33.53 -6.62
CA TRP B 29 22.90 32.89 -7.84
C TRP B 29 21.91 33.82 -8.53
N THR B 30 21.65 33.54 -9.80
CA THR B 30 20.71 34.31 -10.61
C THR B 30 19.67 33.38 -11.21
N VAL B 31 18.39 33.72 -11.06
CA VAL B 31 17.32 32.86 -11.54
C VAL B 31 17.25 32.89 -13.07
N ASN B 32 16.88 31.76 -13.66
CA ASN B 32 16.66 31.69 -15.10
C ASN B 32 15.38 32.42 -15.46
N PRO B 33 15.35 33.10 -16.63
CA PRO B 33 14.17 33.89 -16.99
C PRO B 33 12.89 33.07 -17.03
N ARG B 34 12.96 31.80 -17.45
CA ARG B 34 11.76 30.98 -17.47
C ARG B 34 11.21 30.76 -16.06
N ASP B 35 12.10 30.57 -15.08
CA ASP B 35 11.64 30.35 -13.72
C ASP B 35 11.06 31.62 -13.12
N ALA B 36 11.66 32.78 -13.46
CA ALA B 36 11.10 34.05 -12.97
C ALA B 36 9.72 34.30 -13.55
N ALA B 37 9.50 33.98 -14.84
CA ALA B 37 8.17 34.13 -15.42
C ALA B 37 7.18 33.18 -14.77
N ASN B 38 7.63 31.97 -14.43
CA ASN B 38 6.78 31.01 -13.71
C ASN B 38 6.35 31.57 -12.35
N ALA B 39 7.29 32.18 -11.63
CA ALA B 39 6.97 32.70 -10.31
C ALA B 39 5.97 33.85 -10.39
N ARG B 40 6.14 34.74 -11.38
CA ARG B 40 5.24 35.87 -11.52
C ARG B 40 3.83 35.41 -11.89
N ALA B 41 3.72 34.45 -12.82
CA ALA B 41 2.41 33.93 -13.19
C ALA B 41 1.77 33.18 -12.02
N ALA B 42 2.55 32.36 -11.31
CA ALA B 42 1.98 31.65 -10.16
C ALA B 42 1.52 32.64 -9.09
N TRP B 43 2.29 33.71 -8.88
CA TRP B 43 1.90 34.69 -7.85
C TRP B 43 0.65 35.45 -8.26
N LYS B 44 0.47 35.71 -9.55
CA LYS B 44 -0.75 36.34 -10.01
C LYS B 44 -1.95 35.44 -9.76
N THR B 45 -1.83 34.15 -10.09
CA THR B 45 -2.92 33.22 -9.87
C THR B 45 -3.24 33.07 -8.38
N LEU B 46 -2.20 32.97 -7.55
CA LEU B 46 -2.41 32.85 -6.11
C LEU B 46 -2.99 34.14 -5.53
N SER B 47 -2.53 35.30 -6.01
CA SER B 47 -3.03 36.55 -5.46
C SER B 47 -4.51 36.74 -5.73
N ALA B 48 -4.98 36.34 -6.91
CA ALA B 48 -6.41 36.41 -7.20
C ALA B 48 -7.18 35.48 -6.28
N TYR B 49 -6.66 34.27 -6.06
CA TYR B 49 -7.28 33.33 -5.14
C TYR B 49 -7.35 33.88 -3.73
N HIS B 50 -6.35 34.68 -3.34
CA HIS B 50 -6.28 35.25 -2.00
C HIS B 50 -7.23 36.43 -1.79
N ARG B 51 -7.80 36.99 -2.86
CA ARG B 51 -8.70 38.12 -2.73
C ARG B 51 -9.90 37.79 -1.85
N GLY B 52 -10.14 38.61 -0.83
CA GLY B 52 -11.26 38.42 0.07
C GLY B 52 -11.05 37.42 1.19
N LYS B 53 -9.90 36.77 1.25
CA LYS B 53 -9.73 35.79 2.30
C LYS B 53 -9.05 36.40 3.53
N PRO B 54 -9.30 35.86 4.72
CA PRO B 54 -8.70 36.45 5.93
C PRO B 54 -7.17 36.40 5.89
N LYS B 55 -6.56 37.40 6.52
CA LYS B 55 -5.11 37.43 6.63
C LYS B 55 -4.64 36.50 7.73
N SER B 56 -3.42 36.01 7.58
CA SER B 56 -2.86 35.08 8.54
C SER B 56 -1.98 35.82 9.54
N SER B 57 -2.04 35.39 10.80
CA SER B 57 -1.15 35.89 11.84
C SER B 57 -0.17 34.82 12.30
N ARG B 58 0.03 33.77 11.48
CA ARG B 58 0.88 32.66 11.86
C ARG B 58 2.32 33.11 12.02
N LYS B 59 3.02 32.45 12.94
CA LYS B 59 4.44 32.69 13.17
C LYS B 59 5.12 31.35 13.36
N LEU B 60 6.42 31.32 13.11
CA LEU B 60 7.26 30.16 13.43
C LEU B 60 7.75 30.32 14.86
N HIS B 61 7.19 29.52 15.77
CA HIS B 61 7.52 29.63 17.18
C HIS B 61 8.72 28.78 17.54
N VAL B 62 9.49 29.24 18.53
CA VAL B 62 10.73 28.60 18.91
C VAL B 62 10.66 28.20 20.38
N VAL B 63 11.01 26.95 20.66
CA VAL B 63 11.06 26.40 22.01
C VAL B 63 12.46 25.88 22.27
N TYR B 64 12.99 26.21 23.44
CA TYR B 64 14.29 25.72 23.89
C TYR B 64 14.04 24.75 25.04
N VAL B 65 14.50 23.52 24.88
CA VAL B 65 14.20 22.44 25.83
C VAL B 65 15.49 22.05 26.55
N THR B 66 15.49 22.19 27.87
CA THR B 66 16.57 21.73 28.72
C THR B 66 16.17 20.43 29.42
N PHE B 67 17.17 19.76 29.99
CA PHE B 67 16.96 18.50 30.68
C PHE B 67 17.64 18.55 32.04
N LYS B 68 17.42 17.48 32.83
CA LYS B 68 17.79 17.48 34.24
C LYS B 68 19.26 17.78 34.44
N ASP B 69 20.13 17.09 33.71
CA ASP B 69 21.55 17.36 33.77
C ASP B 69 22.04 18.18 32.58
N ARG B 70 21.16 18.95 31.95
CA ARG B 70 21.47 19.65 30.70
C ARG B 70 20.93 21.06 30.76
N PRO B 71 21.63 21.97 31.43
CA PRO B 71 21.17 23.36 31.51
C PRO B 71 21.43 24.13 30.22
N ALA B 72 20.73 25.26 30.09
CA ALA B 72 20.80 26.03 28.86
C ALA B 72 22.21 26.52 28.58
N LEU B 73 22.58 26.55 27.31
CA LEU B 73 23.90 27.01 26.91
C LEU B 73 23.94 28.54 26.85
N GLU B 74 25.14 29.09 27.06
CA GLU B 74 25.31 30.53 27.15
C GLU B 74 24.85 31.21 25.86
N GLY B 75 24.23 32.39 26.01
CA GLY B 75 23.86 33.20 24.86
C GLY B 75 22.83 32.58 23.95
N TYR B 76 22.09 31.57 24.40
CA TYR B 76 21.17 30.90 23.49
C TYR B 76 20.07 31.83 23.02
N ARG B 77 19.66 32.78 23.85
CA ARG B 77 18.60 33.71 23.44
C ARG B 77 19.08 34.64 22.34
N GLU B 78 20.30 35.17 22.48
CA GLU B 78 20.85 36.05 21.44
C GLU B 78 21.29 35.23 20.22
N ARG B 79 21.86 34.05 20.45
CA ARG B 79 22.35 33.27 19.33
C ARG B 79 21.23 32.77 18.45
N TYR B 80 20.12 32.32 19.06
CA TYR B 80 19.02 31.83 18.24
C TYR B 80 18.16 32.96 17.69
N ASP B 81 18.22 34.15 18.27
CA ASP B 81 17.70 35.33 17.59
C ASP B 81 18.46 35.55 16.28
N HIS B 82 19.78 35.37 16.29
CA HIS B 82 20.57 35.48 15.07
C HIS B 82 20.28 34.33 14.12
N ILE B 83 20.17 33.10 14.65
CA ILE B 83 19.98 31.94 13.80
C ILE B 83 18.64 32.02 13.08
N LEU B 84 17.57 32.28 13.82
CA LEU B 84 16.25 32.30 13.20
C LEU B 84 16.12 33.47 12.22
N LYS B 85 16.64 34.64 12.60
CA LYS B 85 16.58 35.79 11.70
C LYS B 85 17.44 35.58 10.47
N ASN B 86 18.53 34.83 10.59
CA ASN B 86 19.35 34.54 9.42
C ASN B 86 18.59 33.66 8.45
N ILE B 87 17.96 32.60 8.94
CA ILE B 87 17.17 31.73 8.09
C ILE B 87 15.94 32.46 7.57
N GLN B 88 15.35 33.32 8.42
CA GLN B 88 14.21 34.10 7.98
C GLN B 88 14.57 34.99 6.79
N ALA B 89 15.67 35.74 6.92
CA ALA B 89 16.09 36.61 5.84
C ALA B 89 16.49 35.80 4.63
N TYR B 90 17.09 34.63 4.85
CA TYR B 90 17.49 33.77 3.74
C TYR B 90 16.28 33.37 2.90
N TYR B 91 15.25 32.81 3.54
CA TYR B 91 14.07 32.44 2.78
C TYR B 91 13.47 33.65 2.08
N ALA B 92 13.45 34.79 2.76
CA ALA B 92 12.91 36.02 2.18
C ALA B 92 13.70 36.43 0.95
N ASP B 93 15.02 36.46 1.06
CA ASP B 93 15.87 36.85 -0.06
C ASP B 93 15.82 35.82 -1.18
N GLN B 94 15.71 34.54 -0.84
CA GLN B 94 15.71 33.51 -1.88
C GLN B 94 14.40 33.50 -2.65
N MET B 95 13.27 33.66 -1.95
CA MET B 95 11.98 33.75 -2.63
C MET B 95 11.95 34.94 -3.59
N GLN B 96 12.54 36.06 -3.17
CA GLN B 96 12.60 37.24 -4.04
C GLN B 96 13.49 37.00 -5.24
N ALA B 97 14.64 36.35 -5.02
CA ALA B 97 15.54 36.02 -6.13
C ALA B 97 14.85 35.11 -7.14
N ASN B 98 13.87 34.32 -6.70
CA ASN B 98 13.13 33.44 -7.58
C ASN B 98 12.06 34.16 -8.39
N GLY B 99 11.71 35.40 -8.02
CA GLY B 99 10.68 36.13 -8.71
C GLY B 99 9.42 36.38 -7.91
N PHE B 100 9.33 35.83 -6.71
CA PHE B 100 8.22 36.11 -5.82
C PHE B 100 8.50 37.37 -5.02
N PRO B 101 7.54 37.87 -4.26
CA PRO B 101 7.84 38.84 -3.21
C PRO B 101 8.75 38.21 -2.17
N PRO B 102 9.39 39.02 -1.32
CA PRO B 102 10.27 38.43 -0.30
C PRO B 102 9.48 37.73 0.80
N LEU B 103 8.79 36.66 0.41
CA LEU B 103 7.95 35.92 1.35
C LEU B 103 8.82 35.09 2.29
N THR B 104 8.43 35.06 3.56
CA THR B 104 9.14 34.27 4.55
C THR B 104 8.24 34.15 5.77
N PHE B 105 8.66 33.33 6.72
CA PHE B 105 7.92 33.17 7.96
C PHE B 105 8.19 34.35 8.88
N GLN B 106 7.17 34.76 9.62
CA GLN B 106 7.33 35.79 10.63
C GLN B 106 7.69 35.15 11.96
N LEU B 107 8.40 35.91 12.78
CA LEU B 107 8.80 35.46 14.10
C LEU B 107 8.03 36.22 15.16
N ASP B 108 7.94 35.61 16.34
CA ASP B 108 7.36 36.26 17.51
C ASP B 108 8.48 37.06 18.16
N LEU B 109 8.36 38.39 18.13
CA LEU B 109 9.40 39.30 18.60
C LEU B 109 8.91 40.09 19.81
N ASP B 110 9.84 40.39 20.73
CA ASP B 110 9.54 41.17 21.92
C ASP B 110 9.61 42.66 21.59
N GLU B 111 9.53 43.52 22.63
CA GLU B 111 9.52 44.97 22.41
C GLU B 111 10.81 45.47 21.79
N ARG B 112 11.92 44.80 22.05
CA ARG B 112 13.21 45.18 21.48
C ARG B 112 13.45 44.55 20.11
N GLY B 113 12.47 43.85 19.56
CA GLY B 113 12.67 43.19 18.28
C GLY B 113 13.49 41.93 18.34
N LYS B 114 13.66 41.34 19.52
CA LYS B 114 14.42 40.11 19.66
C LYS B 114 13.46 38.91 19.68
N LEU B 115 13.97 37.76 19.22
CA LEU B 115 13.17 36.55 19.11
C LEU B 115 12.65 36.11 20.48
N VAL B 116 11.35 35.80 20.54
CA VAL B 116 10.76 35.21 21.74
C VAL B 116 11.08 33.73 21.74
N ILE B 117 11.64 33.24 22.85
CA ILE B 117 12.03 31.84 22.98
C ILE B 117 11.32 31.26 24.20
N HIS B 118 10.45 30.27 23.98
CA HIS B 118 9.75 29.61 25.08
C HIS B 118 10.68 28.58 25.71
N ASP B 119 10.77 28.61 27.04
CA ASP B 119 11.63 27.71 27.78
C ASP B 119 10.81 26.52 28.29
N ALA B 120 11.34 25.31 28.07
CA ALA B 120 10.75 24.09 28.58
C ALA B 120 11.83 23.23 29.20
N TYR B 121 11.47 22.52 30.26
CA TYR B 121 12.39 21.68 30.98
C TYR B 121 11.77 20.29 31.12
N VAL B 122 12.58 19.26 30.88
CA VAL B 122 12.17 17.86 31.02
C VAL B 122 12.99 17.27 32.16
N ASP B 123 12.29 16.83 33.22
CA ASP B 123 12.94 16.32 34.43
C ASP B 123 13.40 14.87 34.24
N LYS B 124 14.29 14.70 33.27
CA LYS B 124 14.83 13.40 32.98
C LYS B 124 16.31 13.60 32.69
N PRO B 125 17.17 12.76 33.25
CA PRO B 125 18.58 12.83 32.87
C PRO B 125 18.78 12.33 31.45
N MET B 126 19.95 12.68 30.89
CA MET B 126 20.26 12.26 29.53
C MET B 126 20.31 10.74 29.41
N SER B 127 20.65 10.04 30.49
CA SER B 127 20.70 8.59 30.46
C SER B 127 19.34 7.96 30.23
N GLU B 128 18.25 8.66 30.54
CA GLU B 128 16.90 8.18 30.28
C GLU B 128 16.40 8.59 28.90
N MET B 129 17.26 9.18 28.08
CA MET B 129 16.90 9.67 26.76
C MET B 129 17.51 8.80 25.67
N SER B 130 17.02 8.97 24.44
CA SER B 130 17.58 8.28 23.30
C SER B 130 17.24 9.06 22.04
N VAL B 131 17.93 8.73 20.95
CA VAL B 131 17.67 9.38 19.67
C VAL B 131 16.27 9.07 19.16
N GLN B 132 15.68 7.96 19.60
CA GLN B 132 14.33 7.59 19.20
C GLN B 132 13.27 8.35 19.99
N SER B 133 13.57 8.70 21.25
CA SER B 133 12.60 9.33 22.13
C SER B 133 12.80 10.84 22.31
N SER B 134 13.96 11.38 21.94
CA SER B 134 14.20 12.81 22.15
C SER B 134 13.21 13.67 21.37
N GLY B 135 12.83 13.23 20.17
CA GLY B 135 11.83 13.94 19.40
C GLY B 135 10.50 14.01 20.12
N PRO B 136 9.89 12.84 20.40
CA PRO B 136 8.59 12.86 21.08
C PRO B 136 8.61 13.50 22.46
N VAL B 137 9.68 13.26 23.25
CA VAL B 137 9.73 13.83 24.59
C VAL B 137 9.87 15.35 24.53
N SER B 138 10.76 15.84 23.67
CA SER B 138 10.89 17.30 23.56
C SER B 138 9.66 17.92 22.91
N ARG B 139 8.99 17.20 22.01
CA ARG B 139 7.77 17.73 21.39
C ARG B 139 6.64 17.89 22.41
N GLU B 140 6.48 16.90 23.30
CA GLU B 140 5.49 17.03 24.35
C GLU B 140 5.81 18.20 25.27
N ALA B 141 7.09 18.39 25.62
CA ALA B 141 7.47 19.53 26.44
C ALA B 141 7.20 20.85 25.73
N ALA B 142 7.44 20.89 24.42
CA ALA B 142 7.14 22.10 23.65
C ALA B 142 5.64 22.33 23.57
N ARG B 143 4.85 21.25 23.49
CA ARG B 143 3.40 21.39 23.43
C ARG B 143 2.86 22.06 24.69
N LYS B 144 3.37 21.66 25.87
CA LYS B 144 2.83 22.16 27.13
C LYS B 144 3.09 23.66 27.28
N VAL B 145 4.32 24.10 27.03
CA VAL B 145 4.62 25.52 27.24
C VAL B 145 3.92 26.38 26.19
N LEU B 146 3.85 25.90 24.94
CA LEU B 146 3.16 26.66 23.91
C LEU B 146 1.67 26.76 24.19
N ALA B 147 1.07 25.68 24.70
CA ALA B 147 -0.36 25.70 25.03
C ALA B 147 -0.68 26.72 26.13
N SER B 148 0.23 26.90 27.09
CA SER B 148 0.04 27.89 28.15
C SER B 148 -0.06 29.31 27.61
N LYS B 149 0.48 29.58 26.43
CA LYS B 149 0.36 30.89 25.79
C LYS B 149 -0.66 30.89 24.64
N GLY B 150 -1.51 29.87 24.58
CA GLY B 150 -2.56 29.78 23.57
C GLY B 150 -2.11 29.34 22.20
N ILE B 151 -0.96 28.71 22.09
CA ILE B 151 -0.43 28.27 20.81
C ILE B 151 -0.53 26.75 20.75
N ASP B 152 -1.29 26.25 19.78
CA ASP B 152 -1.50 24.81 19.60
C ASP B 152 -0.43 24.27 18.65
N ILE B 153 0.44 23.40 19.17
CA ILE B 153 1.50 22.82 18.36
C ILE B 153 0.96 21.98 17.23
N GLU B 154 -0.29 21.51 17.34
CA GLU B 154 -0.90 20.69 16.31
C GLU B 154 -1.42 21.51 15.13
N LYS B 155 -1.38 22.85 15.21
CA LYS B 155 -1.92 23.70 14.15
C LYS B 155 -0.96 24.81 13.74
N GLU B 156 0.30 24.74 14.14
CA GLU B 156 1.28 25.79 13.89
C GLU B 156 2.58 25.18 13.41
N HIS B 157 3.48 26.03 12.95
CA HIS B 157 4.86 25.64 12.64
C HIS B 157 5.75 26.03 13.80
N VAL B 158 6.55 25.07 14.27
CA VAL B 158 7.35 25.21 15.48
C VAL B 158 8.75 24.69 15.21
N LEU B 159 9.74 25.34 15.80
CA LEU B 159 11.11 24.82 15.88
C LEU B 159 11.39 24.44 17.32
N VAL B 160 11.77 23.19 17.53
CA VAL B 160 12.10 22.67 18.85
C VAL B 160 13.63 22.55 18.92
N VAL B 161 14.25 23.35 19.78
CA VAL B 161 15.70 23.35 19.97
C VAL B 161 16.00 22.54 21.23
N CYS B 162 16.86 21.53 21.11
CA CYS B 162 17.16 20.63 22.21
C CYS B 162 18.55 20.88 22.77
N GLN B 163 18.66 20.87 24.09
CA GLN B 163 19.98 20.95 24.73
C GLN B 163 20.50 19.52 24.93
N LEU B 164 20.84 18.89 23.82
CA LEU B 164 21.29 17.52 23.78
C LEU B 164 22.45 17.38 22.79
N PRO B 165 23.30 16.38 22.97
CA PRO B 165 24.40 16.14 22.02
C PRO B 165 23.93 15.33 20.82
N ASP B 166 24.83 15.20 19.85
CA ASP B 166 24.50 14.53 18.59
C ASP B 166 24.04 13.10 18.78
N GLY B 167 24.61 12.38 19.73
CA GLY B 167 24.28 10.97 19.84
C GLY B 167 22.93 10.68 20.47
N VAL B 168 22.26 11.68 21.03
CA VAL B 168 20.98 11.47 21.69
C VAL B 168 19.93 12.41 21.11
N GLY B 169 20.34 13.63 20.77
CA GLY B 169 19.40 14.64 20.35
C GLY B 169 18.85 14.47 18.95
N PRO B 170 17.71 15.11 18.67
CA PRO B 170 17.07 14.95 17.36
C PRO B 170 17.44 16.05 16.38
N TYR B 171 17.66 15.65 15.13
CA TYR B 171 17.80 16.57 14.00
C TYR B 171 16.82 16.06 12.96
N TYR B 172 15.64 16.67 12.87
CA TYR B 172 14.58 16.15 12.01
C TYR B 172 13.63 17.29 11.65
N GLY B 173 12.98 17.15 10.50
CA GLY B 173 11.95 18.08 10.08
C GLY B 173 10.80 17.37 9.38
N GLY B 174 9.57 17.74 9.72
CA GLY B 174 8.41 17.13 9.09
C GLY B 174 7.15 17.96 9.26
N GLY B 175 6.39 18.10 8.18
CA GLY B 175 5.17 18.86 8.26
C GLY B 175 4.60 19.09 6.87
N PHE B 176 3.65 20.02 6.81
CA PHE B 176 2.99 20.36 5.56
C PHE B 176 2.61 21.84 5.61
N SER B 177 1.70 22.25 4.73
CA SER B 177 1.48 23.67 4.53
C SER B 177 0.89 24.35 5.77
N HIS B 178 0.14 23.62 6.59
CA HIS B 178 -0.62 24.24 7.68
C HIS B 178 -0.12 23.84 9.07
N GLN B 179 0.93 23.03 9.16
CA GLN B 179 1.50 22.61 10.43
C GLN B 179 2.83 21.94 10.16
N GLY B 180 3.78 22.12 11.08
CA GLY B 180 5.05 21.44 10.96
C GLY B 180 5.87 21.60 12.21
N THR B 181 6.79 20.67 12.40
CA THR B 181 7.72 20.71 13.51
C THR B 181 9.13 20.40 13.03
N GLY B 182 10.07 21.23 13.44
CA GLY B 182 11.49 20.99 13.20
C GLY B 182 12.23 20.81 14.51
N TRP B 183 13.21 19.91 14.50
CA TRP B 183 14.03 19.62 15.67
C TRP B 183 15.50 19.91 15.37
N THR B 184 16.20 20.48 16.34
CA THR B 184 17.64 20.70 16.24
C THR B 184 18.23 20.66 17.64
N CYS B 185 19.56 20.67 17.70
CA CYS B 185 20.28 20.70 18.96
C CYS B 185 21.24 21.89 18.98
N ASP B 186 21.32 22.54 20.14
CA ASP B 186 22.21 23.67 20.32
C ASP B 186 23.61 23.20 20.68
N GLN B 187 24.60 24.00 20.29
CA GLN B 187 26.00 23.80 20.64
C GLN B 187 26.56 25.14 21.13
N GLU B 188 27.55 25.07 22.02
CA GLU B 188 28.13 26.29 22.57
C GLU B 188 28.63 27.19 21.46
N GLY B 189 28.23 28.46 21.52
CA GLY B 189 28.67 29.48 20.58
C GLY B 189 28.13 29.35 19.18
N LEU B 190 27.15 28.48 18.94
CA LEU B 190 26.58 28.34 17.60
C LEU B 190 25.89 29.64 17.21
N ASP B 191 26.37 30.28 16.15
CA ASP B 191 25.87 31.57 15.70
C ASP B 191 26.24 31.75 14.23
N PRO B 192 25.39 32.37 13.41
CA PRO B 192 25.75 32.60 12.01
C PRO B 192 26.98 33.48 11.84
N ALA B 193 27.38 34.24 12.87
CA ALA B 193 28.61 35.02 12.78
C ALA B 193 29.83 34.13 12.54
N SER B 194 29.75 32.85 12.94
CA SER B 194 30.85 31.92 12.70
C SER B 194 31.04 31.56 11.22
N PHE B 195 30.12 31.97 10.34
CA PHE B 195 30.24 31.62 8.92
C PHE B 195 31.54 32.13 8.31
N LEU B 196 32.12 33.19 8.87
CA LEU B 196 33.38 33.74 8.36
C LEU B 196 34.60 33.07 8.98
N ASP B 197 34.46 32.43 10.13
CA ASP B 197 35.60 31.86 10.84
C ASP B 197 36.14 30.64 10.10
N THR B 198 37.37 30.75 9.61
CA THR B 198 38.06 29.66 8.93
C THR B 198 39.09 28.99 9.82
N GLU B 199 39.13 29.33 11.11
CA GLU B 199 40.10 28.73 12.02
C GLU B 199 39.70 27.30 12.37
N MET B 200 40.71 26.50 12.72
CA MET B 200 40.55 25.09 13.07
C MET B 200 39.96 24.27 11.93
N VAL B 208 35.19 20.64 9.43
CA VAL B 208 36.21 20.74 10.46
C VAL B 208 36.52 22.20 10.80
N THR B 209 36.46 23.11 9.82
CA THR B 209 36.62 24.51 10.19
C THR B 209 35.44 24.96 11.05
N ARG B 210 35.51 26.20 11.53
CA ARG B 210 34.46 26.67 12.42
C ARG B 210 33.31 27.31 11.67
N GLY B 211 33.57 27.74 10.43
CA GLY B 211 32.48 28.14 9.56
C GLY B 211 31.72 26.93 9.02
N LYS B 212 32.44 25.86 8.67
CA LYS B 212 31.78 24.66 8.18
C LYS B 212 30.87 24.06 9.24
N ASN B 213 31.29 24.12 10.50
CA ASN B 213 30.46 23.61 11.59
C ASN B 213 29.15 24.38 11.68
N ALA B 214 29.24 25.71 11.63
CA ALA B 214 28.04 26.53 11.63
C ALA B 214 27.21 26.29 10.38
N THR B 215 27.88 26.09 9.23
CA THR B 215 27.18 25.77 8.01
C THR B 215 26.37 24.49 8.15
N ILE B 216 26.94 23.47 8.79
CA ILE B 216 26.28 22.18 8.89
C ILE B 216 25.00 22.29 9.72
N TYR B 217 25.07 22.92 10.89
CA TYR B 217 23.93 22.90 11.81
C TYR B 217 22.90 23.97 11.46
N ILE B 218 23.33 25.18 11.12
CA ILE B 218 22.37 26.21 10.73
C ILE B 218 21.80 25.89 9.35
N GLY B 219 22.61 25.33 8.47
CA GLY B 219 22.09 24.87 7.19
C GLY B 219 21.18 23.67 7.34
N GLY B 220 21.52 22.75 8.25
CA GLY B 220 20.63 21.64 8.52
C GLY B 220 19.28 22.10 9.03
N THR B 221 19.28 23.11 9.91
CA THR B 221 18.02 23.61 10.43
C THR B 221 17.19 24.26 9.31
N ALA B 222 17.83 25.04 8.44
CA ALA B 222 17.12 25.61 7.31
C ALA B 222 16.52 24.51 6.45
N HIS B 223 17.26 23.43 6.27
CA HIS B 223 16.79 22.29 5.51
C HIS B 223 15.62 21.60 6.21
N GLU B 224 15.78 21.32 7.52
CA GLU B 224 14.70 20.63 8.24
C GLU B 224 13.45 21.48 8.31
N LEU B 225 13.60 22.81 8.40
CA LEU B 225 12.44 23.69 8.36
C LEU B 225 11.74 23.60 7.01
N GLY B 226 12.50 23.43 5.93
CA GLY B 226 11.89 23.22 4.63
C GLY B 226 11.01 22.00 4.60
N HIS B 227 11.46 20.91 5.23
CA HIS B 227 10.63 19.70 5.35
C HIS B 227 9.35 19.98 6.13
N SER B 228 9.45 20.77 7.19
CA SER B 228 8.26 21.06 7.99
C SER B 228 7.26 21.88 7.20
N PHE B 229 7.70 22.61 6.18
CA PHE B 229 6.78 23.34 5.32
C PHE B 229 6.18 22.44 4.23
N GLY B 230 6.57 21.17 4.18
CA GLY B 230 6.04 20.24 3.21
C GLY B 230 6.94 19.93 2.03
N LEU B 231 8.20 20.38 2.07
CA LEU B 231 9.08 20.20 0.91
C LEU B 231 9.76 18.83 0.99
N PRO B 232 9.74 18.06 -0.09
CA PRO B 232 10.58 16.87 -0.14
C PRO B 232 12.00 17.24 -0.52
N HIS B 233 12.76 16.27 -1.01
CA HIS B 233 14.12 16.55 -1.46
C HIS B 233 14.11 16.93 -2.93
N THR B 234 14.91 17.92 -3.27
CA THR B 234 15.15 18.30 -4.66
C THR B 234 16.65 18.56 -4.79
N GLY B 235 17.33 17.68 -5.51
CA GLY B 235 18.76 17.82 -5.71
C GLY B 235 19.06 18.83 -6.81
N ASP B 236 20.32 18.84 -7.23
CA ASP B 236 20.77 19.83 -8.19
C ASP B 236 20.44 19.37 -9.61
N GLY B 237 20.31 20.34 -10.52
CA GLY B 237 19.93 20.05 -11.88
C GLY B 237 20.80 20.80 -12.88
N TRP B 238 20.81 20.28 -14.12
CA TRP B 238 21.64 20.84 -15.18
C TRP B 238 21.33 22.30 -15.44
N ASN B 239 20.08 22.72 -15.21
CA ASN B 239 19.69 24.09 -15.50
C ASN B 239 20.28 25.10 -14.51
N TYR B 240 20.95 24.65 -13.45
CA TYR B 240 21.55 25.55 -12.45
C TYR B 240 22.91 25.00 -12.05
N PRO B 241 23.90 25.08 -12.94
CA PRO B 241 25.22 24.52 -12.63
C PRO B 241 26.11 25.45 -11.82
N ASP B 242 25.82 26.74 -11.77
CA ASP B 242 26.64 27.72 -11.08
C ASP B 242 25.82 28.47 -10.04
N ALA B 243 24.91 27.77 -9.38
CA ALA B 243 24.00 28.39 -8.43
C ALA B 243 24.22 27.93 -7.00
N GLY B 244 25.24 27.12 -6.75
CA GLY B 244 25.39 26.46 -5.46
C GLY B 244 24.60 25.17 -5.42
N ALA B 245 24.42 24.66 -4.20
CA ALA B 245 23.68 23.42 -3.98
C ALA B 245 22.25 23.73 -3.58
N SER B 246 21.29 23.05 -4.21
CA SER B 246 19.89 23.22 -3.86
C SER B 246 19.68 22.94 -2.38
N LEU B 247 18.98 23.86 -1.70
CA LEU B 247 18.82 23.74 -0.25
C LEU B 247 18.22 22.41 0.13
N MET B 248 17.14 22.01 -0.56
CA MET B 248 16.44 20.77 -0.26
C MET B 248 17.12 19.55 -0.85
N GLY B 249 18.32 19.71 -1.42
CA GLY B 249 19.10 18.57 -1.85
C GLY B 249 20.16 18.25 -0.82
N HIS B 250 21.39 18.72 -1.03
CA HIS B 250 22.44 18.67 -0.02
C HIS B 250 22.94 20.06 0.33
N GLY B 251 22.16 21.10 0.02
CA GLY B 251 22.54 22.46 0.36
C GLY B 251 22.62 22.72 1.85
N ASN B 252 22.09 21.83 2.68
CA ASN B 252 22.30 21.92 4.12
C ASN B 252 23.78 21.85 4.48
N SER B 253 24.62 21.30 3.59
CA SER B 253 26.06 21.20 3.81
C SER B 253 26.83 22.39 3.22
N THR B 254 26.18 23.27 2.46
CA THR B 254 26.87 24.44 1.92
C THR B 254 26.23 25.77 2.34
N TYR B 255 25.20 25.73 3.17
CA TYR B 255 24.51 26.95 3.58
C TYR B 255 25.50 27.94 4.19
N GLY B 256 25.63 29.09 3.55
CA GLY B 256 26.49 30.16 4.00
C GLY B 256 27.97 29.93 3.80
N ASP B 257 28.36 28.85 3.12
CA ASP B 257 29.77 28.57 2.93
C ASP B 257 30.43 29.50 1.91
N GLU B 258 29.64 30.31 1.19
CA GLU B 258 30.19 31.29 0.26
C GLU B 258 30.88 32.45 0.97
N LEU B 259 30.81 32.54 2.29
CA LEU B 259 31.47 33.62 3.00
C LEU B 259 32.93 33.29 3.33
N ARG B 260 33.39 32.08 3.03
CA ARG B 260 34.78 31.70 3.22
C ARG B 260 35.24 30.82 2.07
N HIS B 261 36.53 30.89 1.76
CA HIS B 261 37.21 29.98 0.86
C HIS B 261 36.55 29.87 -0.52
N GLU B 262 35.83 30.90 -0.94
CA GLU B 262 35.17 30.94 -2.25
C GLU B 262 34.29 29.71 -2.49
N GLY B 263 33.15 29.68 -1.80
CA GLY B 263 32.20 28.60 -1.92
C GLY B 263 30.93 29.13 -2.58
N LYS B 264 30.06 28.20 -2.96
CA LYS B 264 28.91 28.56 -3.78
C LYS B 264 27.60 28.63 -3.01
N GLY B 265 27.59 28.24 -1.74
CA GLY B 265 26.41 28.41 -0.92
C GLY B 265 25.29 27.44 -1.27
N ALA B 266 24.11 27.78 -0.74
CA ALA B 266 22.89 27.02 -1.00
C ALA B 266 21.83 27.96 -1.54
N TYR B 267 21.12 27.52 -2.57
CA TYR B 267 20.05 28.29 -3.17
C TYR B 267 18.73 27.53 -3.07
N LEU B 268 17.63 28.28 -3.02
CA LEU B 268 16.29 27.70 -2.95
C LEU B 268 15.76 27.43 -4.36
N ALA B 269 15.55 26.16 -4.69
CA ALA B 269 15.18 25.79 -6.05
C ALA B 269 13.86 26.44 -6.44
N PRO B 270 13.71 26.86 -7.70
CA PRO B 270 12.42 27.42 -8.16
C PRO B 270 11.22 26.54 -7.89
N THR B 271 11.39 25.22 -7.96
CA THR B 271 10.29 24.32 -7.67
C THR B 271 9.91 24.37 -6.20
N ASP B 272 10.89 24.53 -5.31
CA ASP B 272 10.57 24.69 -3.90
C ASP B 272 9.92 26.04 -3.64
N ALA B 273 10.41 27.10 -4.30
CA ALA B 273 9.77 28.40 -4.16
C ALA B 273 8.34 28.35 -4.64
N LEU B 274 8.08 27.61 -5.71
CA LEU B 274 6.71 27.44 -6.17
C LEU B 274 5.85 26.78 -5.10
N LYS B 275 6.39 25.78 -4.41
CA LYS B 275 5.59 25.09 -3.39
C LYS B 275 5.30 26.00 -2.20
N LEU B 276 6.30 26.75 -1.74
CA LEU B 276 6.14 27.58 -0.54
C LEU B 276 5.18 28.74 -0.76
N ALA B 277 4.98 29.17 -2.01
CA ALA B 277 4.16 30.34 -2.29
C ALA B 277 2.70 30.15 -1.85
N SER B 278 2.23 28.91 -1.74
CA SER B 278 0.86 28.62 -1.29
C SER B 278 0.80 28.25 0.18
N VAL B 279 1.89 28.41 0.93
CA VAL B 279 1.92 28.11 2.36
C VAL B 279 1.46 29.37 3.10
N PRO B 280 0.42 29.29 3.95
CA PRO B 280 -0.04 30.50 4.65
C PRO B 280 1.05 31.17 5.46
N LEU B 281 1.92 30.37 6.10
CA LEU B 281 3.01 30.96 6.87
C LEU B 281 3.88 31.87 6.01
N PHE B 282 3.96 31.61 4.70
CA PHE B 282 4.78 32.40 3.79
C PHE B 282 3.99 33.52 3.10
N ASN B 283 2.78 33.26 2.65
CA ASN B 283 2.05 34.25 1.88
C ASN B 283 1.15 35.15 2.73
N GLY B 284 1.03 34.89 4.03
CA GLY B 284 0.26 35.74 4.92
C GLY B 284 -1.23 35.68 4.73
N VAL B 285 -1.75 34.68 4.02
CA VAL B 285 -3.18 34.56 3.76
C VAL B 285 -3.67 33.24 4.36
N GLU B 286 -4.69 33.32 5.21
CA GLU B 286 -5.18 32.15 5.95
C GLU B 286 -6.21 31.41 5.11
N THR B 287 -5.72 30.65 4.14
CA THR B 287 -6.58 29.79 3.35
C THR B 287 -6.91 28.51 4.13
N GLU B 288 -8.02 27.88 3.76
CA GLU B 288 -8.52 26.69 4.43
C GLU B 288 -8.18 25.43 3.64
N LEU B 289 -7.81 24.37 4.36
CA LEU B 289 -7.50 23.09 3.72
C LEU B 289 -8.79 22.32 3.41
N PRO B 290 -8.85 21.64 2.28
CA PRO B 290 -10.03 20.82 1.98
C PRO B 290 -10.06 19.56 2.83
N ALA B 291 -11.28 19.03 2.99
CA ALA B 291 -11.48 17.88 3.87
C ALA B 291 -10.73 16.66 3.39
N ASP B 292 -10.55 16.49 2.07
CA ASP B 292 -9.89 15.30 1.55
C ASP B 292 -8.36 15.45 1.44
N ALA B 293 -7.79 16.55 1.95
CA ALA B 293 -6.33 16.67 1.99
C ALA B 293 -5.74 15.51 2.78
N SER B 294 -4.81 14.77 2.17
CA SER B 294 -4.28 13.54 2.73
C SER B 294 -2.76 13.46 2.63
N PHE B 295 -2.15 12.79 3.59
CA PHE B 295 -0.72 12.53 3.49
C PHE B 295 -0.45 11.51 2.38
N GLY B 296 0.80 11.49 1.92
CA GLY B 296 1.21 10.56 0.88
C GLY B 296 2.61 10.04 1.09
N ARG B 297 3.17 9.37 0.07
CA ARG B 297 4.51 8.84 0.21
C ARG B 297 5.56 9.95 0.27
N MET B 298 5.33 11.06 -0.42
CA MET B 298 6.18 12.23 -0.27
C MET B 298 5.54 13.22 0.70
N LEU B 299 6.38 14.11 1.24
CA LEU B 299 5.88 15.11 2.17
C LEU B 299 4.84 16.02 1.52
N GLY B 300 3.96 16.56 2.34
CA GLY B 300 2.86 17.41 1.89
C GLY B 300 1.51 16.71 2.02
N LYS B 301 0.45 17.48 1.73
CA LYS B 301 -0.90 16.95 1.71
C LYS B 301 -1.44 16.95 0.29
N TYR B 302 -2.18 15.90 -0.06
CA TYR B 302 -2.52 15.66 -1.46
C TYR B 302 -4.02 15.42 -1.60
N VAL B 303 -4.52 15.75 -2.79
CA VAL B 303 -5.91 15.50 -3.17
C VAL B 303 -5.91 14.86 -4.55
N PRO B 304 -7.02 14.22 -4.94
CA PRO B 304 -7.08 13.62 -6.28
C PRO B 304 -7.03 14.67 -7.37
N GLY B 305 -6.40 14.30 -8.48
CA GLY B 305 -6.38 15.13 -9.67
C GLY B 305 -6.53 14.27 -10.91
N SER B 306 -6.70 14.93 -12.05
CA SER B 306 -6.85 14.21 -13.31
C SER B 306 -6.37 15.09 -14.45
N PHE B 307 -6.05 14.44 -15.57
CA PHE B 307 -5.53 15.11 -16.75
C PHE B 307 -6.51 14.94 -17.91
N GLU B 308 -6.76 16.04 -18.62
CA GLU B 308 -7.48 15.97 -19.88
C GLU B 308 -6.53 15.61 -21.01
N ARG B 309 -5.25 15.97 -20.86
CA ARG B 309 -4.21 15.70 -21.84
C ARG B 309 -2.89 15.60 -21.09
N LEU B 310 -2.08 14.62 -21.49
CA LEU B 310 -0.78 14.40 -20.88
C LEU B 310 0.16 13.83 -21.94
N GLU B 311 1.29 14.50 -22.17
CA GLU B 311 2.23 14.08 -23.20
C GLU B 311 3.64 14.13 -22.64
N ALA B 312 4.35 13.01 -22.73
CA ALA B 312 5.75 12.89 -22.35
C ALA B 312 6.54 12.53 -23.61
N ILE B 313 7.23 13.51 -24.17
CA ILE B 313 7.92 13.39 -25.45
C ILE B 313 9.41 13.30 -25.17
N PRO B 314 10.11 12.28 -25.66
CA PRO B 314 11.55 12.19 -25.41
C PRO B 314 12.33 13.19 -26.24
N VAL B 315 13.39 13.73 -25.63
CA VAL B 315 14.43 14.50 -26.30
C VAL B 315 15.78 13.95 -25.84
N LYS B 316 16.85 14.47 -26.42
CA LYS B 316 18.19 14.05 -26.05
C LYS B 316 18.43 14.29 -24.56
N ASP B 317 18.64 13.21 -23.81
CA ASP B 317 18.93 13.26 -22.37
C ASP B 317 17.85 14.01 -21.57
N GLY B 318 16.61 13.97 -22.03
CA GLY B 318 15.55 14.69 -21.36
C GLY B 318 14.16 14.26 -21.79
N LEU B 319 13.18 15.03 -21.36
CA LEU B 319 11.77 14.77 -21.61
C LEU B 319 11.02 16.08 -21.71
N ARG B 320 10.14 16.18 -22.69
CA ARG B 320 9.21 17.30 -22.78
C ARG B 320 7.87 16.83 -22.25
N LEU B 321 7.37 17.51 -21.23
CA LEU B 321 6.11 17.17 -20.58
C LEU B 321 5.12 18.31 -20.82
N LYS B 322 4.05 17.99 -21.55
CA LYS B 322 2.99 18.95 -21.82
C LYS B 322 1.65 18.29 -21.59
N GLY B 323 0.64 19.11 -21.35
CA GLY B 323 -0.70 18.59 -21.21
C GLY B 323 -1.64 19.64 -20.65
N ARG B 324 -2.78 19.17 -20.18
CA ARG B 324 -3.81 20.04 -19.66
C ARG B 324 -4.31 19.40 -18.37
N VAL B 325 -4.05 20.06 -17.25
CA VAL B 325 -4.63 19.63 -15.98
C VAL B 325 -6.12 19.95 -16.01
N HIS B 326 -6.94 19.01 -15.58
CA HIS B 326 -8.33 19.33 -15.33
C HIS B 326 -8.42 20.08 -13.99
N LEU B 327 -8.89 21.31 -14.03
CA LEU B 327 -8.95 22.16 -12.85
C LEU B 327 -10.25 21.87 -12.11
N THR B 328 -10.19 20.96 -11.14
CA THR B 328 -11.28 20.80 -10.19
C THR B 328 -11.30 21.94 -9.18
N ARG B 329 -10.15 22.57 -8.96
CA ARG B 329 -9.98 23.69 -8.05
C ARG B 329 -8.94 24.62 -8.65
N PRO B 330 -8.87 25.86 -8.18
CA PRO B 330 -7.81 26.76 -8.67
C PRO B 330 -6.44 26.17 -8.40
N ALA B 331 -5.61 26.13 -9.45
CA ALA B 331 -4.24 25.63 -9.34
C ALA B 331 -3.33 26.58 -10.09
N TYR B 332 -2.11 26.72 -9.59
CA TYR B 332 -1.20 27.73 -10.11
C TYR B 332 0.07 27.17 -10.75
N GLY B 333 0.46 25.94 -10.45
CA GLY B 333 1.72 25.52 -11.02
C GLY B 333 1.84 24.02 -11.02
N ILE B 334 2.94 23.55 -11.59
CA ILE B 334 3.20 22.12 -11.72
C ILE B 334 4.71 21.92 -11.68
N VAL B 335 5.13 20.84 -10.99
CA VAL B 335 6.53 20.54 -10.76
C VAL B 335 6.81 19.11 -11.18
N ALA B 336 7.79 18.93 -12.06
CA ALA B 336 8.22 17.61 -12.51
C ALA B 336 9.57 17.27 -11.89
N HIS B 337 9.68 16.05 -11.37
CA HIS B 337 10.90 15.51 -10.78
C HIS B 337 11.39 14.34 -11.61
N LEU B 338 12.68 14.31 -11.91
CA LEU B 338 13.34 13.11 -12.43
C LEU B 338 14.13 12.49 -11.30
N ASP B 339 13.95 11.20 -11.06
CA ASP B 339 14.51 10.51 -9.89
C ASP B 339 15.08 9.16 -10.28
N PRO B 340 16.40 9.03 -10.39
CA PRO B 340 17.00 7.73 -10.67
C PRO B 340 16.75 6.76 -9.52
N PRO B 341 16.62 5.46 -9.80
CA PRO B 341 16.44 4.50 -8.72
C PRO B 341 17.66 4.50 -7.79
N GLY B 342 17.39 4.26 -6.51
CA GLY B 342 18.42 4.29 -5.50
C GLY B 342 18.72 5.69 -5.01
N GLY B 343 19.35 5.76 -3.83
CA GLY B 343 19.77 7.03 -3.28
C GLY B 343 18.66 7.94 -2.81
N SER B 344 17.46 7.40 -2.58
CA SER B 344 16.32 8.20 -2.14
C SER B 344 16.05 9.32 -3.14
N ASP B 345 15.43 10.40 -2.70
CA ASP B 345 15.18 11.51 -3.62
C ASP B 345 16.27 12.59 -3.56
N TYR B 346 17.41 12.30 -2.92
CA TYR B 346 18.50 13.28 -2.90
C TYR B 346 19.07 13.54 -4.29
N ASP B 347 19.10 12.54 -5.16
CA ASP B 347 19.69 12.66 -6.49
C ASP B 347 18.67 13.07 -7.55
N SER B 348 17.50 13.56 -7.13
CA SER B 348 16.50 13.99 -8.09
C SER B 348 16.79 15.41 -8.58
N ASN B 349 16.23 15.75 -9.74
CA ASN B 349 16.23 17.12 -10.23
C ASN B 349 14.82 17.48 -10.64
N ALA B 350 14.48 18.76 -10.55
CA ALA B 350 13.11 19.20 -10.75
C ALA B 350 13.04 20.45 -11.62
N VAL B 351 11.93 20.58 -12.33
CA VAL B 351 11.63 21.70 -13.21
C VAL B 351 10.20 22.15 -12.94
N GLY B 352 10.02 23.46 -12.82
CA GLY B 352 8.71 24.03 -12.56
C GLY B 352 8.08 24.65 -13.78
N ALA B 353 6.78 24.88 -13.68
CA ALA B 353 6.02 25.54 -14.74
C ALA B 353 4.75 26.10 -14.12
N SER B 354 4.26 27.19 -14.71
CA SER B 354 2.98 27.74 -14.29
C SER B 354 1.87 27.13 -15.13
N LEU B 355 0.65 27.19 -14.60
CA LEU B 355 -0.55 26.75 -15.31
C LEU B 355 -1.36 27.98 -15.71
N ASP B 356 -1.83 28.00 -16.95
CA ASP B 356 -2.68 29.10 -17.39
C ASP B 356 -4.11 28.84 -16.90
N GLU B 357 -5.06 29.65 -17.35
CA GLU B 357 -6.44 29.56 -16.89
C GLU B 357 -7.14 28.28 -17.32
N LYS B 358 -6.61 27.58 -18.32
CA LYS B 358 -7.18 26.32 -18.77
C LYS B 358 -6.45 25.11 -18.22
N GLY B 359 -5.37 25.31 -17.46
CA GLY B 359 -4.61 24.22 -16.90
C GLY B 359 -3.52 23.68 -17.79
N GLU B 360 -3.17 24.38 -18.87
CA GLU B 360 -2.16 23.90 -19.79
C GLU B 360 -0.77 24.25 -19.28
N PHE B 361 0.18 23.35 -19.57
CA PHE B 361 1.55 23.52 -19.16
C PHE B 361 2.45 22.93 -20.22
N ASP B 362 3.71 23.38 -20.23
CA ASP B 362 4.69 22.87 -21.18
C ASP B 362 6.08 23.10 -20.57
N LEU B 363 6.78 22.03 -20.23
CA LEU B 363 8.12 22.14 -19.67
C LEU B 363 9.00 21.04 -20.24
N THR B 364 10.30 21.23 -20.10
CA THR B 364 11.29 20.23 -20.47
C THR B 364 12.21 19.99 -19.28
N ILE B 365 12.49 18.73 -18.98
CA ILE B 365 13.37 18.40 -17.88
C ILE B 365 14.43 17.45 -18.42
N CYS B 366 15.70 17.74 -18.14
CA CYS B 366 16.83 17.06 -18.76
C CYS B 366 17.76 16.48 -17.69
N ARG B 367 18.50 15.44 -18.10
CA ARG B 367 19.57 14.86 -17.29
C ARG B 367 20.71 14.55 -18.23
N PRO B 368 21.51 15.55 -18.59
CA PRO B 368 22.54 15.33 -19.61
C PRO B 368 23.54 14.29 -19.14
N GLY B 369 23.87 13.37 -20.05
CA GLY B 369 24.81 12.31 -19.75
C GLY B 369 24.27 11.19 -18.88
N TYR B 370 22.95 11.15 -18.64
CA TYR B 370 22.39 10.10 -17.81
C TYR B 370 22.53 8.76 -18.50
N LYS B 371 23.08 7.79 -17.78
CA LYS B 371 23.28 6.45 -18.30
C LYS B 371 22.44 5.41 -17.59
N GLY B 372 21.59 5.81 -16.63
CA GLY B 372 20.84 4.85 -15.88
C GLY B 372 19.69 4.19 -16.63
N GLY B 373 19.31 4.72 -17.77
CA GLY B 373 18.20 4.16 -18.52
C GLY B 373 16.85 4.45 -17.90
N PHE B 374 16.38 3.54 -17.05
CA PHE B 374 15.14 3.78 -16.34
C PHE B 374 15.30 4.94 -15.37
N ILE B 375 14.22 5.72 -15.23
CA ILE B 375 14.19 6.82 -14.28
C ILE B 375 12.74 7.10 -13.92
N GLU B 376 12.50 7.44 -12.66
CA GLU B 376 11.16 7.74 -12.19
C GLU B 376 10.83 9.22 -12.40
N MET B 377 9.62 9.49 -12.91
CA MET B 377 9.16 10.86 -13.07
C MET B 377 7.94 11.09 -12.19
N ARG B 378 8.04 12.05 -11.28
CA ARG B 378 6.91 12.49 -10.47
C ARG B 378 6.38 13.80 -11.02
N VAL B 379 5.06 13.90 -11.12
CA VAL B 379 4.39 15.09 -11.62
C VAL B 379 3.43 15.57 -10.56
N ALA B 380 3.64 16.78 -10.06
CA ALA B 380 2.90 17.32 -8.93
C ALA B 380 2.25 18.63 -9.34
N VAL B 381 0.91 18.64 -9.37
CA VAL B 381 0.14 19.87 -9.59
C VAL B 381 0.05 20.61 -8.26
N LEU B 382 0.28 21.92 -8.31
CA LEU B 382 0.24 22.76 -7.12
C LEU B 382 -1.09 23.50 -7.08
N ASN B 383 -1.92 23.18 -6.10
CA ASN B 383 -3.23 23.81 -5.98
C ASN B 383 -3.14 25.07 -5.12
N CYS B 384 -4.01 26.03 -5.45
CA CYS B 384 -4.06 27.27 -4.70
C CYS B 384 -4.48 27.05 -3.25
N ASP B 385 -5.18 25.96 -2.94
CA ASP B 385 -5.56 25.68 -1.57
C ASP B 385 -4.45 24.98 -0.78
N SER B 386 -3.22 25.03 -1.29
CA SER B 386 -1.97 24.55 -0.68
C SER B 386 -1.80 23.04 -0.85
N THR B 387 -2.81 22.30 -1.27
CA THR B 387 -2.62 20.88 -1.49
C THR B 387 -1.93 20.66 -2.83
N ARG B 388 -1.56 19.41 -3.06
CA ARG B 388 -0.95 19.00 -4.32
C ARG B 388 -1.66 17.78 -4.85
N SER B 389 -1.46 17.52 -6.14
CA SER B 389 -1.93 16.32 -6.82
C SER B 389 -0.74 15.72 -7.55
N MET B 390 -0.46 14.45 -7.30
CA MET B 390 0.74 13.82 -7.82
C MET B 390 0.40 12.58 -8.63
N ILE B 391 1.14 12.37 -9.72
CA ILE B 391 1.20 11.08 -10.40
C ILE B 391 2.67 10.73 -10.57
N THR B 392 2.93 9.44 -10.75
CA THR B 392 4.27 8.93 -10.97
C THR B 392 4.25 8.13 -12.26
N LEU B 393 5.23 8.38 -13.13
CA LEU B 393 5.33 7.71 -14.42
C LEU B 393 6.69 7.03 -14.53
N PRO B 394 6.73 5.77 -15.00
CA PRO B 394 8.04 5.11 -15.22
C PRO B 394 8.56 5.42 -16.62
N VAL B 395 9.74 6.02 -16.69
CA VAL B 395 10.25 6.58 -17.93
C VAL B 395 11.61 5.96 -18.26
N TRP B 396 11.85 5.74 -19.55
CA TRP B 396 13.17 5.39 -20.05
C TRP B 396 13.77 6.57 -20.80
N MET B 397 15.01 6.91 -20.47
CA MET B 397 15.66 8.11 -20.98
C MET B 397 17.07 7.78 -21.44
N ASP B 398 17.42 8.23 -22.65
CA ASP B 398 18.79 8.11 -23.15
C ASP B 398 19.02 9.24 -24.14
N ALA B 399 20.12 9.14 -24.89
CA ALA B 399 20.51 10.12 -25.90
C ALA B 399 20.20 9.64 -27.32
N GLU C 18 -42.92 12.71 23.91
CA GLU C 18 -43.24 13.62 22.81
C GLU C 18 -42.58 13.17 21.52
N GLY C 19 -42.51 14.08 20.55
CA GLY C 19 -41.94 13.79 19.25
C GLY C 19 -42.88 13.19 18.24
N ALA C 20 -44.19 13.16 18.51
CA ALA C 20 -45.15 12.58 17.57
C ALA C 20 -45.22 13.35 16.26
N GLU C 21 -44.89 14.64 16.28
CA GLU C 21 -44.96 15.45 15.06
C GLU C 21 -44.05 14.92 13.95
N PHE C 22 -42.89 14.37 14.32
CA PHE C 22 -41.96 13.79 13.36
C PHE C 22 -41.88 12.27 13.50
N THR C 23 -42.90 11.65 14.09
CA THR C 23 -43.01 10.21 14.23
C THR C 23 -41.77 9.62 14.90
N ARG C 24 -41.49 10.12 16.10
CA ARG C 24 -40.35 9.67 16.87
C ARG C 24 -40.40 8.16 17.10
N LEU C 25 -39.28 7.50 16.83
CA LEU C 25 -39.16 6.07 17.01
C LEU C 25 -39.00 5.71 18.49
N PRO C 26 -39.47 4.54 18.90
CA PRO C 26 -39.19 4.04 20.25
C PRO C 26 -37.81 3.41 20.29
N VAL C 27 -37.42 2.99 21.49
CA VAL C 27 -36.22 2.19 21.70
C VAL C 27 -36.66 0.75 21.88
N SER C 28 -36.34 -0.11 20.92
CA SER C 28 -36.87 -1.47 20.87
C SER C 28 -35.83 -2.51 21.26
N TRP C 29 -34.93 -2.16 22.18
CA TRP C 29 -33.89 -3.08 22.64
C TRP C 29 -33.39 -2.62 24.00
N THR C 30 -32.68 -3.52 24.68
CA THR C 30 -32.11 -3.25 26.00
C THR C 30 -30.62 -3.53 25.95
N VAL C 31 -29.81 -2.57 26.42
CA VAL C 31 -28.36 -2.74 26.37
C VAL C 31 -27.93 -3.77 27.40
N ASN C 32 -26.87 -4.51 27.06
CA ASN C 32 -26.31 -5.44 28.03
C ASN C 32 -25.62 -4.66 29.14
N PRO C 33 -25.71 -5.13 30.39
CA PRO C 33 -25.15 -4.35 31.51
C PRO C 33 -23.68 -4.03 31.37
N ARG C 34 -22.87 -4.94 30.83
CA ARG C 34 -21.45 -4.65 30.69
C ARG C 34 -21.22 -3.48 29.72
N ASP C 35 -22.02 -3.39 28.66
CA ASP C 35 -21.83 -2.31 27.69
C ASP C 35 -22.24 -0.97 28.26
N ALA C 36 -23.32 -0.92 29.04
CA ALA C 36 -23.72 0.33 29.68
C ALA C 36 -22.67 0.77 30.70
N ALA C 37 -22.07 -0.18 31.42
CA ALA C 37 -20.99 0.15 32.34
C ALA C 37 -19.76 0.66 31.60
N ASN C 38 -19.46 0.06 30.44
CA ASN C 38 -18.37 0.57 29.61
C ASN C 38 -18.65 2.00 29.15
N ALA C 39 -19.90 2.27 28.77
CA ALA C 39 -20.26 3.59 28.29
C ALA C 39 -20.08 4.64 29.36
N ARG C 40 -20.45 4.31 30.61
CA ARG C 40 -20.31 5.27 31.70
C ARG C 40 -18.84 5.56 32.00
N ALA C 41 -18.00 4.52 32.02
CA ALA C 41 -16.57 4.74 32.23
C ALA C 41 -15.96 5.54 31.09
N ALA C 42 -16.35 5.22 29.85
CA ALA C 42 -15.86 5.98 28.71
C ALA C 42 -16.29 7.44 28.80
N TRP C 43 -17.52 7.68 29.24
CA TRP C 43 -18.00 9.06 29.34
C TRP C 43 -17.31 9.82 30.47
N LYS C 44 -16.97 9.11 31.56
CA LYS C 44 -16.20 9.75 32.62
C LYS C 44 -14.83 10.17 32.10
N THR C 45 -14.17 9.26 31.37
CA THR C 45 -12.86 9.58 30.81
C THR C 45 -12.95 10.73 29.82
N LEU C 46 -13.96 10.70 28.95
CA LEU C 46 -14.12 11.77 27.97
C LEU C 46 -14.44 13.09 28.65
N SER C 47 -15.25 13.06 29.71
CA SER C 47 -15.65 14.28 30.39
C SER C 47 -14.47 14.96 31.06
N ALA C 48 -13.56 14.18 31.63
CA ALA C 48 -12.35 14.77 32.19
C ALA C 48 -11.51 15.42 31.11
N TYR C 49 -11.39 14.75 29.96
CA TYR C 49 -10.67 15.34 28.83
C TYR C 49 -11.34 16.60 28.32
N HIS C 50 -12.66 16.69 28.43
CA HIS C 50 -13.36 17.88 27.92
C HIS C 50 -13.24 19.08 28.85
N ARG C 51 -12.79 18.89 30.09
CA ARG C 51 -12.68 20.00 31.01
C ARG C 51 -11.76 21.07 30.44
N GLY C 52 -12.24 22.30 30.42
CA GLY C 52 -11.41 23.40 29.94
C GLY C 52 -11.34 23.59 28.44
N LYS C 53 -12.01 22.74 27.66
CA LYS C 53 -11.99 22.84 26.20
C LYS C 53 -13.16 23.68 25.69
N PRO C 54 -13.01 24.33 24.55
CA PRO C 54 -14.08 25.20 24.03
C PRO C 54 -15.35 24.42 23.71
N LYS C 55 -16.49 25.10 23.87
CA LYS C 55 -17.75 24.49 23.50
C LYS C 55 -17.94 24.55 21.99
N SER C 56 -18.68 23.58 21.46
CA SER C 56 -18.90 23.45 20.03
C SER C 56 -20.25 24.05 19.64
N SER C 57 -20.29 24.71 18.48
CA SER C 57 -21.53 25.21 17.91
C SER C 57 -21.91 24.49 16.61
N ARG C 58 -21.31 23.33 16.36
CA ARG C 58 -21.52 22.63 15.10
C ARG C 58 -22.98 22.20 14.93
N LYS C 59 -23.43 22.17 13.70
CA LYS C 59 -24.76 21.68 13.35
C LYS C 59 -24.65 20.83 12.10
N LEU C 60 -25.63 19.95 11.92
CA LEU C 60 -25.76 19.18 10.69
C LEU C 60 -26.57 19.99 9.71
N HIS C 61 -25.92 20.56 8.70
CA HIS C 61 -26.58 21.42 7.74
C HIS C 61 -27.18 20.60 6.61
N VAL C 62 -28.29 21.09 6.04
CA VAL C 62 -29.03 20.38 5.01
C VAL C 62 -29.13 21.26 3.77
N VAL C 63 -28.79 20.69 2.62
CA VAL C 63 -28.88 21.37 1.33
C VAL C 63 -29.76 20.55 0.41
N TYR C 64 -30.68 21.23 -0.29
CA TYR C 64 -31.58 20.62 -1.26
C TYR C 64 -31.22 21.13 -2.65
N VAL C 65 -30.89 20.22 -3.55
CA VAL C 65 -30.37 20.57 -4.87
C VAL C 65 -31.39 20.20 -5.93
N THR C 66 -31.83 21.19 -6.70
CA THR C 66 -32.70 20.99 -7.84
C THR C 66 -31.91 21.08 -9.13
N PHE C 67 -32.52 20.64 -10.23
CA PHE C 67 -31.90 20.62 -11.55
C PHE C 67 -32.85 21.21 -12.58
N LYS C 68 -32.33 21.36 -13.80
CA LYS C 68 -33.00 22.16 -14.84
C LYS C 68 -34.41 21.66 -15.10
N ASP C 69 -34.55 20.37 -15.34
CA ASP C 69 -35.85 19.73 -15.53
C ASP C 69 -36.31 18.98 -14.27
N ARG C 70 -35.80 19.37 -13.11
CA ARG C 70 -36.02 18.64 -11.87
C ARG C 70 -36.33 19.61 -10.75
N PRO C 71 -37.57 20.12 -10.70
CA PRO C 71 -37.94 21.04 -9.63
C PRO C 71 -38.19 20.32 -8.32
N ALA C 72 -38.17 21.10 -7.25
CA ALA C 72 -38.32 20.55 -5.91
C ALA C 72 -39.67 19.88 -5.74
N LEU C 73 -39.69 18.78 -4.99
CA LEU C 73 -40.92 18.04 -4.75
C LEU C 73 -41.73 18.71 -3.64
N GLU C 74 -43.04 18.53 -3.73
CA GLU C 74 -43.97 19.21 -2.84
C GLU C 74 -43.70 18.82 -1.38
N GLY C 75 -43.86 19.80 -0.49
CA GLY C 75 -43.75 19.55 0.93
C GLY C 75 -42.37 19.15 1.40
N TYR C 76 -41.33 19.40 0.61
CA TYR C 76 -40.00 18.92 0.99
C TYR C 76 -39.49 19.60 2.26
N ARG C 77 -39.87 20.85 2.49
CA ARG C 77 -39.39 21.54 3.69
C ARG C 77 -39.98 20.92 4.96
N GLU C 78 -41.27 20.61 4.95
CA GLU C 78 -41.87 19.98 6.12
C GLU C 78 -41.43 18.52 6.23
N ARG C 79 -41.33 17.83 5.10
CA ARG C 79 -41.00 16.40 5.16
C ARG C 79 -39.59 16.17 5.69
N TYR C 80 -38.63 16.99 5.26
CA TYR C 80 -37.27 16.81 5.75
C TYR C 80 -37.04 17.43 7.12
N ASP C 81 -37.91 18.35 7.54
CA ASP C 81 -37.95 18.71 8.95
C ASP C 81 -38.33 17.51 9.79
N HIS C 82 -39.26 16.69 9.30
CA HIS C 82 -39.61 15.46 10.01
C HIS C 82 -38.50 14.42 9.90
N ILE C 83 -37.92 14.25 8.71
CA ILE C 83 -36.89 13.23 8.49
C ILE C 83 -35.67 13.50 9.36
N LEU C 84 -35.16 14.75 9.30
CA LEU C 84 -33.96 15.08 10.05
C LEU C 84 -34.20 15.01 11.56
N LYS C 85 -35.35 15.51 12.02
CA LYS C 85 -35.67 15.42 13.45
C LYS C 85 -35.92 13.98 13.88
N ASN C 86 -36.42 13.14 12.97
CA ASN C 86 -36.59 11.72 13.30
C ASN C 86 -35.24 11.07 13.52
N ILE C 87 -34.29 11.31 12.61
CA ILE C 87 -32.95 10.71 12.76
C ILE C 87 -32.23 11.31 13.96
N GLN C 88 -32.41 12.61 14.20
CA GLN C 88 -31.80 13.25 15.35
C GLN C 88 -32.28 12.63 16.66
N ALA C 89 -33.60 12.47 16.80
CA ALA C 89 -34.13 11.86 18.01
C ALA C 89 -33.66 10.42 18.15
N TYR C 90 -33.56 9.71 17.02
CA TYR C 90 -33.09 8.32 17.04
C TYR C 90 -31.68 8.23 17.64
N TYR C 91 -30.74 9.00 17.12
CA TYR C 91 -29.37 8.97 17.64
C TYR C 91 -29.35 9.33 19.12
N ALA C 92 -30.12 10.34 19.50
CA ALA C 92 -30.19 10.74 20.91
C ALA C 92 -30.75 9.60 21.76
N ASP C 93 -31.87 9.01 21.34
CA ASP C 93 -32.46 7.93 22.11
C ASP C 93 -31.56 6.70 22.13
N GLN C 94 -30.89 6.41 21.02
CA GLN C 94 -30.05 5.22 20.99
C GLN C 94 -28.78 5.41 21.81
N MET C 95 -28.17 6.60 21.73
CA MET C 95 -27.00 6.86 22.56
C MET C 95 -27.33 6.76 24.04
N GLN C 96 -28.52 7.25 24.43
CA GLN C 96 -28.96 7.13 25.82
C GLN C 96 -29.22 5.68 26.18
N ALA C 97 -29.86 4.92 25.27
CA ALA C 97 -30.09 3.49 25.52
C ALA C 97 -28.78 2.74 25.74
N ASN C 98 -27.68 3.24 25.18
CA ASN C 98 -26.38 2.60 25.35
C ASN C 98 -25.72 2.91 26.68
N GLY C 99 -26.21 3.92 27.41
CA GLY C 99 -25.63 4.29 28.68
C GLY C 99 -24.96 5.66 28.67
N PHE C 100 -24.92 6.32 27.53
CA PHE C 100 -24.42 7.68 27.40
C PHE C 100 -25.56 8.65 27.69
N PRO C 101 -25.25 9.94 27.82
CA PRO C 101 -26.30 10.95 27.75
C PRO C 101 -26.97 10.90 26.38
N PRO C 102 -28.12 11.55 26.21
CA PRO C 102 -28.77 11.54 24.89
C PRO C 102 -28.03 12.37 23.84
N LEU C 103 -26.81 11.98 23.50
CA LEU C 103 -25.98 12.75 22.58
C LEU C 103 -26.49 12.62 21.15
N THR C 104 -26.49 13.74 20.43
CA THR C 104 -26.92 13.74 19.03
C THR C 104 -26.42 15.02 18.38
N PHE C 105 -26.61 15.10 17.08
CA PHE C 105 -26.27 16.32 16.36
C PHE C 105 -27.35 17.36 16.54
N GLN C 106 -26.93 18.62 16.58
CA GLN C 106 -27.86 19.74 16.60
C GLN C 106 -28.21 20.15 15.18
N LEU C 107 -29.38 20.75 15.02
CA LEU C 107 -29.84 21.23 13.73
C LEU C 107 -29.88 22.74 13.71
N ASP C 108 -29.81 23.29 12.51
CA ASP C 108 -30.00 24.73 12.29
C ASP C 108 -31.51 24.99 12.12
N LEU C 109 -32.12 25.68 13.08
CA LEU C 109 -33.56 25.93 13.09
C LEU C 109 -33.84 27.43 12.98
N ASP C 110 -34.96 27.77 12.34
CA ASP C 110 -35.35 29.17 12.21
C ASP C 110 -36.12 29.59 13.47
N GLU C 111 -36.68 30.80 13.46
CA GLU C 111 -37.35 31.34 14.64
C GLU C 111 -38.56 30.50 15.04
N ARG C 112 -39.18 29.79 14.09
CA ARG C 112 -40.31 28.92 14.38
C ARG C 112 -39.89 27.52 14.83
N GLY C 113 -38.60 27.27 14.97
CA GLY C 113 -38.09 25.96 15.34
C GLY C 113 -38.08 24.93 14.24
N LYS C 114 -38.22 25.35 12.97
CA LYS C 114 -38.24 24.43 11.85
C LYS C 114 -36.87 24.35 11.18
N LEU C 115 -36.60 23.20 10.58
CA LEU C 115 -35.30 22.96 9.97
C LEU C 115 -35.02 23.96 8.86
N VAL C 116 -33.80 24.52 8.88
CA VAL C 116 -33.32 25.36 7.80
C VAL C 116 -32.82 24.47 6.66
N ILE C 117 -33.29 24.74 5.44
CA ILE C 117 -32.89 23.99 4.26
C ILE C 117 -32.38 25.00 3.23
N HIS C 118 -31.09 24.89 2.87
CA HIS C 118 -30.53 25.74 1.84
C HIS C 118 -30.91 25.19 0.47
N ASP C 119 -31.42 26.05 -0.40
CA ASP C 119 -31.84 25.68 -1.74
C ASP C 119 -30.71 25.95 -2.72
N ALA C 120 -30.37 24.95 -3.53
CA ALA C 120 -29.36 25.09 -4.57
C ALA C 120 -29.93 24.54 -5.87
N TYR C 121 -29.58 25.19 -6.99
CA TYR C 121 -30.08 24.80 -8.30
C TYR C 121 -28.89 24.60 -9.23
N VAL C 122 -28.92 23.50 -9.99
CA VAL C 122 -27.89 23.18 -10.97
C VAL C 122 -28.52 23.27 -12.35
N ASP C 123 -28.02 24.17 -13.18
CA ASP C 123 -28.60 24.43 -14.50
C ASP C 123 -28.14 23.37 -15.50
N LYS C 124 -28.47 22.11 -15.19
CA LYS C 124 -28.09 20.99 -16.05
C LYS C 124 -29.27 20.01 -16.10
N PRO C 125 -29.66 19.57 -17.29
CA PRO C 125 -30.70 18.54 -17.39
C PRO C 125 -30.20 17.19 -16.91
N MET C 126 -31.18 16.29 -16.66
CA MET C 126 -30.84 14.94 -16.21
C MET C 126 -29.98 14.20 -17.22
N SER C 127 -30.09 14.54 -18.51
CA SER C 127 -29.25 13.90 -19.51
C SER C 127 -27.78 14.27 -19.35
N GLU C 128 -27.49 15.38 -18.67
CA GLU C 128 -26.11 15.78 -18.39
C GLU C 128 -25.59 15.20 -17.09
N MET C 129 -26.34 14.31 -16.45
CA MET C 129 -25.96 13.72 -15.17
C MET C 129 -25.59 12.25 -15.34
N SER C 130 -24.95 11.71 -14.31
CA SER C 130 -24.62 10.30 -14.21
C SER C 130 -24.45 9.97 -12.74
N VAL C 131 -24.46 8.67 -12.42
CA VAL C 131 -24.28 8.27 -11.03
C VAL C 131 -22.90 8.61 -10.52
N GLN C 132 -21.93 8.79 -11.43
CA GLN C 132 -20.57 9.15 -11.03
C GLN C 132 -20.43 10.64 -10.77
N SER C 133 -21.18 11.48 -11.48
CA SER C 133 -21.00 12.93 -11.37
C SER C 133 -22.06 13.62 -10.53
N SER C 134 -23.19 12.98 -10.23
CA SER C 134 -24.23 13.64 -9.45
C SER C 134 -23.74 13.95 -8.04
N GLY C 135 -22.93 13.06 -7.47
CA GLY C 135 -22.33 13.29 -6.17
C GLY C 135 -21.46 14.53 -6.15
N PRO C 136 -20.41 14.54 -6.97
CA PRO C 136 -19.52 15.73 -7.01
C PRO C 136 -20.22 17.00 -7.44
N VAL C 137 -21.14 16.92 -8.41
CA VAL C 137 -21.83 18.13 -8.88
C VAL C 137 -22.73 18.68 -7.78
N SER C 138 -23.45 17.81 -7.08
CA SER C 138 -24.32 18.28 -5.99
C SER C 138 -23.51 18.81 -4.83
N ARG C 139 -22.31 18.24 -4.58
CA ARG C 139 -21.46 18.77 -3.52
C ARG C 139 -20.97 20.17 -3.88
N GLU C 140 -20.61 20.39 -5.14
CA GLU C 140 -20.17 21.71 -5.55
C GLU C 140 -21.31 22.73 -5.40
N ALA C 141 -22.52 22.36 -5.76
CA ALA C 141 -23.66 23.27 -5.57
C ALA C 141 -23.91 23.53 -4.08
N ALA C 142 -23.74 22.51 -3.24
CA ALA C 142 -23.91 22.72 -1.82
C ALA C 142 -22.80 23.61 -1.26
N ARG C 143 -21.58 23.47 -1.79
CA ARG C 143 -20.48 24.31 -1.33
C ARG C 143 -20.76 25.78 -1.60
N LYS C 144 -21.29 26.09 -2.80
CA LYS C 144 -21.48 27.48 -3.19
C LYS C 144 -22.56 28.15 -2.33
N VAL C 145 -23.70 27.49 -2.14
CA VAL C 145 -24.78 28.11 -1.40
C VAL C 145 -24.44 28.19 0.09
N LEU C 146 -23.77 27.18 0.64
CA LEU C 146 -23.41 27.23 2.06
C LEU C 146 -22.42 28.35 2.33
N ALA C 147 -21.48 28.57 1.41
CA ALA C 147 -20.53 29.66 1.56
C ALA C 147 -21.24 31.01 1.58
N SER C 148 -22.34 31.13 0.83
CA SER C 148 -23.10 32.37 0.84
C SER C 148 -23.64 32.71 2.22
N LYS C 149 -23.83 31.71 3.08
CA LYS C 149 -24.26 31.92 4.46
C LYS C 149 -23.12 31.74 5.46
N GLY C 150 -21.88 31.74 5.00
CA GLY C 150 -20.72 31.63 5.87
C GLY C 150 -20.42 30.23 6.37
N ILE C 151 -20.91 29.20 5.70
CA ILE C 151 -20.70 27.82 6.14
C ILE C 151 -19.74 27.14 5.18
N ASP C 152 -18.60 26.71 5.70
CA ASP C 152 -17.57 26.06 4.90
C ASP C 152 -17.85 24.56 4.88
N ILE C 153 -18.19 24.04 3.71
CA ILE C 153 -18.53 22.63 3.61
C ILE C 153 -17.35 21.73 3.95
N GLU C 154 -16.12 22.25 3.87
CA GLU C 154 -14.93 21.46 4.16
C GLU C 154 -14.68 21.30 5.65
N LYS C 155 -15.47 21.94 6.51
CA LYS C 155 -15.25 21.88 7.95
C LYS C 155 -16.53 21.56 8.72
N GLU C 156 -17.57 21.07 8.05
CA GLU C 156 -18.84 20.80 8.69
C GLU C 156 -19.38 19.44 8.25
N HIS C 157 -20.42 18.98 8.93
CA HIS C 157 -21.17 17.80 8.52
C HIS C 157 -22.41 18.27 7.78
N VAL C 158 -22.64 17.73 6.59
CA VAL C 158 -23.69 18.21 5.70
C VAL C 158 -24.45 17.01 5.15
N LEU C 159 -25.76 17.19 4.97
CA LEU C 159 -26.59 16.25 4.22
C LEU C 159 -27.04 16.93 2.94
N VAL C 160 -26.72 16.33 1.80
CA VAL C 160 -27.08 16.87 0.49
C VAL C 160 -28.25 16.06 -0.05
N VAL C 161 -29.43 16.67 -0.15
CA VAL C 161 -30.62 16.01 -0.66
C VAL C 161 -30.79 16.40 -2.12
N CYS C 162 -30.81 15.41 -3.01
CA CYS C 162 -30.86 15.63 -4.45
C CYS C 162 -32.23 15.29 -5.02
N GLN C 163 -32.69 16.15 -5.93
CA GLN C 163 -33.93 15.88 -6.68
C GLN C 163 -33.57 15.11 -7.96
N LEU C 164 -33.22 13.85 -7.77
CA LEU C 164 -32.82 12.96 -8.84
C LEU C 164 -33.44 11.60 -8.59
N PRO C 165 -33.69 10.83 -9.65
CA PRO C 165 -34.23 9.48 -9.50
C PRO C 165 -33.13 8.45 -9.26
N ASP C 166 -33.55 7.23 -8.95
CA ASP C 166 -32.62 6.14 -8.72
C ASP C 166 -31.82 5.86 -9.98
N GLY C 167 -30.65 5.22 -9.80
CA GLY C 167 -29.74 4.97 -10.89
C GLY C 167 -29.04 6.19 -11.44
N VAL C 168 -29.41 7.39 -11.02
CA VAL C 168 -28.75 8.61 -11.48
C VAL C 168 -28.27 9.41 -10.28
N GLY C 169 -29.11 9.50 -9.24
CA GLY C 169 -28.82 10.27 -8.06
C GLY C 169 -27.88 9.56 -7.10
N PRO C 170 -27.28 10.31 -6.17
CA PRO C 170 -26.32 9.69 -5.25
C PRO C 170 -26.95 9.28 -3.93
N TYR C 171 -26.54 8.09 -3.47
CA TYR C 171 -26.86 7.58 -2.14
C TYR C 171 -25.53 7.17 -1.52
N TYR C 172 -24.97 8.05 -0.68
CA TYR C 172 -23.62 7.81 -0.20
C TYR C 172 -23.41 8.57 1.11
N GLY C 173 -22.51 8.03 1.92
CA GLY C 173 -22.08 8.71 3.13
C GLY C 173 -20.59 8.49 3.33
N GLY C 174 -19.88 9.56 3.67
CA GLY C 174 -18.45 9.46 3.91
C GLY C 174 -17.95 10.64 4.71
N GLY C 175 -17.12 10.38 5.71
CA GLY C 175 -16.57 11.43 6.53
C GLY C 175 -15.85 10.88 7.74
N PHE C 176 -15.57 11.78 8.67
CA PHE C 176 -14.84 11.44 9.89
C PHE C 176 -15.34 12.35 11.01
N SER C 177 -14.59 12.41 12.11
CA SER C 177 -15.09 13.03 13.33
C SER C 177 -15.36 14.53 13.19
N HIS C 178 -14.61 15.22 12.33
CA HIS C 178 -14.68 16.69 12.26
C HIS C 178 -15.21 17.22 10.94
N GLN C 179 -15.62 16.34 10.01
CA GLN C 179 -16.19 16.74 8.73
C GLN C 179 -16.80 15.52 8.08
N GLY C 180 -17.92 15.73 7.38
CA GLY C 180 -18.54 14.64 6.65
C GLY C 180 -19.63 15.15 5.73
N THR C 181 -19.95 14.33 4.73
CA THR C 181 -21.03 14.64 3.81
C THR C 181 -21.83 13.38 3.57
N GLY C 182 -23.15 13.50 3.66
CA GLY C 182 -24.07 12.43 3.31
C GLY C 182 -24.87 12.88 2.09
N TRP C 183 -25.12 11.94 1.18
CA TRP C 183 -25.92 12.20 0.00
C TRP C 183 -27.14 11.31 0.03
N THR C 184 -28.28 11.87 -0.38
CA THR C 184 -29.51 11.10 -0.52
C THR C 184 -30.35 11.76 -1.60
N CYS C 185 -31.44 11.07 -1.97
CA CYS C 185 -32.36 11.56 -2.99
C CYS C 185 -33.77 11.63 -2.42
N ASP C 186 -34.49 12.67 -2.82
CA ASP C 186 -35.88 12.81 -2.39
C ASP C 186 -36.80 12.01 -3.31
N GLN C 187 -37.89 11.52 -2.74
CA GLN C 187 -38.96 10.88 -3.50
C GLN C 187 -40.30 11.44 -3.02
N GLU C 188 -41.29 11.44 -3.92
CA GLU C 188 -42.59 12.04 -3.62
C GLU C 188 -43.18 11.47 -2.33
N GLY C 189 -43.56 12.36 -1.42
CA GLY C 189 -44.22 11.99 -0.18
C GLY C 189 -43.39 11.27 0.85
N LEU C 190 -42.06 11.23 0.70
CA LEU C 190 -41.20 10.56 1.67
C LEU C 190 -41.27 11.29 3.01
N ASP C 191 -41.73 10.58 4.05
CA ASP C 191 -41.92 11.16 5.38
C ASP C 191 -41.91 10.04 6.40
N PRO C 192 -41.34 10.25 7.59
CA PRO C 192 -41.31 9.17 8.59
C PRO C 192 -42.69 8.74 9.06
N ALA C 193 -43.74 9.54 8.83
CA ALA C 193 -45.09 9.10 9.17
C ALA C 193 -45.50 7.85 8.42
N SER C 194 -44.92 7.63 7.24
CA SER C 194 -45.25 6.45 6.44
C SER C 194 -44.77 5.15 7.06
N PHE C 195 -44.04 5.19 8.18
CA PHE C 195 -43.56 3.96 8.82
C PHE C 195 -44.71 3.04 9.19
N LEU C 196 -45.90 3.60 9.45
CA LEU C 196 -47.07 2.81 9.80
C LEU C 196 -47.82 2.26 8.59
N ASP C 197 -47.62 2.86 7.42
CA ASP C 197 -48.41 2.51 6.24
C ASP C 197 -48.04 1.12 5.74
N THR C 198 -49.02 0.21 5.72
CA THR C 198 -48.85 -1.15 5.23
C THR C 198 -49.42 -1.36 3.83
N GLU C 199 -49.84 -0.30 3.15
CA GLU C 199 -50.39 -0.42 1.80
C GLU C 199 -49.28 -0.68 0.79
N MET C 200 -49.66 -1.29 -0.32
CA MET C 200 -48.74 -1.62 -1.42
C MET C 200 -47.65 -2.58 -0.95
N THR C 209 -48.36 4.41 -0.87
CA THR C 209 -46.95 4.14 -0.62
C THR C 209 -46.80 2.97 0.37
N ARG C 210 -45.55 2.59 0.65
CA ARG C 210 -45.26 1.49 1.56
C ARG C 210 -44.48 1.98 2.77
N GLY C 211 -44.60 1.25 3.88
CA GLY C 211 -43.76 1.50 5.04
C GLY C 211 -42.33 1.05 4.83
N LYS C 212 -42.16 -0.11 4.18
CA LYS C 212 -40.81 -0.60 3.87
C LYS C 212 -40.07 0.40 2.99
N ASN C 213 -40.78 1.09 2.11
CA ASN C 213 -40.14 2.10 1.26
C ASN C 213 -39.56 3.23 2.10
N ALA C 214 -40.34 3.74 3.07
CA ALA C 214 -39.85 4.80 3.94
C ALA C 214 -38.73 4.31 4.84
N THR C 215 -38.83 3.07 5.32
CA THR C 215 -37.77 2.49 6.13
C THR C 215 -36.45 2.43 5.36
N ILE C 216 -36.51 2.02 4.10
CA ILE C 216 -35.28 1.83 3.33
C ILE C 216 -34.58 3.16 3.10
N TYR C 217 -35.33 4.20 2.70
CA TYR C 217 -34.69 5.44 2.31
C TYR C 217 -34.32 6.29 3.52
N ILE C 218 -35.20 6.38 4.51
CA ILE C 218 -34.86 7.13 5.72
C ILE C 218 -33.84 6.35 6.55
N GLY C 219 -33.95 5.02 6.55
CA GLY C 219 -32.95 4.22 7.23
C GLY C 219 -31.58 4.28 6.55
N GLY C 220 -31.58 4.32 5.22
CA GLY C 220 -30.32 4.51 4.51
C GLY C 220 -29.65 5.84 4.85
N THR C 221 -30.45 6.90 4.98
CA THR C 221 -29.91 8.20 5.32
C THR C 221 -29.32 8.19 6.73
N ALA C 222 -30.03 7.60 7.69
CA ALA C 222 -29.47 7.48 9.03
C ALA C 222 -28.20 6.64 9.02
N HIS C 223 -28.18 5.58 8.21
CA HIS C 223 -26.99 4.73 8.10
C HIS C 223 -25.84 5.50 7.44
N GLU C 224 -26.13 6.17 6.32
CA GLU C 224 -25.08 6.89 5.61
C GLU C 224 -24.56 8.07 6.42
N LEU C 225 -25.43 8.69 7.24
CA LEU C 225 -24.95 9.72 8.16
C LEU C 225 -23.99 9.13 9.18
N GLY C 226 -24.20 7.87 9.58
CA GLY C 226 -23.22 7.20 10.42
C GLY C 226 -21.86 7.11 9.74
N HIS C 227 -21.85 6.86 8.42
CA HIS C 227 -20.60 6.87 7.69
C HIS C 227 -19.95 8.24 7.72
N SER C 228 -20.77 9.29 7.55
CA SER C 228 -20.26 10.65 7.55
C SER C 228 -19.65 11.04 8.89
N PHE C 229 -20.08 10.40 9.98
CA PHE C 229 -19.47 10.63 11.29
C PHE C 229 -18.20 9.82 11.51
N GLY C 230 -17.79 8.98 10.55
CA GLY C 230 -16.60 8.18 10.71
C GLY C 230 -16.85 6.72 11.05
N LEU C 231 -18.11 6.24 10.98
CA LEU C 231 -18.39 4.85 11.35
C LEU C 231 -18.20 3.94 10.16
N PRO C 232 -17.50 2.82 10.31
CA PRO C 232 -17.53 1.77 9.28
C PRO C 232 -18.76 0.89 9.45
N HIS C 233 -18.74 -0.33 8.89
CA HIS C 233 -19.84 -1.25 9.07
C HIS C 233 -19.63 -2.12 10.31
N THR C 234 -20.71 -2.34 11.05
CA THR C 234 -20.73 -3.26 12.17
C THR C 234 -22.03 -4.06 12.05
N GLY C 235 -21.93 -5.34 11.73
CA GLY C 235 -23.08 -6.20 11.63
C GLY C 235 -23.51 -6.71 13.00
N ASP C 236 -24.40 -7.70 12.97
CA ASP C 236 -25.02 -8.23 14.17
C ASP C 236 -24.13 -9.26 14.86
N GLY C 237 -24.35 -9.40 16.17
CA GLY C 237 -23.51 -10.26 16.97
C GLY C 237 -24.35 -11.10 17.92
N TRP C 238 -23.73 -12.20 18.39
CA TRP C 238 -24.42 -13.15 19.25
C TRP C 238 -24.92 -12.48 20.53
N ASN C 239 -24.22 -11.45 21.01
CA ASN C 239 -24.59 -10.78 22.24
C ASN C 239 -25.86 -9.95 22.12
N TYR C 240 -26.41 -9.77 20.91
CA TYR C 240 -27.64 -8.99 20.71
C TYR C 240 -28.53 -9.67 19.69
N PRO C 241 -29.12 -10.82 20.05
CA PRO C 241 -29.95 -11.55 19.08
C PRO C 241 -31.39 -11.05 18.99
N ASP C 242 -31.86 -10.30 19.98
CA ASP C 242 -33.25 -9.84 20.02
C ASP C 242 -33.30 -8.32 20.14
N ALA C 243 -32.39 -7.63 19.44
CA ALA C 243 -32.30 -6.18 19.53
C ALA C 243 -32.61 -5.49 18.22
N GLY C 244 -33.03 -6.25 17.20
CA GLY C 244 -33.12 -5.72 15.86
C GLY C 244 -31.80 -5.86 15.13
N ALA C 245 -31.71 -5.13 14.02
CA ALA C 245 -30.51 -5.15 13.19
C ALA C 245 -29.67 -3.92 13.47
N SER C 246 -28.37 -4.13 13.67
CA SER C 246 -27.44 -3.03 13.90
C SER C 246 -27.53 -2.01 12.77
N LEU C 247 -27.68 -0.74 13.14
CA LEU C 247 -27.87 0.30 12.15
C LEU C 247 -26.74 0.29 11.10
N MET C 248 -25.49 0.20 11.55
CA MET C 248 -24.35 0.19 10.64
C MET C 248 -24.08 -1.17 10.00
N GLY C 249 -24.96 -2.14 10.19
CA GLY C 249 -24.86 -3.39 9.46
C GLY C 249 -25.83 -3.40 8.30
N HIS C 250 -26.98 -4.04 8.51
CA HIS C 250 -28.08 -3.97 7.55
C HIS C 250 -29.30 -3.31 8.17
N GLY C 251 -29.11 -2.57 9.26
CA GLY C 251 -30.20 -1.85 9.91
C GLY C 251 -30.78 -0.74 9.09
N ASN C 252 -30.09 -0.31 8.03
CA ASN C 252 -30.69 0.65 7.10
C ASN C 252 -31.95 0.09 6.46
N SER C 253 -32.09 -1.24 6.41
CA SER C 253 -33.28 -1.86 5.82
C SER C 253 -34.35 -2.20 6.85
N THR C 254 -34.06 -2.01 8.14
CA THR C 254 -35.06 -2.25 9.19
C THR C 254 -35.34 -1.02 10.04
N TYR C 255 -34.71 0.12 9.74
CA TYR C 255 -34.91 1.33 10.53
C TYR C 255 -36.39 1.69 10.56
N GLY C 256 -36.97 1.69 11.76
CA GLY C 256 -38.38 2.00 11.89
C GLY C 256 -39.31 0.90 11.45
N ASP C 257 -38.80 -0.31 11.17
CA ASP C 257 -39.69 -1.35 10.69
C ASP C 257 -40.63 -1.85 11.78
N GLU C 258 -40.35 -1.52 13.04
CA GLU C 258 -41.32 -1.74 14.10
C GLU C 258 -42.48 -0.76 13.90
N LEU C 259 -43.48 -0.83 14.76
CA LEU C 259 -44.68 -0.01 14.56
C LEU C 259 -45.35 -0.44 13.25
N ARG C 260 -44.73 -1.38 12.55
CA ARG C 260 -45.30 -2.06 11.40
C ARG C 260 -45.07 -3.53 11.68
N HIS C 261 -46.10 -4.18 12.29
CA HIS C 261 -46.33 -5.67 12.46
C HIS C 261 -45.13 -6.25 13.23
N GLU C 262 -44.56 -7.40 12.80
CA GLU C 262 -43.54 -8.00 13.61
C GLU C 262 -42.13 -7.47 13.38
N GLY C 263 -41.98 -6.18 13.04
CA GLY C 263 -40.67 -5.63 12.79
C GLY C 263 -39.90 -5.34 14.07
N LYS C 264 -38.59 -5.60 14.03
CA LYS C 264 -37.73 -5.49 15.20
C LYS C 264 -36.87 -4.24 15.20
N GLY C 265 -36.90 -3.45 14.13
CA GLY C 265 -36.21 -2.17 14.07
C GLY C 265 -34.70 -2.26 13.87
N ALA C 266 -34.05 -1.12 14.10
CA ALA C 266 -32.61 -0.97 14.00
C ALA C 266 -32.09 -0.38 15.29
N TYR C 267 -31.01 -0.95 15.82
CA TYR C 267 -30.39 -0.48 17.05
C TYR C 267 -28.96 -0.04 16.79
N LEU C 268 -28.49 0.91 17.60
CA LEU C 268 -27.14 1.44 17.49
C LEU C 268 -26.18 0.58 18.29
N ALA C 269 -25.24 -0.06 17.61
CA ALA C 269 -24.34 -0.98 18.31
C ALA C 269 -23.56 -0.24 19.39
N PRO C 270 -23.35 -0.85 20.54
CA PRO C 270 -22.54 -0.21 21.60
C PRO C 270 -21.16 0.25 21.13
N THR C 271 -20.55 -0.49 20.22
CA THR C 271 -19.26 -0.07 19.68
C THR C 271 -19.39 1.18 18.83
N ASP C 272 -20.52 1.33 18.12
CA ASP C 272 -20.77 2.55 17.38
C ASP C 272 -21.07 3.72 18.31
N ALA C 273 -21.79 3.47 19.41
CA ALA C 273 -22.03 4.51 20.39
C ALA C 273 -20.73 5.00 21.02
N LEU C 274 -19.82 4.08 21.31
CA LEU C 274 -18.52 4.48 21.86
C LEU C 274 -17.77 5.40 20.91
N LYS C 275 -17.81 5.10 19.61
CA LYS C 275 -17.08 5.91 18.64
C LYS C 275 -17.66 7.32 18.54
N LEU C 276 -18.99 7.44 18.49
CA LEU C 276 -19.62 8.74 18.34
C LEU C 276 -19.44 9.63 19.56
N ALA C 277 -19.21 9.04 20.73
CA ALA C 277 -19.13 9.84 21.96
C ALA C 277 -17.99 10.84 21.92
N SER C 278 -16.95 10.60 21.10
CA SER C 278 -15.82 11.52 20.97
C SER C 278 -15.95 12.43 19.76
N VAL C 279 -17.09 12.46 19.10
CA VAL C 279 -17.31 13.30 17.92
C VAL C 279 -17.81 14.66 18.41
N PRO C 280 -17.15 15.77 18.06
CA PRO C 280 -17.62 17.08 18.56
C PRO C 280 -19.08 17.35 18.24
N LEU C 281 -19.54 16.96 17.05
CA LEU C 281 -20.93 17.16 16.69
C LEU C 281 -21.89 16.48 17.67
N PHE C 282 -21.44 15.42 18.33
CA PHE C 282 -22.28 14.68 19.28
C PHE C 282 -22.05 15.09 20.73
N ASN C 283 -20.79 15.34 21.15
CA ASN C 283 -20.51 15.64 22.54
C ASN C 283 -20.48 17.13 22.84
N GLY C 284 -20.59 17.98 21.80
CA GLY C 284 -20.68 19.42 21.99
C GLY C 284 -19.41 20.09 22.46
N VAL C 285 -18.26 19.42 22.38
CA VAL C 285 -16.99 19.96 22.83
C VAL C 285 -16.06 20.05 21.63
N GLU C 286 -15.51 21.25 21.41
CA GLU C 286 -14.70 21.50 20.22
C GLU C 286 -13.26 21.08 20.53
N THR C 287 -13.03 19.76 20.50
CA THR C 287 -11.68 19.25 20.65
C THR C 287 -10.91 19.43 19.34
N GLU C 288 -9.59 19.47 19.46
CA GLU C 288 -8.72 19.69 18.30
C GLU C 288 -8.13 18.36 17.82
N LEU C 289 -8.05 18.21 16.51
CA LEU C 289 -7.45 17.01 15.97
C LEU C 289 -5.93 17.14 15.96
N PRO C 290 -5.19 16.06 16.22
CA PRO C 290 -3.74 16.12 16.12
C PRO C 290 -3.29 16.19 14.66
N ALA C 291 -2.09 16.73 14.47
CA ALA C 291 -1.55 16.96 13.13
C ALA C 291 -1.35 15.66 12.37
N ASP C 292 -1.03 14.57 13.06
CA ASP C 292 -0.73 13.31 12.39
C ASP C 292 -1.98 12.46 12.17
N ALA C 293 -3.17 12.99 12.44
CA ALA C 293 -4.39 12.26 12.15
C ALA C 293 -4.47 11.96 10.66
N SER C 294 -4.60 10.68 10.30
CA SER C 294 -4.53 10.28 8.91
C SER C 294 -5.68 9.34 8.54
N PHE C 295 -6.09 9.41 7.27
CA PHE C 295 -7.08 8.46 6.78
C PHE C 295 -6.48 7.06 6.72
N GLY C 296 -7.35 6.06 6.65
CA GLY C 296 -6.92 4.67 6.59
C GLY C 296 -7.79 3.80 5.70
N ARG C 297 -7.61 2.47 5.83
CA ARG C 297 -8.41 1.54 5.04
C ARG C 297 -9.87 1.56 5.45
N MET C 298 -10.15 1.74 6.75
CA MET C 298 -11.50 1.94 7.25
C MET C 298 -11.77 3.44 7.43
N LEU C 299 -13.05 3.78 7.48
CA LEU C 299 -13.45 5.17 7.70
C LEU C 299 -12.95 5.68 9.06
N GLY C 300 -12.77 6.99 9.15
CA GLY C 300 -12.24 7.63 10.35
C GLY C 300 -10.82 8.12 10.15
N LYS C 301 -10.31 8.81 11.16
CA LYS C 301 -8.93 9.28 11.15
C LYS C 301 -8.14 8.54 12.23
N TYR C 302 -6.88 8.22 11.94
CA TYR C 302 -6.10 7.32 12.77
C TYR C 302 -4.74 7.92 13.06
N VAL C 303 -4.17 7.50 14.19
CA VAL C 303 -2.82 7.86 14.63
C VAL C 303 -2.11 6.58 15.08
N PRO C 304 -0.78 6.60 15.11
CA PRO C 304 -0.04 5.43 15.59
C PRO C 304 -0.31 5.15 17.07
N GLY C 305 -0.32 3.86 17.41
CA GLY C 305 -0.44 3.43 18.78
C GLY C 305 0.44 2.22 19.03
N SER C 306 0.50 1.81 20.30
CA SER C 306 1.29 0.66 20.69
C SER C 306 0.69 0.04 21.95
N PHE C 307 1.08 -1.21 22.18
CA PHE C 307 0.62 -2.01 23.32
C PHE C 307 1.80 -2.33 24.22
N GLU C 308 1.58 -2.22 25.54
CA GLU C 308 2.55 -2.74 26.50
C GLU C 308 2.35 -4.23 26.74
N ARG C 309 1.12 -4.71 26.57
CA ARG C 309 0.77 -6.11 26.72
C ARG C 309 -0.42 -6.39 25.81
N LEU C 310 -0.40 -7.53 25.15
CA LEU C 310 -1.49 -7.90 24.23
C LEU C 310 -1.62 -9.42 24.23
N GLU C 311 -2.83 -9.91 24.53
CA GLU C 311 -3.08 -11.33 24.64
C GLU C 311 -4.37 -11.68 23.91
N ALA C 312 -4.29 -12.65 23.00
CA ALA C 312 -5.46 -13.18 22.30
C ALA C 312 -5.58 -14.65 22.67
N ILE C 313 -6.49 -14.98 23.58
CA ILE C 313 -6.63 -16.32 24.13
C ILE C 313 -7.88 -16.96 23.53
N PRO C 314 -7.77 -18.15 22.95
CA PRO C 314 -8.97 -18.78 22.35
C PRO C 314 -9.94 -19.27 23.41
N VAL C 315 -11.23 -19.14 23.08
CA VAL C 315 -12.33 -19.74 23.85
C VAL C 315 -13.20 -20.47 22.82
N LYS C 316 -14.13 -21.30 23.30
CA LYS C 316 -15.04 -22.01 22.40
C LYS C 316 -15.81 -21.01 21.54
N ASP C 317 -15.60 -21.08 20.23
CA ASP C 317 -16.30 -20.21 19.28
C ASP C 317 -16.10 -18.73 19.61
N GLY C 318 -14.98 -18.38 20.21
CA GLY C 318 -14.75 -17.01 20.60
C GLY C 318 -13.29 -16.77 20.92
N LEU C 319 -13.02 -15.57 21.44
CA LEU C 319 -11.66 -15.16 21.75
C LEU C 319 -11.69 -14.18 22.90
N ARG C 320 -10.79 -14.37 23.86
CA ARG C 320 -10.61 -13.43 24.95
C ARG C 320 -9.43 -12.54 24.60
N LEU C 321 -9.68 -11.23 24.53
CA LEU C 321 -8.68 -10.24 24.19
C LEU C 321 -8.46 -9.36 25.42
N LYS C 322 -7.27 -9.41 25.98
CA LYS C 322 -6.94 -8.57 27.12
C LYS C 322 -5.54 -8.00 26.89
N GLY C 323 -5.25 -6.91 27.57
CA GLY C 323 -3.93 -6.32 27.43
C GLY C 323 -3.88 -4.94 28.04
N ARG C 324 -2.85 -4.20 27.64
CA ARG C 324 -2.60 -2.85 28.14
C ARG C 324 -2.16 -1.98 26.97
N VAL C 325 -3.00 -1.02 26.61
CA VAL C 325 -2.64 0.00 25.63
C VAL C 325 -1.61 0.93 26.26
N HIS C 326 -0.55 1.25 25.53
CA HIS C 326 0.32 2.33 25.96
C HIS C 326 -0.34 3.67 25.66
N LEU C 327 -0.58 4.47 26.70
CA LEU C 327 -1.31 5.73 26.55
C LEU C 327 -0.35 6.83 26.14
N THR C 328 -0.22 7.04 24.82
CA THR C 328 0.46 8.23 24.33
C THR C 328 -0.41 9.47 24.49
N ARG C 329 -1.71 9.28 24.50
CA ARG C 329 -2.68 10.36 24.67
C ARG C 329 -3.84 9.78 25.46
N PRO C 330 -4.69 10.62 26.04
CA PRO C 330 -5.88 10.09 26.72
C PRO C 330 -6.73 9.27 25.76
N ALA C 331 -7.11 8.07 26.20
CA ALA C 331 -7.98 7.19 25.44
C ALA C 331 -9.01 6.59 26.38
N TYR C 332 -10.22 6.36 25.86
CA TYR C 332 -11.35 5.99 26.69
C TYR C 332 -11.92 4.60 26.42
N GLY C 333 -11.67 4.03 25.25
CA GLY C 333 -12.30 2.75 24.95
C GLY C 333 -11.56 1.99 23.88
N ILE C 334 -12.06 0.79 23.61
CA ILE C 334 -11.46 -0.10 22.63
C ILE C 334 -12.56 -0.97 22.02
N VAL C 335 -12.46 -1.19 20.71
CA VAL C 335 -13.46 -1.92 19.95
C VAL C 335 -12.77 -3.05 19.19
N ALA C 336 -13.25 -4.26 19.36
CA ALA C 336 -12.75 -5.42 18.64
C ALA C 336 -13.77 -5.84 17.59
N HIS C 337 -13.31 -6.09 16.37
CA HIS C 337 -14.15 -6.55 15.28
C HIS C 337 -13.70 -7.94 14.85
N LEU C 338 -14.65 -8.85 14.66
CA LEU C 338 -14.43 -10.13 14.00
C LEU C 338 -15.05 -10.07 12.62
N ASP C 339 -14.26 -10.40 11.60
CA ASP C 339 -14.65 -10.18 10.21
C ASP C 339 -14.28 -11.39 9.37
N PRO C 340 -15.24 -12.24 9.02
CA PRO C 340 -14.95 -13.35 8.13
C PRO C 340 -14.55 -12.84 6.75
N PRO C 341 -13.67 -13.57 6.05
CA PRO C 341 -13.29 -13.13 4.70
C PRO C 341 -14.51 -13.12 3.77
N GLY C 342 -14.49 -12.17 2.84
CA GLY C 342 -15.60 -12.01 1.91
C GLY C 342 -16.74 -11.19 2.49
N GLY C 343 -17.58 -10.68 1.60
CA GLY C 343 -18.76 -9.95 2.01
C GLY C 343 -18.53 -8.60 2.63
N SER C 344 -17.36 -7.99 2.41
CA SER C 344 -17.02 -6.70 3.02
C SER C 344 -17.11 -6.80 4.54
N ASP C 345 -17.30 -5.67 5.21
CA ASP C 345 -17.42 -5.67 6.66
C ASP C 345 -18.87 -5.71 7.13
N TYR C 346 -19.83 -6.00 6.22
CA TYR C 346 -21.23 -6.11 6.60
C TYR C 346 -21.47 -7.27 7.56
N ASP C 347 -20.72 -8.37 7.42
CA ASP C 347 -20.92 -9.56 8.25
C ASP C 347 -20.03 -9.58 9.50
N SER C 348 -19.42 -8.45 9.86
CA SER C 348 -18.59 -8.42 11.05
C SER C 348 -19.44 -8.24 12.30
N ASN C 349 -18.88 -8.65 13.43
CA ASN C 349 -19.51 -8.41 14.72
C ASN C 349 -18.48 -7.77 15.64
N ALA C 350 -18.96 -6.94 16.59
CA ALA C 350 -18.06 -6.13 17.38
C ALA C 350 -18.42 -6.16 18.85
N VAL C 351 -17.39 -5.99 19.69
CA VAL C 351 -17.52 -5.94 21.13
C VAL C 351 -16.68 -4.78 21.64
N GLY C 352 -17.24 -4.02 22.57
CA GLY C 352 -16.56 -2.88 23.15
C GLY C 352 -16.03 -3.13 24.56
N ALA C 353 -15.12 -2.26 24.98
CA ALA C 353 -14.57 -2.32 26.32
C ALA C 353 -14.01 -0.95 26.66
N SER C 354 -14.05 -0.60 27.93
CA SER C 354 -13.48 0.67 28.37
C SER C 354 -12.03 0.47 28.79
N LEU C 355 -11.28 1.57 28.83
CA LEU C 355 -9.90 1.57 29.27
C LEU C 355 -9.79 2.20 30.64
N ASP C 356 -9.01 1.59 31.53
CA ASP C 356 -8.76 2.20 32.83
C ASP C 356 -7.64 3.23 32.69
N GLU C 357 -7.21 3.80 33.81
CA GLU C 357 -6.25 4.89 33.78
C GLU C 357 -4.87 4.43 33.33
N LYS C 358 -4.59 3.13 33.36
CA LYS C 358 -3.31 2.60 32.92
C LYS C 358 -3.35 2.05 31.50
N GLY C 359 -4.52 2.07 30.85
CA GLY C 359 -4.67 1.52 29.53
C GLY C 359 -5.06 0.06 29.48
N GLU C 360 -5.49 -0.52 30.60
CA GLU C 360 -5.84 -1.94 30.64
C GLU C 360 -7.25 -2.14 30.09
N PHE C 361 -7.44 -3.27 29.41
CA PHE C 361 -8.73 -3.65 28.86
C PHE C 361 -8.84 -5.16 28.93
N ASP C 362 -10.09 -5.63 28.92
CA ASP C 362 -10.36 -7.06 28.97
C ASP C 362 -11.75 -7.26 28.39
N LEU C 363 -11.83 -7.93 27.24
CA LEU C 363 -13.12 -8.18 26.59
C LEU C 363 -13.13 -9.58 25.99
N THR C 364 -14.33 -10.06 25.69
CA THR C 364 -14.51 -11.34 25.02
C THR C 364 -15.45 -11.14 23.84
N ILE C 365 -15.08 -11.69 22.69
CA ILE C 365 -15.86 -11.56 21.47
C ILE C 365 -16.06 -12.95 20.89
N CYS C 366 -17.30 -13.29 20.56
CA CYS C 366 -17.65 -14.64 20.18
C CYS C 366 -18.30 -14.67 18.80
N ARG C 367 -18.21 -15.82 18.16
CA ARG C 367 -18.95 -16.09 16.93
C ARG C 367 -19.41 -17.53 16.98
N PRO C 368 -20.52 -17.80 17.66
CA PRO C 368 -20.96 -19.19 17.87
C PRO C 368 -21.30 -19.89 16.57
N GLY C 369 -20.83 -21.13 16.44
CA GLY C 369 -21.10 -21.93 15.26
C GLY C 369 -20.32 -21.54 14.03
N TYR C 370 -19.30 -20.69 14.16
CA TYR C 370 -18.51 -20.27 13.01
C TYR C 370 -17.74 -21.45 12.44
N LYS C 371 -17.82 -21.63 11.13
CA LYS C 371 -17.14 -22.74 10.47
C LYS C 371 -16.07 -22.28 9.48
N GLY C 372 -15.84 -20.98 9.34
CA GLY C 372 -14.87 -20.51 8.37
C GLY C 372 -13.42 -20.72 8.77
N GLY C 373 -13.14 -21.04 10.03
CA GLY C 373 -11.76 -21.20 10.44
C GLY C 373 -11.07 -19.86 10.58
N PHE C 374 -10.48 -19.38 9.49
N PHE C 374 -10.49 -19.37 9.48
CA PHE C 374 -9.80 -18.09 9.54
CA PHE C 374 -9.82 -18.08 9.49
C PHE C 374 -10.82 -16.96 9.70
C PHE C 374 -10.83 -16.95 9.69
N ILE C 375 -10.45 -15.97 10.49
CA ILE C 375 -11.26 -14.77 10.66
C ILE C 375 -10.34 -13.60 10.96
N GLU C 376 -10.69 -12.43 10.44
CA GLU C 376 -9.90 -11.23 10.67
C GLU C 376 -10.37 -10.55 11.95
N MET C 377 -9.42 -10.11 12.77
CA MET C 377 -9.72 -9.35 13.98
C MET C 377 -9.11 -7.96 13.87
N ARG C 378 -9.95 -6.94 13.94
CA ARG C 378 -9.52 -5.57 14.02
C ARG C 378 -9.66 -5.08 15.46
N VAL C 379 -8.63 -4.39 15.95
CA VAL C 379 -8.62 -3.82 17.30
C VAL C 379 -8.37 -2.32 17.16
N ALA C 380 -9.32 -1.52 17.64
CA ALA C 380 -9.29 -0.07 17.48
C ALA C 380 -9.33 0.60 18.85
N VAL C 381 -8.25 1.27 19.23
CA VAL C 381 -8.22 2.08 20.45
C VAL C 381 -8.89 3.41 20.14
N LEU C 382 -9.79 3.85 21.03
CA LEU C 382 -10.56 5.07 20.84
C LEU C 382 -9.90 6.18 21.66
N ASN C 383 -9.36 7.18 20.97
CA ASN C 383 -8.68 8.28 21.63
C ASN C 383 -9.66 9.40 21.95
N CYS C 384 -9.37 10.12 23.05
CA CYS C 384 -10.24 11.22 23.43
C CYS C 384 -10.22 12.36 22.41
N ASP C 385 -9.16 12.47 21.62
CA ASP C 385 -9.07 13.50 20.58
C ASP C 385 -9.80 13.12 19.29
N SER C 386 -10.69 12.13 19.33
CA SER C 386 -11.55 11.68 18.24
C SER C 386 -10.83 10.74 17.26
N THR C 387 -9.50 10.64 17.31
CA THR C 387 -8.79 9.72 16.45
C THR C 387 -8.84 8.30 17.04
N ARG C 388 -8.38 7.33 16.25
CA ARG C 388 -8.31 5.95 16.68
C ARG C 388 -6.94 5.40 16.32
N SER C 389 -6.63 4.25 16.92
CA SER C 389 -5.43 3.48 16.61
C SER C 389 -5.84 2.05 16.35
N MET C 390 -5.45 1.52 15.20
CA MET C 390 -5.95 0.22 14.77
C MET C 390 -4.80 -0.71 14.44
N ILE C 391 -4.97 -1.99 14.80
CA ILE C 391 -4.13 -3.07 14.31
C ILE C 391 -5.06 -4.17 13.80
N THR C 392 -4.49 -5.05 12.96
CA THR C 392 -5.22 -6.18 12.42
C THR C 392 -4.44 -7.45 12.73
N LEU C 393 -5.16 -8.48 13.20
CA LEU C 393 -4.55 -9.76 13.54
C LEU C 393 -5.23 -10.89 12.79
N PRO C 394 -4.46 -11.82 12.24
CA PRO C 394 -5.07 -12.99 11.61
C PRO C 394 -5.29 -14.12 12.61
N VAL C 395 -6.54 -14.55 12.76
CA VAL C 395 -6.94 -15.45 13.83
C VAL C 395 -7.59 -16.69 13.23
N TRP C 396 -7.34 -17.83 13.86
CA TRP C 396 -8.06 -19.07 13.56
C TRP C 396 -8.98 -19.37 14.73
N MET C 397 -10.25 -19.64 14.43
CA MET C 397 -11.30 -19.76 15.43
C MET C 397 -12.15 -20.99 15.13
N ASP C 398 -12.37 -21.82 16.16
CA ASP C 398 -13.27 -22.96 16.03
C ASP C 398 -13.83 -23.29 17.42
N ALA C 399 -14.46 -24.46 17.53
CA ALA C 399 -15.05 -24.93 18.78
C ALA C 399 -14.14 -25.93 19.47
N ALA D 20 42.37 -24.59 3.67
CA ALA D 20 43.52 -23.72 3.88
C ALA D 20 43.97 -23.10 2.56
N GLU D 21 43.69 -23.81 1.46
CA GLU D 21 44.04 -23.28 0.14
C GLU D 21 43.31 -21.98 -0.16
N PHE D 22 42.07 -21.85 0.33
CA PHE D 22 41.27 -20.64 0.13
C PHE D 22 41.10 -19.83 1.40
N THR D 23 42.00 -19.98 2.38
CA THR D 23 42.01 -19.23 3.63
C THR D 23 40.66 -19.36 4.35
N ARG D 24 40.30 -20.61 4.64
CA ARG D 24 39.05 -20.94 5.32
C ARG D 24 38.93 -20.23 6.66
N LEU D 25 37.76 -19.64 6.91
CA LEU D 25 37.57 -18.91 8.16
C LEU D 25 37.34 -19.87 9.33
N PRO D 26 37.76 -19.50 10.54
CA PRO D 26 37.45 -20.28 11.73
C PRO D 26 36.04 -19.99 12.23
N VAL D 27 35.63 -20.75 13.23
CA VAL D 27 34.39 -20.50 13.94
C VAL D 27 34.75 -19.81 15.25
N SER D 28 34.42 -18.52 15.36
CA SER D 28 34.88 -17.71 16.48
C SER D 28 33.76 -17.37 17.45
N TRP D 29 32.81 -18.27 17.60
CA TRP D 29 31.69 -18.05 18.51
C TRP D 29 31.10 -19.40 18.85
N THR D 30 30.30 -19.42 19.92
CA THR D 30 29.65 -20.64 20.38
C THR D 30 28.16 -20.38 20.50
N VAL D 31 27.35 -21.26 19.92
CA VAL D 31 25.91 -21.07 19.94
C VAL D 31 25.38 -21.30 21.35
N ASN D 32 24.33 -20.56 21.70
CA ASN D 32 23.66 -20.80 22.97
C ASN D 32 22.91 -22.13 22.92
N PRO D 33 22.84 -22.87 24.03
CA PRO D 33 22.22 -24.20 23.96
C PRO D 33 20.77 -24.19 23.49
N ARG D 34 20.00 -23.18 23.88
CA ARG D 34 18.61 -23.14 23.45
C ARG D 34 18.50 -22.99 21.93
N ASP D 35 19.42 -22.23 21.32
CA ASP D 35 19.38 -22.07 19.88
C ASP D 35 19.77 -23.36 19.16
N ALA D 36 20.73 -24.09 19.73
CA ALA D 36 21.09 -25.38 19.14
C ALA D 36 19.93 -26.36 19.22
N ALA D 37 19.21 -26.36 20.34
CA ALA D 37 18.04 -27.23 20.45
C ALA D 37 16.97 -26.81 19.48
N ASN D 38 16.82 -25.50 19.25
CA ASN D 38 15.87 -25.03 18.24
C ASN D 38 16.27 -25.54 16.85
N ALA D 39 17.55 -25.49 16.52
CA ALA D 39 17.98 -25.95 15.21
C ALA D 39 17.74 -27.45 15.06
N ARG D 40 18.00 -28.23 16.12
CA ARG D 40 17.78 -29.67 16.04
C ARG D 40 16.30 -29.99 15.86
N ALA D 41 15.43 -29.29 16.58
CA ALA D 41 13.99 -29.51 16.41
C ALA D 41 13.52 -29.06 15.03
N ALA D 42 14.00 -27.92 14.55
CA ALA D 42 13.61 -27.46 13.21
C ALA D 42 14.07 -28.42 12.13
N TRP D 43 15.28 -28.96 12.26
CA TRP D 43 15.80 -29.87 11.25
C TRP D 43 15.07 -31.20 11.25
N LYS D 44 14.61 -31.67 12.42
CA LYS D 44 13.80 -32.87 12.47
C LYS D 44 12.47 -32.65 11.75
N THR D 45 11.83 -31.51 12.00
CA THR D 45 10.58 -31.20 11.31
C THR D 45 10.79 -31.08 9.80
N LEU D 46 11.85 -30.38 9.39
CA LEU D 46 12.09 -30.24 7.95
C LEU D 46 12.43 -31.58 7.31
N SER D 47 13.16 -32.44 8.03
CA SER D 47 13.55 -33.72 7.45
C SER D 47 12.35 -34.60 7.15
N ALA D 48 11.35 -34.59 8.04
CA ALA D 48 10.12 -35.36 7.78
C ALA D 48 9.38 -34.84 6.56
N TYR D 49 9.31 -33.51 6.41
CA TYR D 49 8.70 -32.90 5.24
C TYR D 49 9.46 -33.25 3.96
N HIS D 50 10.79 -33.41 4.06
CA HIS D 50 11.61 -33.74 2.89
C HIS D 50 11.52 -35.21 2.49
N ARG D 51 10.95 -36.06 3.33
CA ARG D 51 10.83 -37.49 3.03
C ARG D 51 10.03 -37.70 1.76
N GLY D 52 10.60 -38.46 0.81
CA GLY D 52 9.94 -38.75 -0.44
C GLY D 52 10.04 -37.66 -1.48
N LYS D 53 10.67 -36.53 -1.17
CA LYS D 53 10.70 -35.49 -2.18
C LYS D 53 11.97 -35.60 -3.02
N PRO D 54 11.94 -35.14 -4.27
CA PRO D 54 13.11 -35.25 -5.14
C PRO D 54 14.28 -34.46 -4.57
N LYS D 55 15.48 -34.96 -4.83
CA LYS D 55 16.69 -34.27 -4.42
C LYS D 55 16.96 -33.11 -5.37
N SER D 56 17.62 -32.08 -4.85
CA SER D 56 17.92 -30.90 -5.62
C SER D 56 19.35 -30.97 -6.14
N SER D 57 19.54 -30.52 -7.39
CA SER D 57 20.87 -30.39 -7.97
C SER D 57 21.26 -28.92 -8.20
N ARG D 58 20.59 -28.00 -7.51
CA ARG D 58 20.85 -26.58 -7.71
C ARG D 58 22.28 -26.25 -7.32
N LYS D 59 22.84 -25.25 -8.00
CA LYS D 59 24.16 -24.73 -7.69
C LYS D 59 24.10 -23.22 -7.73
N LEU D 60 25.03 -22.58 -7.03
CA LEU D 60 25.23 -21.15 -7.10
C LEU D 60 26.19 -20.87 -8.25
N HIS D 61 25.67 -20.33 -9.34
CA HIS D 61 26.47 -20.11 -10.54
C HIS D 61 27.15 -18.75 -10.48
N VAL D 62 28.33 -18.66 -11.11
CA VAL D 62 29.14 -17.46 -11.08
C VAL D 62 29.39 -16.99 -12.51
N VAL D 63 29.12 -15.71 -12.74
CA VAL D 63 29.33 -15.05 -14.03
C VAL D 63 30.28 -13.89 -13.81
N TYR D 64 31.27 -13.75 -14.69
CA TYR D 64 32.21 -12.63 -14.68
C TYR D 64 31.94 -11.78 -15.92
N VAL D 65 31.64 -10.51 -15.71
CA VAL D 65 31.21 -9.63 -16.79
C VAL D 65 32.30 -8.60 -17.03
N THR D 66 32.81 -8.58 -18.25
CA THR D 66 33.74 -7.55 -18.70
C THR D 66 33.01 -6.54 -19.56
N PHE D 67 33.68 -5.40 -19.79
CA PHE D 67 33.13 -4.30 -20.56
C PHE D 67 34.14 -3.87 -21.60
N LYS D 68 33.70 -2.96 -22.48
CA LYS D 68 34.48 -2.63 -23.68
C LYS D 68 35.89 -2.17 -23.32
N ASP D 69 36.02 -1.24 -22.38
CA ASP D 69 37.32 -0.79 -21.90
C ASP D 69 37.67 -1.39 -20.55
N ARG D 70 37.09 -2.54 -20.21
CA ARG D 70 37.26 -3.15 -18.88
C ARG D 70 37.54 -4.64 -19.05
N PRO D 71 38.77 -5.00 -19.39
CA PRO D 71 39.10 -6.42 -19.54
C PRO D 71 39.23 -7.10 -18.19
N ALA D 72 39.14 -8.43 -18.22
CA ALA D 72 39.17 -9.20 -16.99
C ALA D 72 40.48 -8.99 -16.24
N LEU D 73 40.40 -8.94 -14.91
CA LEU D 73 41.57 -8.72 -14.09
C LEU D 73 42.34 -10.01 -13.89
N GLU D 74 43.65 -9.88 -13.69
CA GLU D 74 44.54 -11.02 -13.64
C GLU D 74 44.13 -12.00 -12.53
N GLY D 75 44.23 -13.30 -12.85
CA GLY D 75 44.00 -14.35 -11.87
C GLY D 75 42.59 -14.46 -11.34
N TYR D 76 41.60 -13.89 -12.04
CA TYR D 76 40.25 -13.85 -11.50
C TYR D 76 39.66 -15.24 -11.34
N ARG D 77 40.06 -16.19 -12.18
CA ARG D 77 39.50 -17.53 -12.06
C ARG D 77 39.99 -18.22 -10.79
N GLU D 78 41.27 -18.11 -10.49
CA GLU D 78 41.78 -18.71 -9.27
C GLU D 78 41.33 -17.92 -8.05
N ARG D 79 41.31 -16.59 -8.15
CA ARG D 79 40.95 -15.76 -7.01
C ARG D 79 39.48 -15.95 -6.64
N TYR D 80 38.60 -16.05 -7.64
CA TYR D 80 37.19 -16.25 -7.31
C TYR D 80 36.87 -17.71 -7.02
N ASP D 81 37.72 -18.65 -7.45
CA ASP D 81 37.63 -20.00 -6.89
C ASP D 81 37.90 -19.97 -5.39
N HIS D 82 38.85 -19.14 -4.95
CA HIS D 82 39.13 -18.98 -3.53
C HIS D 82 38.00 -18.25 -2.81
N ILE D 83 37.48 -17.19 -3.42
CA ILE D 83 36.44 -16.40 -2.78
C ILE D 83 35.17 -17.23 -2.60
N LEU D 84 34.73 -17.93 -3.66
CA LEU D 84 33.47 -18.67 -3.59
C LEU D 84 33.55 -19.84 -2.61
N LYS D 85 34.68 -20.56 -2.63
CA LYS D 85 34.84 -21.66 -1.69
C LYS D 85 34.96 -21.16 -0.27
N ASN D 86 35.51 -19.95 -0.08
CA ASN D 86 35.59 -19.38 1.26
C ASN D 86 34.21 -19.10 1.82
N ILE D 87 33.33 -18.48 1.02
CA ILE D 87 31.98 -18.20 1.48
C ILE D 87 31.18 -19.50 1.65
N GLN D 88 31.40 -20.46 0.75
CA GLN D 88 30.77 -21.77 0.87
C GLN D 88 31.15 -22.44 2.19
N ALA D 89 32.44 -22.49 2.50
CA ALA D 89 32.88 -23.08 3.76
C ALA D 89 32.38 -22.28 4.95
N TYR D 90 32.32 -20.95 4.81
CA TYR D 90 31.81 -20.12 5.89
C TYR D 90 30.36 -20.49 6.24
N TYR D 91 29.48 -20.52 5.23
CA TYR D 91 28.09 -20.87 5.50
C TYR D 91 27.97 -22.27 6.08
N ALA D 92 28.77 -23.21 5.56
CA ALA D 92 28.74 -24.57 6.09
C ALA D 92 29.17 -24.61 7.55
N ASP D 93 30.30 -23.98 7.89
CA ASP D 93 30.77 -24.02 9.27
C ASP D 93 29.81 -23.27 10.19
N GLN D 94 29.23 -22.17 9.70
CA GLN D 94 28.33 -21.39 10.53
C GLN D 94 27.00 -22.11 10.73
N MET D 95 26.48 -22.74 9.67
CA MET D 95 25.27 -23.53 9.82
C MET D 95 25.49 -24.67 10.80
N GLN D 96 26.67 -25.31 10.75
CA GLN D 96 26.98 -26.39 11.69
C GLN D 96 27.16 -25.86 13.10
N ALA D 97 27.86 -24.73 13.25
CA ALA D 97 28.02 -24.14 14.57
C ALA D 97 26.68 -23.77 15.19
N ASN D 98 25.67 -23.54 14.34
CA ASN D 98 24.34 -23.18 14.82
C ASN D 98 23.54 -24.39 15.29
N GLY D 99 23.98 -25.61 14.98
CA GLY D 99 23.26 -26.81 15.36
C GLY D 99 22.66 -27.59 14.21
N PHE D 100 22.76 -27.08 12.99
CA PHE D 100 22.32 -27.78 11.80
C PHE D 100 23.44 -28.65 11.27
N PRO D 101 23.17 -29.49 10.27
CA PRO D 101 24.25 -30.11 9.49
C PRO D 101 25.05 -29.04 8.77
N PRO D 102 26.22 -29.36 8.23
CA PRO D 102 27.00 -28.33 7.52
C PRO D 102 26.37 -27.94 6.19
N LEU D 103 25.18 -27.37 6.25
CA LEU D 103 24.48 -26.98 5.04
C LEU D 103 25.13 -25.75 4.40
N THR D 104 25.25 -25.79 3.08
CA THR D 104 25.79 -24.68 2.31
C THR D 104 25.40 -24.90 0.86
N PHE D 105 25.67 -23.90 0.03
CA PHE D 105 25.38 -24.00 -1.40
C PHE D 105 26.47 -24.81 -2.09
N GLN D 106 26.07 -25.55 -3.12
CA GLN D 106 27.01 -26.27 -3.96
C GLN D 106 27.48 -25.38 -5.11
N LEU D 107 28.69 -25.65 -5.58
CA LEU D 107 29.28 -24.94 -6.69
C LEU D 107 29.38 -25.85 -7.92
N ASP D 108 29.42 -25.22 -9.08
CA ASP D 108 29.66 -25.93 -10.34
C ASP D 108 31.17 -26.03 -10.52
N LEU D 109 31.69 -27.24 -10.47
CA LEU D 109 33.13 -27.47 -10.53
C LEU D 109 33.51 -28.23 -11.79
N ASP D 110 34.69 -27.91 -12.32
CA ASP D 110 35.22 -28.57 -13.52
C ASP D 110 35.95 -29.85 -13.13
N GLU D 111 36.62 -30.47 -14.09
CA GLU D 111 37.28 -31.75 -13.84
C GLU D 111 38.39 -31.63 -12.80
N ARG D 112 39.02 -30.45 -12.72
CA ARG D 112 40.08 -30.21 -11.77
C ARG D 112 39.57 -29.75 -10.42
N GLY D 113 38.25 -29.73 -10.22
CA GLY D 113 37.70 -29.28 -8.96
C GLY D 113 37.72 -27.78 -8.78
N LYS D 114 37.90 -27.01 -9.85
CA LYS D 114 37.94 -25.56 -9.79
C LYS D 114 36.61 -24.98 -10.20
N LEU D 115 36.31 -23.80 -9.66
CA LEU D 115 35.02 -23.16 -9.90
C LEU D 115 34.83 -22.85 -11.37
N VAL D 116 33.67 -23.20 -11.90
CA VAL D 116 33.29 -22.83 -13.26
C VAL D 116 32.80 -21.38 -13.23
N ILE D 117 33.38 -20.56 -14.09
CA ILE D 117 33.03 -19.14 -14.18
C ILE D 117 32.65 -18.86 -15.62
N HIS D 118 31.39 -18.48 -15.84
CA HIS D 118 30.92 -18.12 -17.16
C HIS D 118 31.36 -16.70 -17.50
N ASP D 119 31.93 -16.52 -18.69
CA ASP D 119 32.40 -15.23 -19.17
C ASP D 119 31.33 -14.55 -20.03
N ALA D 120 31.03 -13.30 -19.69
CA ALA D 120 30.09 -12.49 -20.45
C ALA D 120 30.71 -11.13 -20.73
N TYR D 121 30.36 -10.56 -21.87
CA TYR D 121 30.92 -9.29 -22.31
C TYR D 121 29.80 -8.30 -22.61
N VAL D 122 30.00 -7.05 -22.20
CA VAL D 122 29.05 -5.98 -22.44
C VAL D 122 29.69 -4.96 -23.37
N ASP D 123 29.08 -4.75 -24.54
CA ASP D 123 29.65 -3.86 -25.55
C ASP D 123 29.35 -2.40 -25.23
N LYS D 124 29.79 -1.97 -24.05
CA LYS D 124 29.62 -0.60 -23.62
C LYS D 124 30.87 -0.16 -22.88
N PRO D 125 31.39 1.02 -23.15
CA PRO D 125 32.49 1.56 -22.35
C PRO D 125 31.98 1.97 -20.97
N MET D 126 32.92 2.12 -20.05
CA MET D 126 32.55 2.52 -18.70
C MET D 126 31.81 3.85 -18.67
N SER D 127 32.11 4.74 -19.63
CA SER D 127 31.44 6.03 -19.73
C SER D 127 29.96 5.91 -20.08
N GLU D 128 29.54 4.79 -20.67
CA GLU D 128 28.13 4.57 -20.94
C GLU D 128 27.41 3.86 -19.80
N MET D 129 28.08 3.63 -18.67
CA MET D 129 27.53 2.91 -17.53
C MET D 129 27.28 3.84 -16.35
N SER D 130 26.53 3.33 -15.38
CA SER D 130 26.25 4.04 -14.14
C SER D 130 25.88 3.02 -13.08
N VAL D 131 25.82 3.48 -11.82
CA VAL D 131 25.41 2.61 -10.73
C VAL D 131 23.96 2.16 -10.89
N GLN D 132 23.16 2.91 -11.64
CA GLN D 132 21.77 2.52 -11.83
C GLN D 132 21.61 1.43 -12.88
N SER D 133 22.47 1.41 -13.89
CA SER D 133 22.35 0.46 -15.00
C SER D 133 23.31 -0.71 -14.90
N SER D 134 24.34 -0.63 -14.06
CA SER D 134 25.33 -1.71 -13.97
C SER D 134 24.68 -3.02 -13.54
N GLY D 135 23.70 -2.95 -12.64
CA GLY D 135 22.96 -4.12 -12.23
C GLY D 135 22.18 -4.77 -13.35
N PRO D 136 21.21 -4.04 -13.91
CA PRO D 136 20.38 -4.67 -14.97
C PRO D 136 21.17 -5.05 -16.21
N VAL D 137 22.15 -4.25 -16.63
CA VAL D 137 22.89 -4.58 -17.85
C VAL D 137 23.74 -5.82 -17.64
N SER D 138 24.44 -5.91 -16.50
CA SER D 138 25.24 -7.09 -16.24
C SER D 138 24.36 -8.31 -16.00
N ARG D 139 23.16 -8.12 -15.46
CA ARG D 139 22.24 -9.24 -15.29
C ARG D 139 21.80 -9.78 -16.64
N GLU D 140 21.53 -8.89 -17.59
CA GLU D 140 21.18 -9.32 -18.94
C GLU D 140 22.33 -10.06 -19.61
N ALA D 141 23.56 -9.57 -19.46
CA ALA D 141 24.71 -10.28 -20.03
C ALA D 141 24.86 -11.65 -19.38
N ALA D 142 24.63 -11.74 -18.07
CA ALA D 142 24.70 -13.03 -17.39
C ALA D 142 23.60 -13.97 -17.84
N ARG D 143 22.40 -13.44 -18.13
CA ARG D 143 21.30 -14.28 -18.57
C ARG D 143 21.62 -14.97 -19.88
N LYS D 144 22.18 -14.22 -20.84
CA LYS D 144 22.43 -14.78 -22.17
C LYS D 144 23.48 -15.88 -22.11
N VAL D 145 24.59 -15.65 -21.40
CA VAL D 145 25.66 -16.64 -21.39
C VAL D 145 25.24 -17.87 -20.58
N LEU D 146 24.50 -17.66 -19.48
CA LEU D 146 24.01 -18.80 -18.71
C LEU D 146 23.00 -19.59 -19.53
N ALA D 147 22.17 -18.90 -20.30
CA ALA D 147 21.25 -19.59 -21.19
C ALA D 147 21.99 -20.43 -22.22
N SER D 148 23.21 -20.02 -22.63
CA SER D 148 23.96 -20.82 -23.58
C SER D 148 24.25 -22.21 -23.04
N LYS D 149 24.35 -22.37 -21.73
CA LYS D 149 24.62 -23.67 -21.13
C LYS D 149 23.38 -24.29 -20.50
N GLY D 150 22.19 -23.80 -20.84
CA GLY D 150 20.97 -24.39 -20.31
C GLY D 150 20.61 -24.01 -18.89
N ILE D 151 21.16 -22.91 -18.39
CA ILE D 151 20.90 -22.47 -17.02
C ILE D 151 20.02 -21.23 -17.10
N ASP D 152 18.84 -21.31 -16.52
CA ASP D 152 17.89 -20.20 -16.52
C ASP D 152 18.12 -19.34 -15.28
N ILE D 153 18.57 -18.10 -15.50
CA ILE D 153 18.83 -17.19 -14.39
C ILE D 153 17.57 -16.84 -13.62
N GLU D 154 16.39 -17.03 -14.22
CA GLU D 154 15.16 -16.69 -13.53
C GLU D 154 14.74 -17.74 -12.53
N LYS D 155 15.43 -18.90 -12.47
CA LYS D 155 15.04 -19.96 -11.57
C LYS D 155 16.23 -20.54 -10.81
N GLU D 156 17.34 -19.79 -10.72
CA GLU D 156 18.55 -20.25 -10.05
C GLU D 156 19.11 -19.12 -9.19
N HIS D 157 20.09 -19.46 -8.37
CA HIS D 157 20.89 -18.49 -7.63
C HIS D 157 22.19 -18.25 -8.38
N VAL D 158 22.53 -16.98 -8.59
CA VAL D 158 23.66 -16.59 -9.41
C VAL D 158 24.43 -15.48 -8.70
N LEU D 159 25.75 -15.48 -8.84
CA LEU D 159 26.58 -14.36 -8.42
C LEU D 159 27.15 -13.69 -9.67
N VAL D 160 26.85 -12.41 -9.85
CA VAL D 160 27.32 -11.64 -11.01
C VAL D 160 28.50 -10.79 -10.56
N VAL D 161 29.69 -11.11 -11.05
CA VAL D 161 30.91 -10.38 -10.74
C VAL D 161 31.18 -9.42 -11.89
N CYS D 162 31.29 -8.13 -11.57
CA CYS D 162 31.47 -7.08 -12.57
C CYS D 162 32.90 -6.53 -12.53
N GLN D 163 33.46 -6.31 -13.71
CA GLN D 163 34.76 -5.66 -13.83
C GLN D 163 34.54 -4.15 -13.90
N LEU D 164 34.12 -3.59 -12.78
CA LEU D 164 33.81 -2.18 -12.69
C LEU D 164 34.38 -1.62 -11.39
N PRO D 165 34.70 -0.33 -11.36
CA PRO D 165 35.20 0.30 -10.14
C PRO D 165 34.07 0.80 -9.26
N ASP D 166 34.44 1.20 -8.04
CA ASP D 166 33.48 1.75 -7.10
C ASP D 166 32.87 3.04 -7.63
N GLY D 167 31.58 3.22 -7.39
CA GLY D 167 30.87 4.37 -7.91
C GLY D 167 30.22 4.16 -9.25
N VAL D 168 30.51 3.05 -9.93
CA VAL D 168 29.90 2.70 -11.21
C VAL D 168 29.35 1.29 -11.09
N GLY D 169 30.13 0.41 -10.46
CA GLY D 169 29.78 -0.98 -10.36
C GLY D 169 28.72 -1.27 -9.32
N PRO D 170 28.06 -2.42 -9.43
CA PRO D 170 26.99 -2.76 -8.48
C PRO D 170 27.48 -3.61 -7.32
N TYR D 171 26.97 -3.31 -6.12
CA TYR D 171 27.12 -4.16 -4.93
C TYR D 171 25.72 -4.33 -4.36
N TYR D 172 25.08 -5.45 -4.67
CA TYR D 172 23.69 -5.63 -4.32
C TYR D 172 23.36 -7.11 -4.23
N GLY D 173 22.38 -7.43 -3.41
CA GLY D 173 21.87 -8.78 -3.31
C GLY D 173 20.36 -8.78 -3.15
N GLY D 174 19.67 -9.64 -3.88
CA GLY D 174 18.22 -9.72 -3.78
C GLY D 174 17.68 -11.04 -4.32
N GLY D 175 16.77 -11.66 -3.57
CA GLY D 175 16.20 -12.91 -4.02
C GLY D 175 15.41 -13.57 -2.91
N PHE D 176 15.10 -14.84 -3.14
CA PHE D 176 14.31 -15.61 -2.18
C PHE D 176 14.77 -17.06 -2.25
N SER D 177 13.96 -17.95 -1.70
CA SER D 177 14.40 -19.32 -1.46
C SER D 177 14.67 -20.09 -2.74
N HIS D 178 13.98 -19.77 -3.84
CA HIS D 178 14.09 -20.55 -5.06
C HIS D 178 14.75 -19.81 -6.21
N GLN D 179 15.20 -18.58 -6.00
CA GLN D 179 15.89 -17.79 -7.02
C GLN D 179 16.52 -16.60 -6.34
N GLY D 180 17.70 -16.21 -6.81
CA GLY D 180 18.35 -15.02 -6.29
C GLY D 180 19.52 -14.62 -7.16
N THR D 181 19.89 -13.35 -7.05
CA THR D 181 21.04 -12.83 -7.77
C THR D 181 21.85 -11.95 -6.83
N GLY D 182 23.16 -12.17 -6.82
CA GLY D 182 24.09 -11.32 -6.09
C GLY D 182 24.97 -10.58 -7.08
N TRP D 183 25.26 -9.33 -6.79
CA TRP D 183 26.11 -8.50 -7.62
C TRP D 183 27.33 -8.07 -6.81
N THR D 184 28.50 -8.11 -7.44
CA THR D 184 29.71 -7.62 -6.81
C THR D 184 30.68 -7.14 -7.89
N CYS D 185 31.77 -6.50 -7.45
CA CYS D 185 32.79 -6.01 -8.37
C CYS D 185 34.14 -6.61 -8.02
N ASP D 186 34.92 -6.93 -9.05
CA ASP D 186 36.26 -7.45 -8.85
C ASP D 186 37.22 -6.29 -8.64
N GLN D 187 38.27 -6.56 -7.87
CA GLN D 187 39.35 -5.62 -7.64
C GLN D 187 40.67 -6.36 -7.78
N GLU D 188 41.71 -5.63 -8.20
CA GLU D 188 43.01 -6.25 -8.43
C GLU D 188 43.49 -6.98 -7.17
N GLY D 189 43.85 -8.25 -7.34
CA GLY D 189 44.40 -9.04 -6.25
C GLY D 189 43.44 -9.40 -5.15
N LEU D 190 42.14 -9.19 -5.33
CA LEU D 190 41.17 -9.53 -4.29
C LEU D 190 41.15 -11.04 -4.10
N ASP D 191 41.48 -11.48 -2.88
CA ASP D 191 41.59 -12.90 -2.55
C ASP D 191 41.49 -13.03 -1.04
N PRO D 192 40.83 -14.07 -0.52
CA PRO D 192 40.74 -14.20 0.95
C PRO D 192 42.08 -14.33 1.65
N ALA D 193 43.15 -14.66 0.93
CA ALA D 193 44.46 -14.70 1.56
C ALA D 193 44.85 -13.33 2.12
N SER D 194 44.29 -12.25 1.55
CA SER D 194 44.59 -10.90 2.01
C SER D 194 44.01 -10.58 3.38
N PHE D 195 43.20 -11.47 3.96
CA PHE D 195 42.66 -11.23 5.29
C PHE D 195 43.76 -11.01 6.33
N LEU D 196 44.92 -11.61 6.10
CA LEU D 196 46.05 -11.52 7.02
C LEU D 196 46.89 -10.28 6.82
N ASP D 197 46.84 -9.66 5.64
CA ASP D 197 47.74 -8.55 5.33
C ASP D 197 47.34 -7.31 6.12
N THR D 198 48.24 -6.82 6.96
CA THR D 198 48.00 -5.61 7.74
C THR D 198 48.67 -4.38 7.15
N GLU D 199 49.25 -4.49 5.96
CA GLU D 199 49.86 -3.32 5.34
C GLU D 199 48.77 -2.37 4.83
N MET D 200 49.12 -1.09 4.74
CA MET D 200 48.18 -0.08 4.29
C MET D 200 48.02 -0.12 2.77
N MET D 201 46.96 0.52 2.30
CA MET D 201 46.67 0.58 0.87
C MET D 201 47.18 1.87 0.25
N VAL D 208 42.09 1.02 6.47
CA VAL D 208 42.61 1.23 5.13
C VAL D 208 43.66 0.17 4.80
N THR D 209 43.83 -0.81 5.69
CA THR D 209 44.75 -1.90 5.44
C THR D 209 44.24 -2.77 4.30
N ARG D 210 45.01 -3.81 3.96
CA ARG D 210 44.63 -4.68 2.86
C ARG D 210 43.76 -5.83 3.32
N GLY D 211 43.85 -6.19 4.61
CA GLY D 211 42.90 -7.15 5.16
C GLY D 211 41.53 -6.55 5.37
N LYS D 212 41.47 -5.31 5.84
CA LYS D 212 40.17 -4.64 5.98
C LYS D 212 39.51 -4.46 4.62
N ASN D 213 40.31 -4.16 3.59
CA ASN D 213 39.74 -4.02 2.25
C ASN D 213 39.13 -5.33 1.76
N ALA D 214 39.87 -6.43 1.94
CA ALA D 214 39.36 -7.73 1.53
C ALA D 214 38.15 -8.15 2.38
N THR D 215 38.17 -7.80 3.66
CA THR D 215 37.03 -8.09 4.52
C THR D 215 35.77 -7.38 4.00
N ILE D 216 35.91 -6.11 3.59
CA ILE D 216 34.75 -5.34 3.14
C ILE D 216 34.16 -5.97 1.87
N TYR D 217 35.02 -6.34 0.93
CA TYR D 217 34.53 -6.80 -0.37
C TYR D 217 34.04 -8.24 -0.32
N ILE D 218 34.81 -9.13 0.31
CA ILE D 218 34.37 -10.51 0.43
C ILE D 218 33.25 -10.64 1.45
N GLY D 219 33.32 -9.84 2.51
CA GLY D 219 32.22 -9.84 3.47
C GLY D 219 30.94 -9.28 2.89
N GLY D 220 31.06 -8.24 2.06
CA GLY D 220 29.89 -7.73 1.36
C GLY D 220 29.27 -8.77 0.46
N THR D 221 30.10 -9.55 -0.23
CA THR D 221 29.60 -10.59 -1.10
C THR D 221 28.87 -11.68 -0.32
N ALA D 222 29.46 -12.12 0.79
CA ALA D 222 28.78 -13.10 1.65
C ALA D 222 27.47 -12.55 2.19
N HIS D 223 27.46 -11.27 2.56
CA HIS D 223 26.26 -10.60 3.06
C HIS D 223 25.21 -10.47 1.96
N GLU D 224 25.62 -10.00 0.78
CA GLU D 224 24.67 -9.82 -0.31
C GLU D 224 24.12 -11.15 -0.81
N LEU D 225 24.94 -12.21 -0.75
CA LEU D 225 24.43 -13.53 -1.07
C LEU D 225 23.36 -13.97 -0.07
N GLY D 226 23.50 -13.59 1.20
CA GLY D 226 22.44 -13.85 2.16
C GLY D 226 21.14 -13.18 1.77
N HIS D 227 21.22 -11.96 1.25
CA HIS D 227 20.02 -11.30 0.73
C HIS D 227 19.43 -12.09 -0.43
N SER D 228 20.29 -12.60 -1.32
CA SER D 228 19.82 -13.37 -2.47
C SER D 228 19.14 -14.66 -2.05
N PHE D 229 19.46 -15.18 -0.87
CA PHE D 229 18.79 -16.36 -0.32
C PHE D 229 17.49 -16.02 0.38
N GLY D 230 17.13 -14.74 0.47
CA GLY D 230 15.89 -14.31 1.10
C GLY D 230 16.01 -13.72 2.49
N LEU D 231 17.24 -13.47 2.98
CA LEU D 231 17.39 -12.99 4.36
C LEU D 231 17.31 -11.46 4.40
N PRO D 232 16.51 -10.88 5.28
CA PRO D 232 16.59 -9.43 5.49
C PRO D 232 17.75 -9.11 6.40
N HIS D 233 17.74 -7.95 7.05
CA HIS D 233 18.81 -7.60 7.99
C HIS D 233 18.46 -8.05 9.39
N THR D 234 19.45 -8.60 10.08
CA THR D 234 19.33 -8.95 11.49
C THR D 234 20.60 -8.46 12.17
N GLY D 235 20.47 -7.44 13.01
CA GLY D 235 21.61 -6.90 13.73
C GLY D 235 21.92 -7.71 14.97
N ASP D 236 22.79 -7.14 15.80
CA ASP D 236 23.28 -7.85 16.97
C ASP D 236 22.29 -7.74 18.12
N GLY D 237 22.36 -8.71 19.03
CA GLY D 237 21.42 -8.81 20.12
C GLY D 237 22.11 -9.11 21.44
N TRP D 238 21.38 -8.83 22.53
CA TRP D 238 21.92 -9.02 23.88
C TRP D 238 22.34 -10.47 24.11
N ASN D 239 21.66 -11.44 23.49
CA ASN D 239 21.96 -12.84 23.72
C ASN D 239 23.26 -13.31 23.07
N TYR D 240 23.93 -12.49 22.26
CA TYR D 240 25.20 -12.86 21.65
C TYR D 240 26.14 -11.66 21.68
N PRO D 241 26.66 -11.31 22.87
CA PRO D 241 27.52 -10.13 22.97
C PRO D 241 28.98 -10.38 22.65
N ASP D 242 29.44 -11.64 22.63
CA ASP D 242 30.84 -11.95 22.38
C ASP D 242 30.99 -12.91 21.21
N ALA D 243 30.17 -12.75 20.19
CA ALA D 243 30.17 -13.65 19.04
C ALA D 243 30.62 -12.97 17.76
N GLY D 244 31.04 -11.72 17.83
CA GLY D 244 31.27 -10.94 16.63
C GLY D 244 29.99 -10.26 16.19
N ALA D 245 30.00 -9.78 14.95
CA ALA D 245 28.85 -9.08 14.37
C ALA D 245 28.03 -10.00 13.48
N SER D 246 26.71 -9.97 13.65
CA SER D 246 25.80 -10.74 12.83
C SER D 246 26.05 -10.46 11.35
N LEU D 247 26.21 -11.54 10.57
CA LEU D 247 26.55 -11.39 9.16
C LEU D 247 25.55 -10.49 8.44
N MET D 248 24.26 -10.72 8.68
CA MET D 248 23.18 -9.97 8.03
C MET D 248 22.92 -8.64 8.72
N GLY D 249 23.74 -8.25 9.68
CA GLY D 249 23.66 -6.92 10.27
C GLY D 249 24.72 -6.01 9.68
N HIS D 250 25.84 -5.84 10.40
CA HIS D 250 27.01 -5.16 9.85
C HIS D 250 28.23 -6.08 9.84
N GLY D 251 28.00 -7.40 9.89
CA GLY D 251 29.06 -8.38 9.81
C GLY D 251 29.77 -8.43 8.48
N ASN D 252 29.20 -7.82 7.44
CA ASN D 252 29.92 -7.69 6.18
C ASN D 252 31.21 -6.90 6.35
N SER D 253 31.30 -6.05 7.36
CA SER D 253 32.48 -5.23 7.63
C SER D 253 33.46 -5.87 8.60
N THR D 254 33.13 -7.02 9.19
CA THR D 254 34.04 -7.70 10.12
C THR D 254 34.36 -9.12 9.68
N TYR D 255 33.85 -9.56 8.54
CA TYR D 255 34.10 -10.90 8.02
C TYR D 255 35.59 -11.16 7.91
N GLY D 256 36.06 -12.21 8.60
CA GLY D 256 37.48 -12.51 8.58
C GLY D 256 38.35 -11.66 9.48
N ASP D 257 37.76 -10.89 10.40
CA ASP D 257 38.56 -10.02 11.27
C ASP D 257 39.40 -10.80 12.27
N GLU D 258 39.12 -12.09 12.48
CA GLU D 258 39.94 -12.90 13.37
C GLU D 258 41.33 -13.12 12.79
N LEU D 259 41.40 -13.79 11.63
CA LEU D 259 42.65 -14.10 10.92
C LEU D 259 43.73 -13.01 10.95
N ARG D 260 43.44 -11.84 11.49
CA ARG D 260 44.45 -10.81 11.68
C ARG D 260 44.34 -10.17 13.06
N HIS D 261 43.56 -10.77 13.97
CA HIS D 261 43.44 -10.35 15.36
C HIS D 261 42.95 -8.91 15.49
N GLU D 262 42.17 -8.45 14.51
CA GLU D 262 41.61 -7.11 14.57
C GLU D 262 40.33 -7.09 15.39
N GLY D 263 39.54 -8.14 15.29
CA GLY D 263 38.28 -8.22 16.00
C GLY D 263 37.77 -9.64 16.10
N LYS D 264 36.45 -9.77 16.28
CA LYS D 264 35.82 -11.04 16.56
C LYS D 264 35.14 -11.64 15.34
N GLY D 265 35.19 -10.95 14.20
CA GLY D 265 34.64 -11.49 12.99
C GLY D 265 33.13 -11.36 12.87
N ALA D 266 32.59 -12.17 11.97
CA ALA D 266 31.17 -12.21 11.68
C ALA D 266 30.63 -13.62 11.86
N TYR D 267 29.47 -13.71 12.53
CA TYR D 267 28.79 -14.97 12.77
C TYR D 267 27.41 -14.96 12.13
N LEU D 268 26.93 -16.14 11.75
CA LEU D 268 25.60 -16.29 11.16
C LEU D 268 24.55 -16.42 12.27
N ALA D 269 23.63 -15.46 12.35
CA ALA D 269 22.66 -15.45 13.44
C ALA D 269 21.82 -16.73 13.41
N PRO D 270 21.46 -17.26 14.58
CA PRO D 270 20.57 -18.44 14.63
C PRO D 270 19.27 -18.27 13.88
N THR D 271 18.71 -17.04 13.88
CA THR D 271 17.48 -16.78 13.17
C THR D 271 17.69 -16.88 11.66
N ASP D 272 18.87 -16.47 11.18
CA ASP D 272 19.18 -16.63 9.77
C ASP D 272 19.41 -18.10 9.42
N ALA D 273 20.06 -18.85 10.31
CA ALA D 273 20.25 -20.27 10.07
C ALA D 273 18.91 -20.99 9.95
N LEU D 274 17.95 -20.62 10.80
CA LEU D 274 16.61 -21.21 10.71
C LEU D 274 15.99 -20.96 9.34
N LYS D 275 16.11 -19.73 8.84
CA LYS D 275 15.50 -19.40 7.56
C LYS D 275 16.16 -20.17 6.42
N LEU D 276 17.49 -20.26 6.42
CA LEU D 276 18.19 -20.92 5.33
C LEU D 276 17.96 -22.43 5.29
N ALA D 277 17.60 -23.04 6.42
CA ALA D 277 17.42 -24.49 6.46
C ALA D 277 16.30 -24.97 5.54
N SER D 278 15.34 -24.11 5.16
CA SER D 278 14.28 -24.51 4.24
C SER D 278 14.56 -24.10 2.80
N VAL D 279 15.76 -23.61 2.50
CA VAL D 279 16.13 -23.20 1.15
C VAL D 279 16.66 -24.41 0.38
N PRO D 280 16.10 -24.74 -0.79
CA PRO D 280 16.59 -25.93 -1.53
C PRO D 280 18.08 -25.88 -1.82
N LEU D 281 18.63 -24.70 -2.12
CA LEU D 281 20.05 -24.58 -2.37
C LEU D 281 20.88 -25.06 -1.19
N PHE D 282 20.34 -24.97 0.03
CA PHE D 282 21.07 -25.40 1.22
C PHE D 282 20.72 -26.81 1.67
N ASN D 283 19.46 -27.20 1.63
CA ASN D 283 19.07 -28.50 2.17
C ASN D 283 19.08 -29.61 1.12
N GLY D 284 19.29 -29.26 -0.15
CA GLY D 284 19.42 -30.28 -1.17
C GLY D 284 18.14 -31.00 -1.52
N VAL D 285 16.99 -30.46 -1.13
CA VAL D 285 15.68 -31.06 -1.40
C VAL D 285 14.88 -30.11 -2.27
N GLU D 286 14.40 -30.62 -3.40
CA GLU D 286 13.68 -29.79 -4.38
C GLU D 286 12.19 -29.75 -4.03
N THR D 287 11.87 -28.94 -3.02
CA THR D 287 10.47 -28.72 -2.66
C THR D 287 9.85 -27.71 -3.63
N GLU D 288 8.52 -27.73 -3.69
CA GLU D 288 7.78 -26.87 -4.60
C GLU D 288 7.22 -25.68 -3.84
N LEU D 289 7.26 -24.51 -4.47
CA LEU D 289 6.71 -23.32 -3.86
C LEU D 289 5.20 -23.27 -4.09
N PRO D 290 4.42 -22.82 -3.12
CA PRO D 290 2.98 -22.69 -3.35
C PRO D 290 2.68 -21.51 -4.27
N ALA D 291 1.52 -21.60 -4.94
CA ALA D 291 1.17 -20.60 -5.95
C ALA D 291 1.00 -19.21 -5.36
N ASP D 292 0.56 -19.10 -4.10
CA ASP D 292 0.29 -17.80 -3.52
C ASP D 292 1.52 -17.18 -2.82
N ALA D 293 2.70 -17.78 -2.97
CA ALA D 293 3.91 -17.19 -2.43
C ALA D 293 4.13 -15.81 -3.04
N SER D 294 4.22 -14.79 -2.19
CA SER D 294 4.25 -13.42 -2.67
C SER D 294 5.36 -12.65 -1.98
N PHE D 295 5.92 -11.68 -2.71
CA PHE D 295 6.89 -10.76 -2.12
C PHE D 295 6.21 -9.87 -1.09
N GLY D 296 7.02 -9.28 -0.21
CA GLY D 296 6.48 -8.40 0.81
C GLY D 296 7.39 -7.23 1.09
N ARG D 297 7.15 -6.49 2.18
CA ARG D 297 8.01 -5.36 2.49
C ARG D 297 9.41 -5.83 2.89
N MET D 298 9.52 -6.98 3.54
CA MET D 298 10.80 -7.61 3.80
C MET D 298 11.11 -8.66 2.73
N LEU D 299 12.40 -8.96 2.59
CA LEU D 299 12.82 -9.95 1.61
C LEU D 299 12.23 -11.33 1.92
N GLY D 300 12.08 -12.13 0.88
CA GLY D 300 11.47 -13.44 0.97
C GLY D 300 10.10 -13.47 0.33
N LYS D 301 9.54 -14.68 0.25
CA LYS D 301 8.20 -14.89 -0.25
C LYS D 301 7.32 -15.33 0.91
N TYR D 302 6.07 -14.87 0.89
CA TYR D 302 5.17 -15.00 2.03
C TYR D 302 3.80 -15.53 1.60
N VAL D 303 3.15 -16.19 2.54
CA VAL D 303 1.77 -16.68 2.39
C VAL D 303 1.00 -16.24 3.62
N PRO D 304 -0.32 -16.22 3.54
CA PRO D 304 -1.11 -15.85 4.72
C PRO D 304 -0.92 -16.88 5.83
N GLY D 305 -0.96 -16.38 7.06
CA GLY D 305 -0.95 -17.24 8.22
C GLY D 305 -1.93 -16.72 9.23
N SER D 306 -2.16 -17.51 10.27
CA SER D 306 -3.09 -17.11 11.32
C SER D 306 -2.68 -17.77 12.63
N PHE D 307 -3.13 -17.16 13.73
CA PHE D 307 -2.82 -17.62 15.06
C PHE D 307 -4.10 -18.07 15.77
N GLU D 308 -4.01 -19.20 16.46
CA GLU D 308 -5.08 -19.58 17.38
C GLU D 308 -4.92 -18.90 18.73
N ARG D 309 -3.68 -18.58 19.12
CA ARG D 309 -3.40 -17.90 20.37
C ARG D 309 -2.14 -17.08 20.18
N LEU D 310 -2.13 -15.86 20.72
CA LEU D 310 -0.97 -14.97 20.60
C LEU D 310 -0.87 -14.10 21.84
N GLU D 311 0.27 -14.15 22.51
CA GLU D 311 0.48 -13.41 23.75
C GLU D 311 1.83 -12.73 23.75
N ALA D 312 1.82 -11.42 23.97
CA ALA D 312 3.04 -10.62 24.09
C ALA D 312 3.05 -10.07 25.51
N ILE D 313 3.88 -10.65 26.37
CA ILE D 313 3.87 -10.36 27.80
C ILE D 313 5.10 -9.49 28.12
N PRO D 314 4.93 -8.32 28.71
CA PRO D 314 6.09 -7.49 29.00
C PRO D 314 6.90 -8.07 30.15
N VAL D 315 8.21 -7.98 30.01
CA VAL D 315 9.16 -8.23 31.09
C VAL D 315 10.11 -7.05 31.11
N LYS D 316 10.99 -7.05 32.11
CA LYS D 316 11.98 -5.98 32.24
C LYS D 316 12.84 -5.91 30.98
N ASP D 317 12.74 -4.77 30.29
CA ASP D 317 13.54 -4.48 29.09
C ASP D 317 13.40 -5.57 28.03
N GLY D 318 12.24 -6.23 27.97
CA GLY D 318 12.07 -7.30 27.03
C GLY D 318 10.62 -7.66 26.85
N LEU D 319 10.40 -8.79 26.16
CA LEU D 319 9.05 -9.25 25.84
C LEU D 319 9.07 -10.75 25.73
N ARG D 320 8.09 -11.40 26.34
CA ARG D 320 7.87 -12.83 26.18
C ARG D 320 6.77 -13.03 25.15
N LEU D 321 7.08 -13.72 24.07
CA LEU D 321 6.14 -13.96 22.98
C LEU D 321 5.84 -15.46 22.96
N LYS D 322 4.59 -15.81 23.25
CA LYS D 322 4.17 -17.21 23.21
C LYS D 322 2.81 -17.28 22.56
N GLY D 323 2.48 -18.46 22.04
CA GLY D 323 1.18 -18.65 21.42
C GLY D 323 1.12 -19.94 20.62
N ARG D 324 0.12 -20.00 19.75
CA ARG D 324 -0.12 -21.19 18.93
C ARG D 324 -0.41 -20.73 17.52
N VAL D 325 0.50 -21.06 16.60
CA VAL D 325 0.25 -20.86 15.17
C VAL D 325 -0.75 -21.90 14.70
N HIS D 326 -1.74 -21.47 13.92
CA HIS D 326 -2.57 -22.43 13.22
C HIS D 326 -1.82 -22.95 11.99
N LEU D 327 -1.56 -24.25 11.96
CA LEU D 327 -0.75 -24.84 10.90
C LEU D 327 -1.65 -25.13 9.70
N THR D 328 -1.66 -24.19 8.75
CA THR D 328 -2.26 -24.48 7.45
C THR D 328 -1.36 -25.37 6.61
N ARG D 329 -0.06 -25.34 6.87
CA ARG D 329 0.93 -26.15 6.21
C ARG D 329 1.99 -26.51 7.24
N PRO D 330 2.80 -27.53 6.96
CA PRO D 330 3.90 -27.84 7.89
C PRO D 330 4.82 -26.65 8.09
N ALA D 331 5.09 -26.33 9.36
CA ALA D 331 5.97 -25.23 9.72
C ALA D 331 6.91 -25.67 10.82
N TYR D 332 8.13 -25.14 10.79
CA TYR D 332 9.20 -25.65 11.64
C TYR D 332 9.75 -24.66 12.65
N GLY D 333 9.55 -23.36 12.45
CA GLY D 333 10.15 -22.42 13.38
C GLY D 333 9.46 -21.09 13.35
N ILE D 334 9.94 -20.18 14.20
CA ILE D 334 9.38 -18.83 14.28
C ILE D 334 10.50 -17.89 14.71
N VAL D 335 10.50 -16.68 14.13
CA VAL D 335 11.54 -15.69 14.35
C VAL D 335 10.89 -14.36 14.74
N ALA D 336 11.34 -13.79 15.87
CA ALA D 336 10.85 -12.50 16.34
C ALA D 336 11.92 -11.44 16.13
N HIS D 337 11.52 -10.28 15.61
CA HIS D 337 12.42 -9.16 15.43
C HIS D 337 11.95 -8.00 16.30
N LEU D 338 12.88 -7.38 17.02
CA LEU D 338 12.65 -6.09 17.66
C LEU D 338 13.39 -5.05 16.84
N ASP D 339 12.68 -4.00 16.43
CA ASP D 339 13.22 -3.02 15.48
C ASP D 339 12.83 -1.61 15.91
N PRO D 340 13.76 -0.85 16.52
CA PRO D 340 13.45 0.54 16.86
C PRO D 340 13.24 1.38 15.61
N PRO D 341 12.42 2.43 15.68
CA PRO D 341 12.20 3.26 14.49
C PRO D 341 13.49 3.93 14.05
N GLY D 342 13.62 4.12 12.74
CA GLY D 342 14.80 4.72 12.16
C GLY D 342 15.93 3.73 11.96
N GLY D 343 16.86 4.11 11.08
CA GLY D 343 18.01 3.27 10.82
C GLY D 343 17.73 1.98 10.09
N SER D 344 16.58 1.88 9.42
CA SER D 344 16.19 0.66 8.68
C SER D 344 16.20 -0.52 9.65
N ASP D 345 16.39 -1.74 9.16
CA ASP D 345 16.43 -2.91 10.02
C ASP D 345 17.86 -3.29 10.44
N TYR D 346 18.84 -2.41 10.23
CA TYR D 346 20.21 -2.69 10.63
C TYR D 346 20.34 -2.81 12.15
N ASP D 347 19.56 -2.02 12.89
CA ASP D 347 19.64 -2.00 14.34
C ASP D 347 18.63 -2.94 14.99
N SER D 348 18.07 -3.87 14.23
CA SER D 348 17.14 -4.83 14.81
C SER D 348 17.90 -5.98 15.48
N ASN D 349 17.23 -6.64 16.41
CA ASN D 349 17.72 -7.90 16.98
C ASN D 349 16.62 -8.93 16.91
N ALA D 350 17.02 -10.21 16.81
CA ALA D 350 16.08 -11.28 16.56
C ALA D 350 16.37 -12.47 17.46
N VAL D 351 15.31 -13.23 17.73
CA VAL D 351 15.35 -14.43 18.54
C VAL D 351 14.56 -15.52 17.83
N GLY D 352 15.12 -16.74 17.78
CA GLY D 352 14.47 -17.84 17.13
C GLY D 352 13.79 -18.78 18.11
N ALA D 353 12.87 -19.58 17.60
CA ALA D 353 12.20 -20.59 18.40
C ALA D 353 11.63 -21.65 17.47
N SER D 354 11.60 -22.88 17.94
CA SER D 354 11.02 -23.95 17.14
C SER D 354 9.52 -24.08 17.45
N LEU D 355 8.81 -24.68 16.52
CA LEU D 355 7.39 -24.97 16.65
C LEU D 355 7.20 -26.47 16.86
N ASP D 356 6.35 -26.84 17.83
CA ASP D 356 6.04 -28.25 18.04
C ASP D 356 5.00 -28.68 17.01
N GLU D 357 4.51 -29.91 17.11
CA GLU D 357 3.59 -30.46 16.12
C GLU D 357 2.22 -29.78 16.17
N LYS D 358 1.90 -29.07 17.25
CA LYS D 358 0.65 -28.36 17.37
C LYS D 358 0.78 -26.87 17.07
N GLY D 359 1.98 -26.38 16.78
CA GLY D 359 2.21 -24.97 16.52
C GLY D 359 2.52 -24.11 17.72
N GLU D 360 2.82 -24.70 18.87
CA GLU D 360 3.09 -23.90 20.06
C GLU D 360 4.52 -23.39 20.06
N PHE D 361 4.72 -22.19 20.57
CA PHE D 361 6.04 -21.59 20.65
C PHE D 361 6.11 -20.74 21.91
N ASP D 362 7.34 -20.52 22.37
CA ASP D 362 7.57 -19.72 23.58
C ASP D 362 8.99 -19.17 23.49
N LEU D 363 9.11 -17.86 23.35
CA LEU D 363 10.42 -17.23 23.29
C LEU D 363 10.38 -15.93 24.09
N THR D 364 11.57 -15.44 24.42
CA THR D 364 11.73 -14.15 25.07
C THR D 364 12.76 -13.38 24.28
N ILE D 365 12.49 -12.11 23.99
CA ILE D 365 13.39 -11.26 23.22
C ILE D 365 13.60 -9.96 24.01
N CYS D 366 14.85 -9.56 24.17
CA CYS D 366 15.18 -8.46 25.07
C CYS D 366 15.90 -7.33 24.35
N ARG D 367 15.77 -6.13 24.92
CA ARG D 367 16.53 -4.97 24.47
C ARG D 367 16.96 -4.22 25.73
N PRO D 368 18.00 -4.70 26.40
CA PRO D 368 18.36 -4.12 27.71
C PRO D 368 18.79 -2.66 27.59
N GLY D 369 18.29 -1.84 28.51
CA GLY D 369 18.63 -0.44 28.50
C GLY D 369 17.96 0.40 27.43
N TYR D 370 16.99 -0.16 26.70
CA TYR D 370 16.30 0.58 25.66
C TYR D 370 15.47 1.72 26.27
N LYS D 371 15.66 2.93 25.74
CA LYS D 371 14.94 4.10 26.23
C LYS D 371 14.01 4.71 25.18
N GLY D 372 13.92 4.12 23.99
CA GLY D 372 13.10 4.67 22.93
C GLY D 372 11.60 4.49 23.11
N GLY D 373 11.19 3.61 24.02
CA GLY D 373 9.77 3.35 24.23
C GLY D 373 9.14 2.51 23.14
N PHE D 374 8.69 3.16 22.07
CA PHE D 374 8.11 2.41 20.96
C PHE D 374 9.17 1.56 20.29
N ILE D 375 8.78 0.35 19.90
CA ILE D 375 9.66 -0.55 19.17
C ILE D 375 8.77 -1.43 18.31
N GLU D 376 9.22 -1.70 17.10
CA GLU D 376 8.46 -2.54 16.19
C GLU D 376 8.83 -4.01 16.43
N MET D 377 7.82 -4.86 16.48
CA MET D 377 8.04 -6.31 16.57
C MET D 377 7.49 -7.00 15.33
N ARG D 378 8.37 -7.68 14.60
CA ARG D 378 7.96 -8.53 13.48
C ARG D 378 7.99 -9.98 13.94
N VAL D 379 6.96 -10.73 13.56
CA VAL D 379 6.85 -12.15 13.89
C VAL D 379 6.72 -12.92 12.59
N ALA D 380 7.66 -13.83 12.34
CA ALA D 380 7.74 -14.55 11.06
C ALA D 380 7.67 -16.05 11.32
N VAL D 381 6.59 -16.69 10.88
CA VAL D 381 6.48 -18.13 10.93
C VAL D 381 7.23 -18.73 9.74
N LEU D 382 8.06 -19.74 9.99
CA LEU D 382 8.88 -20.34 8.94
C LEU D 382 8.21 -21.63 8.48
N ASN D 383 7.72 -21.64 7.24
CA ASN D 383 7.03 -22.80 6.70
C ASN D 383 8.01 -23.75 6.04
N CYS D 384 7.69 -25.05 6.10
CA CYS D 384 8.55 -26.06 5.49
C CYS D 384 8.67 -25.90 3.98
N ASP D 385 7.68 -25.27 3.34
CA ASP D 385 7.73 -25.07 1.91
C ASP D 385 8.55 -23.84 1.52
N SER D 386 9.39 -23.33 2.43
CA SER D 386 10.35 -22.25 2.28
C SER D 386 9.73 -20.86 2.40
N THR D 387 8.41 -20.72 2.33
CA THR D 387 7.75 -19.43 2.51
C THR D 387 7.67 -19.08 3.99
N ARG D 388 7.24 -17.85 4.26
CA ARG D 388 7.04 -17.37 5.63
C ARG D 388 5.67 -16.72 5.75
N SER D 389 5.24 -16.54 7.00
CA SER D 389 4.02 -15.80 7.32
C SER D 389 4.37 -14.78 8.39
N MET D 390 4.10 -13.52 8.11
CA MET D 390 4.58 -12.46 8.97
C MET D 390 3.42 -11.58 9.41
N ILE D 391 3.47 -11.16 10.67
CA ILE D 391 2.64 -10.10 11.22
C ILE D 391 3.58 -9.08 11.86
N THR D 392 3.08 -7.86 12.02
CA THR D 392 3.83 -6.78 12.65
C THR D 392 2.98 -6.19 13.78
N LEU D 393 3.61 -6.01 14.94
CA LEU D 393 2.93 -5.46 16.10
C LEU D 393 3.66 -4.22 16.60
N PRO D 394 2.93 -3.16 16.94
CA PRO D 394 3.56 -1.99 17.56
C PRO D 394 3.66 -2.17 19.07
N VAL D 395 4.87 -2.12 19.62
CA VAL D 395 5.10 -2.50 21.00
C VAL D 395 5.71 -1.32 21.75
N TRP D 396 5.31 -1.15 23.01
CA TRP D 396 5.96 -0.22 23.93
C TRP D 396 6.77 -1.00 24.95
N MET D 397 8.02 -0.59 25.15
CA MET D 397 8.96 -1.36 25.95
C MET D 397 9.66 -0.42 26.92
N ASP D 398 9.74 -0.82 28.20
CA ASP D 398 10.47 -0.06 29.21
C ASP D 398 10.96 -1.03 30.29
N ALA D 399 11.40 -0.47 31.42
CA ALA D 399 11.90 -1.29 32.53
C ALA D 399 10.86 -1.46 33.63
#